data_7FHT
#
_entry.id   7FHT
#
_cell.length_a   87.088
_cell.length_b   87.577
_cell.length_c   227.146
_cell.angle_alpha   90.00
_cell.angle_beta   90.00
_cell.angle_gamma   90.00
#
_symmetry.space_group_name_H-M   'P 21 21 21'
#
loop_
_entity.id
_entity.type
_entity.pdbx_description
1 polymer 'Dual specificity tyrosine-phosphorylation-regulated kinase 1A'
2 non-polymer (5~{Z})-5-[(3-ethynyl-4-methoxy-phenyl)methylidene]-2-sulfanylidene-1,3-thiazolidin-4-one
3 water water
#
_entity_poly.entity_id   1
_entity_poly.type   'polypeptide(L)'
_entity_poly.pdbx_seq_one_letter_code
;GSSSHKKERKVYNDGYDDDNYDYIVKNGEKWMDRYEIDSLIGKGSFGQVVKAYDRVEQEWVAIKIIKNKKAFLNQAQIEV
RLLELMNKHDTEMKYYIVHLKRHFMFRNHLCLVFEMLSYNLYDLLRNTNFRGVSLNLTRKFAQQMCTALLFLATPELSII
HCDLKPENILLCNPKRSAIKIVDFGSSCQLGQRIYQ(PTR)IQSRFYRSPEVLLGMPYDLAIDMWSLGCILVEMHTGEPL
FSGANEVDQMNKIVEVLGIPPAHILDQAPKARKFFEKLPDGTWNLKKTKDGKREYKPPGTRKLHNILGVETGGPGGRRAG
ESGHTVADYLKFKDLILRMLDYDPKTRIQPYYALQHSFFKKTADE
;
_entity_poly.pdbx_strand_id   A,B,C,D
#
loop_
_chem_comp.id
_chem_comp.type
_chem_comp.name
_chem_comp.formula
4WD non-polymer (5~{Z})-5-[(3-ethynyl-4-methoxy-phenyl)methylidene]-2-sulfanylidene-1,3-thiazolidin-4-one 'C13 H9 N O2 S2'
#
# COMPACT_ATOMS: atom_id res chain seq x y z
N LYS A 10 -20.68 10.71 31.66
CA LYS A 10 -20.03 10.42 30.34
C LYS A 10 -20.38 8.99 29.92
N VAL A 11 -20.93 8.83 28.72
CA VAL A 11 -21.22 7.51 28.07
C VAL A 11 -20.39 7.42 26.79
N TYR A 12 -20.03 6.20 26.36
CA TYR A 12 -19.10 5.94 25.23
C TYR A 12 -19.74 4.96 24.25
N ASN A 13 -19.91 5.40 22.99
CA ASN A 13 -20.44 4.61 21.85
C ASN A 13 -21.88 4.17 22.16
N ASP A 14 -22.72 5.11 22.62
CA ASP A 14 -24.14 4.90 23.00
C ASP A 14 -24.24 3.88 24.14
N GLY A 15 -23.23 3.82 25.02
CA GLY A 15 -23.20 2.97 26.22
C GLY A 15 -22.76 1.54 25.93
N TYR A 16 -22.35 1.24 24.70
CA TYR A 16 -21.85 -0.11 24.28
C TYR A 16 -20.40 -0.26 24.73
N ASP A 17 -19.63 0.83 24.73
CA ASP A 17 -18.17 0.85 25.04
C ASP A 17 -17.93 1.41 26.44
N ASP A 18 -16.84 1.00 27.09
CA ASP A 18 -16.33 1.57 28.37
C ASP A 18 -15.40 2.75 28.03
N ASP A 19 -14.68 3.26 29.03
CA ASP A 19 -13.81 4.47 28.89
C ASP A 19 -12.51 4.12 28.15
N ASN A 20 -12.11 2.84 28.14
CA ASN A 20 -10.88 2.34 27.47
C ASN A 20 -11.21 1.83 26.06
N TYR A 21 -12.33 2.27 25.48
CA TYR A 21 -12.81 1.95 24.10
C TYR A 21 -13.19 0.46 23.96
N ASP A 22 -13.11 -0.32 25.04
CA ASP A 22 -13.42 -1.78 25.01
C ASP A 22 -14.94 -1.96 25.06
N TYR A 23 -15.48 -2.83 24.20
CA TYR A 23 -16.91 -3.22 24.19
C TYR A 23 -17.23 -3.97 25.49
N ILE A 24 -18.26 -3.53 26.22
CA ILE A 24 -18.63 -4.09 27.54
C ILE A 24 -19.33 -5.43 27.30
N VAL A 25 -18.58 -6.53 27.43
CA VAL A 25 -19.06 -7.92 27.20
C VAL A 25 -20.10 -8.27 28.26
N LYS A 26 -21.25 -8.77 27.83
CA LYS A 26 -22.37 -9.20 28.71
C LYS A 26 -22.71 -10.65 28.38
N ASN A 27 -22.56 -11.55 29.37
CA ASN A 27 -22.84 -13.00 29.24
C ASN A 27 -24.31 -13.18 28.87
N GLY A 28 -24.59 -13.92 27.79
CA GLY A 28 -25.96 -14.25 27.32
C GLY A 28 -26.42 -13.37 26.17
N GLU A 29 -25.70 -12.26 25.90
CA GLU A 29 -26.03 -11.32 24.79
C GLU A 29 -25.99 -12.08 23.46
N LYS A 30 -26.91 -11.75 22.54
CA LYS A 30 -27.02 -12.38 21.20
C LYS A 30 -26.76 -11.33 20.14
N TRP A 31 -25.79 -11.58 19.25
CA TRP A 31 -25.35 -10.66 18.16
C TRP A 31 -25.96 -11.13 16.84
N MET A 32 -26.78 -10.27 16.20
CA MET A 32 -27.21 -10.42 14.79
C MET A 32 -27.95 -11.74 14.60
N ASP A 33 -28.68 -12.18 15.62
CA ASP A 33 -29.50 -13.44 15.64
C ASP A 33 -28.62 -14.65 15.29
N ARG A 34 -27.33 -14.64 15.67
CA ARG A 34 -26.36 -15.68 15.26
C ARG A 34 -25.46 -16.08 16.44
N TYR A 35 -24.66 -15.15 16.97
CA TYR A 35 -23.62 -15.43 18.00
C TYR A 35 -24.19 -15.15 19.40
N GLU A 36 -24.08 -16.15 20.29
CA GLU A 36 -24.46 -16.05 21.72
C GLU A 36 -23.18 -15.98 22.57
N ILE A 37 -22.93 -14.84 23.21
CA ILE A 37 -21.69 -14.59 24.00
C ILE A 37 -21.83 -15.32 25.34
N ASP A 38 -20.84 -16.16 25.70
CA ASP A 38 -20.82 -16.91 26.97
C ASP A 38 -20.00 -16.15 28.00
N SER A 39 -18.72 -15.90 27.71
CA SER A 39 -17.74 -15.30 28.67
C SER A 39 -16.52 -14.74 27.93
N LEU A 40 -15.76 -13.89 28.64
CA LEU A 40 -14.47 -13.30 28.17
C LEU A 40 -13.37 -14.32 28.41
N ILE A 41 -12.65 -14.74 27.36
CA ILE A 41 -11.59 -15.79 27.42
C ILE A 41 -10.20 -15.18 27.19
N GLY A 42 -10.13 -13.89 26.84
CA GLY A 42 -8.85 -13.19 26.55
C GLY A 42 -9.02 -11.69 26.63
N LYS A 43 -7.90 -10.98 26.89
CA LYS A 43 -7.87 -9.50 27.00
C LYS A 43 -6.48 -8.99 26.59
N GLY A 44 -6.39 -7.72 26.19
CA GLY A 44 -5.14 -7.06 25.81
C GLY A 44 -5.39 -5.61 25.37
N SER A 45 -4.33 -4.91 24.95
CA SER A 45 -4.40 -3.52 24.45
C SER A 45 -5.27 -3.47 23.18
N PHE A 46 -5.22 -4.52 22.35
CA PHE A 46 -5.99 -4.67 21.09
C PHE A 46 -7.50 -4.62 21.35
N GLY A 47 -7.92 -5.15 22.50
CA GLY A 47 -9.34 -5.32 22.87
C GLY A 47 -9.55 -6.54 23.75
N GLN A 48 -10.51 -7.40 23.40
CA GLN A 48 -10.88 -8.59 24.20
C GLN A 48 -11.21 -9.76 23.27
N VAL A 49 -11.23 -10.98 23.84
CA VAL A 49 -11.66 -12.23 23.15
C VAL A 49 -12.75 -12.88 24.00
N VAL A 50 -13.86 -13.29 23.37
CA VAL A 50 -15.02 -13.94 24.04
C VAL A 50 -15.23 -15.32 23.40
N LYS A 51 -15.60 -16.30 24.23
CA LYS A 51 -16.24 -17.57 23.80
C LYS A 51 -17.69 -17.26 23.43
N ALA A 52 -18.08 -17.56 22.19
CA ALA A 52 -19.46 -17.37 21.68
C ALA A 52 -19.89 -18.63 20.93
N TYR A 53 -21.19 -18.94 20.96
CA TYR A 53 -21.81 -20.05 20.18
C TYR A 53 -22.39 -19.50 18.88
N ASP A 54 -21.90 -20.01 17.74
CA ASP A 54 -22.42 -19.71 16.38
C ASP A 54 -23.64 -20.59 16.13
N ARG A 55 -24.84 -20.00 16.13
CA ARG A 55 -26.14 -20.71 15.92
C ARG A 55 -26.20 -21.26 14.49
N VAL A 56 -25.54 -20.60 13.54
CA VAL A 56 -25.58 -20.94 12.08
C VAL A 56 -24.76 -22.22 11.84
N GLU A 57 -23.46 -22.19 12.16
CA GLU A 57 -22.52 -23.33 11.99
C GLU A 57 -22.75 -24.38 13.08
N GLN A 58 -23.42 -24.00 14.17
CA GLN A 58 -23.73 -24.87 15.34
C GLN A 58 -22.41 -25.38 15.93
N GLU A 59 -21.59 -24.46 16.43
CA GLU A 59 -20.23 -24.72 16.98
C GLU A 59 -19.78 -23.53 17.82
N TRP A 60 -18.87 -23.77 18.76
CA TRP A 60 -18.19 -22.73 19.58
C TRP A 60 -17.14 -22.01 18.72
N VAL A 61 -17.06 -20.69 18.87
CA VAL A 61 -16.04 -19.84 18.19
C VAL A 61 -15.49 -18.82 19.19
N ALA A 62 -14.26 -18.37 18.96
CA ALA A 62 -13.60 -17.27 19.70
C ALA A 62 -13.70 -16.00 18.86
N ILE A 63 -14.41 -14.98 19.36
CA ILE A 63 -14.57 -13.67 18.67
C ILE A 63 -13.62 -12.66 19.31
N LYS A 64 -12.61 -12.22 18.55
CA LYS A 64 -11.64 -11.16 18.94
C LYS A 64 -12.28 -9.79 18.66
N ILE A 65 -12.80 -9.13 19.70
CA ILE A 65 -13.46 -7.80 19.60
C ILE A 65 -12.37 -6.73 19.69
N ILE A 66 -11.99 -6.15 18.55
CA ILE A 66 -10.99 -5.06 18.46
C ILE A 66 -11.65 -3.78 19.00
N LYS A 67 -10.99 -3.08 19.92
CA LYS A 67 -11.58 -1.90 20.62
C LYS A 67 -11.78 -0.76 19.61
N ASN A 68 -12.80 0.06 19.84
CA ASN A 68 -13.31 1.10 18.91
C ASN A 68 -12.32 2.26 18.87
N LYS A 69 -11.20 2.06 18.16
CA LYS A 69 -10.12 3.06 17.98
C LYS A 69 -9.48 2.87 16.60
N LYS A 70 -9.24 3.96 15.88
CA LYS A 70 -8.70 3.94 14.49
C LYS A 70 -7.34 3.22 14.48
N ALA A 71 -6.50 3.48 15.47
CA ALA A 71 -5.15 2.88 15.61
C ALA A 71 -5.27 1.35 15.73
N PHE A 72 -6.18 0.86 16.58
CA PHE A 72 -6.38 -0.58 16.85
C PHE A 72 -7.11 -1.26 15.69
N LEU A 73 -8.03 -0.54 15.03
CA LEU A 73 -8.76 -1.05 13.84
C LEU A 73 -7.77 -1.28 12.69
N ASN A 74 -6.86 -0.33 12.43
CA ASN A 74 -5.85 -0.39 11.34
C ASN A 74 -4.91 -1.57 11.59
N GLN A 75 -4.50 -1.80 12.84
CA GLN A 75 -3.63 -2.94 13.25
C GLN A 75 -4.36 -4.26 12.95
N ALA A 76 -5.65 -4.32 13.26
CA ALA A 76 -6.52 -5.50 13.04
C ALA A 76 -6.67 -5.77 11.54
N GLN A 77 -6.80 -4.71 10.72
CA GLN A 77 -6.96 -4.83 9.24
C GLN A 77 -5.74 -5.56 8.65
N ILE A 78 -4.53 -5.21 9.13
CA ILE A 78 -3.25 -5.87 8.71
C ILE A 78 -3.34 -7.35 9.08
N GLU A 79 -3.74 -7.65 10.31
CA GLU A 79 -3.91 -9.03 10.86
C GLU A 79 -4.88 -9.81 9.97
N VAL A 80 -6.04 -9.22 9.64
CA VAL A 80 -7.10 -9.87 8.80
C VAL A 80 -6.51 -10.18 7.42
N ARG A 81 -5.76 -9.26 6.82
CA ARG A 81 -5.13 -9.45 5.49
C ARG A 81 -4.15 -10.64 5.55
N LEU A 82 -3.32 -10.70 6.59
CA LEU A 82 -2.31 -11.77 6.78
C LEU A 82 -3.01 -13.12 6.94
N LEU A 83 -4.04 -13.19 7.80
CA LEU A 83 -4.84 -14.41 8.05
C LEU A 83 -5.52 -14.87 6.76
N GLU A 84 -6.15 -13.94 6.03
CA GLU A 84 -6.87 -14.23 4.77
C GLU A 84 -5.88 -14.68 3.69
N LEU A 85 -4.68 -14.09 3.66
CA LEU A 85 -3.61 -14.44 2.69
C LEU A 85 -3.10 -15.86 2.99
N MET A 86 -2.91 -16.20 4.27
CA MET A 86 -2.49 -17.54 4.73
C MET A 86 -3.59 -18.56 4.40
N ASN A 87 -4.85 -18.21 4.61
CA ASN A 87 -6.04 -19.07 4.36
C ASN A 87 -6.11 -19.45 2.87
N LYS A 88 -5.70 -18.55 1.97
CA LYS A 88 -5.79 -18.72 0.50
C LYS A 88 -4.85 -19.84 0.03
N HIS A 89 -3.71 -20.04 0.69
CA HIS A 89 -2.68 -21.05 0.29
C HIS A 89 -3.26 -22.46 0.47
N ASP A 90 -2.98 -23.34 -0.50
CA ASP A 90 -3.61 -24.68 -0.67
C ASP A 90 -2.97 -25.68 0.29
N THR A 91 -1.65 -25.57 0.51
CA THR A 91 -0.83 -26.48 1.37
C THR A 91 -1.55 -26.76 2.70
N GLU A 92 -1.46 -28.00 3.19
CA GLU A 92 -2.11 -28.48 4.45
C GLU A 92 -1.20 -28.18 5.65
N MET A 93 -0.06 -27.52 5.43
CA MET A 93 0.79 -26.94 6.51
C MET A 93 0.04 -25.78 7.19
N LYS A 94 -0.96 -25.21 6.51
CA LYS A 94 -1.75 -24.04 6.97
C LYS A 94 -2.64 -24.42 8.16
N TYR A 95 -2.76 -25.72 8.47
CA TYR A 95 -3.60 -26.24 9.59
C TYR A 95 -2.78 -26.28 10.89
N TYR A 96 -1.64 -25.59 10.93
CA TYR A 96 -0.84 -25.31 12.16
C TYR A 96 -0.95 -23.83 12.51
N ILE A 97 -1.81 -23.10 11.81
CA ILE A 97 -2.12 -21.65 12.03
C ILE A 97 -3.60 -21.54 12.40
N VAL A 98 -3.93 -20.68 13.37
CA VAL A 98 -5.34 -20.42 13.79
C VAL A 98 -6.14 -20.01 12.55
N HIS A 99 -7.34 -20.57 12.38
CA HIS A 99 -8.20 -20.34 11.19
C HIS A 99 -9.24 -19.25 11.51
N LEU A 100 -9.12 -18.11 10.82
CA LEU A 100 -10.14 -17.02 10.83
C LEU A 100 -11.30 -17.44 9.92
N LYS A 101 -12.46 -17.75 10.50
CA LYS A 101 -13.66 -18.25 9.77
C LYS A 101 -14.26 -17.06 9.02
N ARG A 102 -14.48 -15.95 9.70
CA ARG A 102 -15.02 -14.69 9.12
C ARG A 102 -14.67 -13.51 10.03
N HIS A 103 -14.84 -12.29 9.51
CA HIS A 103 -14.70 -11.01 10.24
C HIS A 103 -15.87 -10.10 9.84
N PHE A 104 -16.36 -9.29 10.78
CA PHE A 104 -17.48 -8.36 10.58
C PHE A 104 -17.35 -7.17 11.53
N MET A 105 -18.04 -6.07 11.20
CA MET A 105 -18.16 -4.87 12.06
C MET A 105 -19.46 -4.97 12.85
N PHE A 106 -19.38 -4.86 14.18
CA PHE A 106 -20.55 -4.91 15.11
C PHE A 106 -20.42 -3.81 16.15
N ARG A 107 -21.34 -2.83 16.09
CA ARG A 107 -21.42 -1.67 17.02
C ARG A 107 -20.07 -0.94 17.04
N ASN A 108 -19.51 -0.71 15.84
CA ASN A 108 -18.27 0.10 15.59
C ASN A 108 -17.03 -0.66 16.10
N HIS A 109 -17.14 -1.97 16.35
CA HIS A 109 -16.01 -2.87 16.68
C HIS A 109 -15.80 -3.87 15.54
N LEU A 110 -14.59 -3.95 15.00
CA LEU A 110 -14.17 -5.07 14.12
C LEU A 110 -14.08 -6.34 14.98
N CYS A 111 -14.80 -7.38 14.59
CA CYS A 111 -14.85 -8.69 15.29
C CYS A 111 -14.27 -9.77 14.36
N LEU A 112 -13.17 -10.40 14.79
CA LEU A 112 -12.53 -11.55 14.09
C LEU A 112 -13.06 -12.84 14.73
N VAL A 113 -13.79 -13.65 13.96
CA VAL A 113 -14.32 -14.98 14.39
C VAL A 113 -13.28 -16.05 14.03
N PHE A 114 -12.59 -16.58 15.03
CA PHE A 114 -11.65 -17.74 14.91
C PHE A 114 -12.36 -19.02 15.34
N GLU A 115 -11.86 -20.16 14.89
CA GLU A 115 -12.22 -21.50 15.44
C GLU A 115 -11.86 -21.50 16.94
N MET A 116 -12.70 -22.12 17.76
CA MET A 116 -12.46 -22.30 19.22
C MET A 116 -11.41 -23.41 19.39
N LEU A 117 -10.36 -23.13 20.18
CA LEU A 117 -9.25 -24.08 20.46
C LEU A 117 -9.28 -24.41 21.95
N SER A 118 -8.22 -25.02 22.50
CA SER A 118 -8.11 -25.47 23.90
C SER A 118 -7.09 -24.60 24.65
N TYR A 119 -6.40 -25.18 25.65
CA TYR A 119 -5.40 -24.50 26.51
C TYR A 119 -4.17 -24.14 25.67
N ASN A 120 -3.52 -23.02 26.01
CA ASN A 120 -2.20 -22.62 25.45
C ASN A 120 -1.10 -23.37 26.22
N LEU A 121 0.13 -23.33 25.71
CA LEU A 121 1.27 -24.11 26.27
C LEU A 121 1.72 -23.52 27.61
N TYR A 122 1.43 -22.25 27.91
CA TYR A 122 1.76 -21.63 29.22
C TYR A 122 0.88 -22.23 30.31
N ASP A 123 -0.44 -22.37 30.05
CA ASP A 123 -1.40 -23.05 30.95
C ASP A 123 -0.90 -24.47 31.24
N LEU A 124 -0.34 -25.13 30.23
CA LEU A 124 0.25 -26.49 30.31
C LEU A 124 1.41 -26.49 31.30
N LEU A 125 2.36 -25.56 31.12
CA LEU A 125 3.56 -25.38 32.00
C LEU A 125 3.10 -25.13 33.45
N ARG A 126 2.02 -24.35 33.63
CA ARG A 126 1.46 -24.01 34.96
C ARG A 126 0.84 -25.25 35.61
N ASN A 127 0.19 -26.11 34.82
CA ASN A 127 -0.42 -27.38 35.29
C ASN A 127 0.66 -28.30 35.86
N THR A 128 1.89 -28.22 35.33
CA THR A 128 3.08 -29.01 35.77
C THR A 128 3.73 -28.34 36.99
N ASN A 129 3.24 -27.15 37.39
CA ASN A 129 3.86 -26.26 38.41
C ASN A 129 5.25 -25.84 37.92
N PHE A 130 5.38 -25.65 36.59
CA PHE A 130 6.59 -25.15 35.90
C PHE A 130 7.74 -26.15 36.06
N ARG A 131 7.45 -27.45 35.92
CA ARG A 131 8.46 -28.54 35.84
C ARG A 131 8.61 -29.01 34.38
N GLY A 132 7.72 -28.55 33.49
CA GLY A 132 7.80 -28.82 32.03
C GLY A 132 7.19 -30.17 31.66
N VAL A 133 7.02 -30.42 30.36
CA VAL A 133 6.40 -31.67 29.81
C VAL A 133 7.49 -32.58 29.25
N SER A 134 7.13 -33.84 29.01
CA SER A 134 7.96 -34.93 28.43
C SER A 134 8.70 -34.44 27.17
N LEU A 135 9.91 -34.95 26.94
CA LEU A 135 10.69 -34.73 25.70
C LEU A 135 9.91 -35.27 24.49
N ASN A 136 9.11 -36.33 24.69
CA ASN A 136 8.26 -36.96 23.66
C ASN A 136 7.18 -35.97 23.20
N LEU A 137 6.57 -35.22 24.13
CA LEU A 137 5.52 -34.23 23.82
C LEU A 137 6.15 -32.99 23.17
N THR A 138 7.29 -32.52 23.67
CA THR A 138 7.98 -31.30 23.16
C THR A 138 8.46 -31.58 21.73
N ARG A 139 8.84 -32.83 21.43
CA ARG A 139 9.20 -33.27 20.05
C ARG A 139 7.98 -33.09 19.13
N LYS A 140 6.79 -33.51 19.58
CA LYS A 140 5.54 -33.38 18.81
C LYS A 140 5.25 -31.89 18.56
N PHE A 141 5.45 -31.05 19.57
CA PHE A 141 5.29 -29.58 19.49
C PHE A 141 6.33 -28.99 18.54
N ALA A 142 7.60 -29.38 18.70
CA ALA A 142 8.76 -28.89 17.93
C ALA A 142 8.54 -29.10 16.42
N GLN A 143 8.03 -30.28 16.03
CA GLN A 143 7.82 -30.67 14.61
C GLN A 143 6.67 -29.86 14.00
N GLN A 144 5.56 -29.72 14.73
CA GLN A 144 4.38 -28.94 14.30
C GLN A 144 4.79 -27.46 14.13
N MET A 145 5.53 -26.92 15.10
CA MET A 145 6.04 -25.51 15.10
C MET A 145 6.99 -25.32 13.91
N CYS A 146 7.89 -26.28 13.68
CA CYS A 146 8.87 -26.24 12.56
C CYS A 146 8.13 -26.22 11.22
N THR A 147 7.05 -26.99 11.10
CA THR A 147 6.16 -27.06 9.90
C THR A 147 5.44 -25.71 9.73
N ALA A 148 4.91 -25.15 10.82
CA ALA A 148 4.20 -23.85 10.84
C ALA A 148 5.14 -22.73 10.37
N LEU A 149 6.39 -22.72 10.84
CA LEU A 149 7.41 -21.70 10.47
C LEU A 149 7.82 -21.92 9.01
N LEU A 150 7.86 -23.16 8.53
CA LEU A 150 8.16 -23.49 7.11
C LEU A 150 7.03 -22.92 6.23
N PHE A 151 5.79 -23.01 6.70
CA PHE A 151 4.59 -22.47 5.98
C PHE A 151 4.70 -20.95 5.87
N LEU A 152 4.96 -20.27 6.98
CA LEU A 152 5.13 -18.79 7.04
C LEU A 152 6.33 -18.39 6.17
N ALA A 153 7.28 -19.30 5.96
CA ALA A 153 8.51 -19.09 5.16
C ALA A 153 8.22 -19.14 3.65
N THR A 154 7.00 -19.50 3.24
CA THR A 154 6.54 -19.45 1.82
C THR A 154 6.85 -18.07 1.27
N PRO A 155 7.54 -17.96 0.10
CA PRO A 155 7.96 -16.66 -0.42
C PRO A 155 6.80 -15.67 -0.60
N GLU A 156 5.64 -16.17 -1.07
CA GLU A 156 4.42 -15.37 -1.33
C GLU A 156 3.91 -14.74 -0.02
N LEU A 157 4.09 -15.43 1.10
CA LEU A 157 3.66 -14.96 2.45
C LEU A 157 4.84 -14.25 3.13
N SER A 158 5.94 -14.94 3.36
CA SER A 158 7.17 -14.44 4.04
C SER A 158 6.77 -13.72 5.35
N ILE A 159 5.92 -14.35 6.16
CA ILE A 159 5.32 -13.75 7.38
C ILE A 159 6.25 -14.00 8.57
N ILE A 160 6.53 -12.94 9.34
CA ILE A 160 7.23 -12.99 10.65
C ILE A 160 6.16 -12.83 11.74
N HIS A 161 5.91 -13.89 12.52
CA HIS A 161 4.90 -13.89 13.61
C HIS A 161 5.22 -12.77 14.61
N CYS A 162 6.50 -12.62 14.95
CA CYS A 162 7.08 -11.45 15.68
C CYS A 162 6.70 -11.46 17.18
N ASP A 163 5.94 -12.46 17.66
CA ASP A 163 5.58 -12.57 19.10
C ASP A 163 5.29 -14.03 19.47
N LEU A 164 6.22 -14.94 19.13
CA LEU A 164 6.10 -16.38 19.50
C LEU A 164 6.43 -16.56 20.99
N LYS A 165 5.53 -17.20 21.73
CA LYS A 165 5.68 -17.56 23.16
C LYS A 165 4.68 -18.67 23.50
N PRO A 166 4.86 -19.37 24.64
CA PRO A 166 3.95 -20.48 24.99
C PRO A 166 2.48 -20.09 25.02
N GLU A 167 2.17 -18.86 25.45
CA GLU A 167 0.79 -18.30 25.54
C GLU A 167 0.14 -18.27 24.16
N ASN A 168 0.93 -18.00 23.10
CA ASN A 168 0.45 -17.79 21.71
C ASN A 168 0.41 -19.13 20.95
N ILE A 169 0.76 -20.25 21.60
CA ILE A 169 0.61 -21.62 21.03
C ILE A 169 -0.49 -22.35 21.83
N LEU A 170 -1.58 -22.72 21.15
CA LEU A 170 -2.80 -23.32 21.76
C LEU A 170 -3.02 -24.74 21.21
N LEU A 171 -3.37 -25.68 22.10
CA LEU A 171 -3.87 -27.02 21.73
C LEU A 171 -5.21 -26.86 21.00
N CYS A 172 -5.41 -27.60 19.91
CA CYS A 172 -6.71 -27.69 19.19
C CYS A 172 -7.74 -28.37 20.11
N ASN A 173 -7.29 -29.42 20.81
CA ASN A 173 -8.14 -30.36 21.59
C ASN A 173 -7.38 -30.70 22.88
N PRO A 174 -8.01 -30.58 24.07
CA PRO A 174 -7.31 -30.82 25.33
C PRO A 174 -6.75 -32.24 25.55
N LYS A 175 -7.21 -33.24 24.79
CA LYS A 175 -6.77 -34.66 24.92
C LYS A 175 -6.01 -35.12 23.67
N ARG A 176 -5.62 -34.19 22.79
CA ARG A 176 -4.70 -34.43 21.65
C ARG A 176 -3.53 -33.44 21.77
N SER A 177 -2.42 -33.71 21.09
CA SER A 177 -1.16 -32.92 21.15
C SER A 177 -1.05 -31.97 19.94
N ALA A 178 -2.10 -31.88 19.12
CA ALA A 178 -2.13 -31.00 17.91
C ALA A 178 -2.20 -29.53 18.37
N ILE A 179 -1.29 -28.70 17.87
CA ILE A 179 -1.16 -27.26 18.27
C ILE A 179 -1.41 -26.37 17.04
N LYS A 180 -1.86 -25.14 17.29
CA LYS A 180 -1.96 -24.05 16.28
C LYS A 180 -1.36 -22.77 16.87
N ILE A 181 -0.59 -22.05 16.07
CA ILE A 181 -0.08 -20.68 16.40
C ILE A 181 -1.25 -19.70 16.26
N VAL A 182 -1.51 -18.90 17.29
CA VAL A 182 -2.58 -17.86 17.29
C VAL A 182 -1.91 -16.48 17.41
N ASP A 183 -2.72 -15.42 17.25
CA ASP A 183 -2.35 -14.01 17.49
C ASP A 183 -1.29 -13.58 16.47
N PHE A 184 -1.74 -13.18 15.29
CA PHE A 184 -0.91 -12.57 14.22
C PHE A 184 -1.11 -11.04 14.24
N GLY A 185 -1.58 -10.51 15.37
CA GLY A 185 -1.90 -9.09 15.57
C GLY A 185 -0.65 -8.20 15.56
N SER A 186 0.51 -8.78 15.86
CA SER A 186 1.83 -8.09 15.92
C SER A 186 2.71 -8.49 14.73
N SER A 187 2.16 -9.26 13.79
CA SER A 187 2.91 -9.86 12.65
C SER A 187 3.22 -8.81 11.59
N CYS A 188 4.34 -8.98 10.88
CA CYS A 188 4.68 -8.26 9.63
C CYS A 188 5.12 -9.29 8.58
N GLN A 189 5.13 -8.88 7.31
CA GLN A 189 5.79 -9.63 6.20
C GLN A 189 7.20 -9.06 6.06
N LEU A 190 8.15 -9.89 5.59
CA LEU A 190 9.55 -9.50 5.31
C LEU A 190 9.54 -8.14 4.60
N GLY A 191 10.43 -7.23 5.00
CA GLY A 191 10.46 -5.84 4.49
C GLY A 191 11.44 -4.98 5.26
N GLN A 192 11.34 -3.66 5.09
CA GLN A 192 12.20 -2.66 5.79
C GLN A 192 12.01 -2.80 7.30
N ARG A 193 13.09 -2.64 8.08
CA ARG A 193 13.09 -2.75 9.56
C ARG A 193 12.33 -1.55 10.15
N ILE A 194 11.01 -1.53 9.97
CA ILE A 194 10.10 -0.39 10.35
C ILE A 194 9.98 -0.32 11.88
N TYR A 195 9.88 -1.49 12.55
CA TYR A 195 9.88 -1.63 14.03
C TYR A 195 11.24 -2.19 14.45
N GLN A 196 11.62 -2.03 15.72
CA GLN A 196 12.91 -2.52 16.26
C GLN A 196 12.75 -3.10 17.67
N PTR A 197 11.81 -2.57 18.46
CA PTR A 197 11.43 -3.16 19.74
C PTR A 197 10.29 -4.14 19.50
O PTR A 197 9.11 -3.76 19.56
CB PTR A 197 11.08 -2.03 20.72
CG PTR A 197 10.84 -2.42 22.16
CD1 PTR A 197 9.55 -2.36 22.69
CD2 PTR A 197 11.88 -2.78 23.00
CE1 PTR A 197 9.31 -2.67 24.02
CE2 PTR A 197 11.66 -3.09 24.34
CZ PTR A 197 10.37 -3.04 24.84
OH PTR A 197 10.10 -3.34 26.17
P PTR A 197 10.10 -4.78 26.83
O1P PTR A 197 11.51 -5.29 26.84
O2P PTR A 197 9.23 -5.68 25.99
O3P PTR A 197 9.56 -4.68 28.23
N ILE A 198 10.64 -5.40 19.21
CA ILE A 198 9.68 -6.40 18.78
C ILE A 198 9.97 -7.72 19.52
N GLN A 199 9.00 -8.64 19.51
CA GLN A 199 9.00 -9.95 20.23
C GLN A 199 8.90 -9.70 21.75
N SER A 200 8.37 -10.68 22.49
CA SER A 200 8.37 -10.71 23.97
C SER A 200 9.81 -10.89 24.45
N ARG A 201 10.19 -10.19 25.53
CA ARG A 201 11.60 -10.04 25.99
C ARG A 201 12.31 -11.40 26.03
N PHE A 202 11.69 -12.40 26.66
CA PHE A 202 12.28 -13.74 26.95
C PHE A 202 12.60 -14.49 25.65
N TYR A 203 11.92 -14.15 24.55
CA TYR A 203 11.97 -14.85 23.25
C TYR A 203 12.50 -13.92 22.16
N ARG A 204 13.13 -12.81 22.58
CA ARG A 204 13.66 -11.75 21.68
C ARG A 204 15.03 -12.19 21.17
N SER A 205 15.18 -12.25 19.85
CA SER A 205 16.42 -12.67 19.14
C SER A 205 17.54 -11.66 19.40
N PRO A 206 18.82 -12.08 19.32
CA PRO A 206 19.95 -11.15 19.46
C PRO A 206 19.95 -10.01 18.44
N GLU A 207 19.44 -10.26 17.22
CA GLU A 207 19.30 -9.24 16.14
C GLU A 207 18.56 -8.02 16.71
N VAL A 208 17.37 -8.27 17.29
CA VAL A 208 16.44 -7.24 17.81
C VAL A 208 17.11 -6.51 18.98
N LEU A 209 17.77 -7.26 19.87
CA LEU A 209 18.50 -6.72 21.05
C LEU A 209 19.59 -5.76 20.59
N LEU A 210 20.31 -6.11 19.50
CA LEU A 210 21.45 -5.33 18.95
C LEU A 210 20.95 -4.28 17.94
N GLY A 211 19.63 -4.21 17.69
CA GLY A 211 19.01 -3.23 16.79
C GLY A 211 19.50 -3.40 15.36
N MET A 212 19.72 -4.64 14.93
CA MET A 212 20.20 -5.00 13.57
C MET A 212 19.01 -5.41 12.71
N PRO A 213 19.15 -5.48 11.36
CA PRO A 213 18.05 -5.93 10.50
C PRO A 213 17.66 -7.37 10.84
N TYR A 214 16.35 -7.68 10.82
CA TYR A 214 15.79 -8.99 11.20
C TYR A 214 14.96 -9.56 10.04
N ASP A 215 14.99 -10.89 9.91
CA ASP A 215 14.24 -11.68 8.89
C ASP A 215 13.30 -12.64 9.62
N LEU A 216 12.90 -13.74 8.99
CA LEU A 216 11.98 -14.76 9.57
C LEU A 216 12.71 -15.62 10.61
N ALA A 217 14.05 -15.54 10.66
CA ALA A 217 14.91 -16.35 11.57
C ALA A 217 14.62 -16.02 13.04
N ILE A 218 14.09 -14.82 13.34
CA ILE A 218 13.80 -14.37 14.74
C ILE A 218 12.73 -15.27 15.35
N ASP A 219 11.78 -15.76 14.55
CA ASP A 219 10.73 -16.71 15.00
C ASP A 219 11.37 -18.06 15.35
N MET A 220 12.44 -18.44 14.65
CA MET A 220 13.19 -19.69 14.90
C MET A 220 13.96 -19.57 16.22
N TRP A 221 14.56 -18.40 16.49
CA TRP A 221 15.18 -18.09 17.81
C TRP A 221 14.14 -18.30 18.91
N SER A 222 12.99 -17.63 18.77
CA SER A 222 11.83 -17.75 19.68
C SER A 222 11.53 -19.23 19.92
N LEU A 223 11.45 -20.04 18.86
CA LEU A 223 11.08 -21.48 18.95
C LEU A 223 12.09 -22.22 19.83
N GLY A 224 13.39 -22.05 19.56
CA GLY A 224 14.49 -22.62 20.37
C GLY A 224 14.29 -22.35 21.85
N CYS A 225 14.02 -21.09 22.21
CA CYS A 225 13.76 -20.62 23.60
C CYS A 225 12.53 -21.31 24.18
N ILE A 226 11.49 -21.52 23.37
CA ILE A 226 10.18 -22.09 23.78
C ILE A 226 10.34 -23.58 24.10
N LEU A 227 10.99 -24.34 23.22
CA LEU A 227 11.06 -25.83 23.30
C LEU A 227 11.83 -26.25 24.56
N VAL A 228 12.93 -25.56 24.89
CA VAL A 228 13.70 -25.79 26.14
C VAL A 228 12.76 -25.53 27.32
N GLU A 229 12.02 -24.43 27.28
CA GLU A 229 11.06 -24.00 28.34
C GLU A 229 9.97 -25.06 28.50
N MET A 230 9.51 -25.66 27.40
CA MET A 230 8.43 -26.69 27.42
C MET A 230 8.92 -27.96 28.12
N HIS A 231 10.23 -28.24 28.12
CA HIS A 231 10.81 -29.46 28.75
C HIS A 231 11.21 -29.18 30.21
N THR A 232 11.87 -28.05 30.49
CA THR A 232 12.40 -27.69 31.84
C THR A 232 11.29 -27.08 32.70
N GLY A 233 10.39 -26.30 32.09
CA GLY A 233 9.25 -25.65 32.77
C GLY A 233 9.45 -24.15 32.95
N GLU A 234 10.69 -23.67 32.84
CA GLU A 234 11.09 -22.25 33.09
C GLU A 234 11.61 -21.62 31.80
N PRO A 235 11.44 -20.29 31.60
CA PRO A 235 12.09 -19.60 30.49
C PRO A 235 13.62 -19.78 30.53
N LEU A 236 14.21 -20.12 29.38
CA LEU A 236 15.67 -20.31 29.21
C LEU A 236 16.40 -19.00 29.55
N PHE A 237 15.83 -17.86 29.15
CA PHE A 237 16.39 -16.49 29.35
C PHE A 237 15.30 -15.57 29.90
N SER A 238 15.22 -15.45 31.23
CA SER A 238 14.20 -14.63 31.95
C SER A 238 14.79 -13.28 32.34
N GLY A 239 14.97 -12.38 31.37
CA GLY A 239 15.57 -11.05 31.56
C GLY A 239 14.59 -10.06 32.17
N ALA A 240 15.00 -9.34 33.22
CA ALA A 240 14.22 -8.25 33.86
C ALA A 240 14.29 -7.00 32.99
N ASN A 241 15.26 -6.93 32.06
CA ASN A 241 15.45 -5.85 31.08
C ASN A 241 16.31 -6.40 29.93
N GLU A 242 16.47 -5.63 28.85
CA GLU A 242 17.23 -6.05 27.63
C GLU A 242 18.68 -6.38 27.99
N VAL A 243 19.31 -5.58 28.88
CA VAL A 243 20.71 -5.79 29.33
C VAL A 243 20.79 -7.16 30.03
N ASP A 244 19.88 -7.42 30.98
CA ASP A 244 19.79 -8.70 31.72
C ASP A 244 19.52 -9.83 30.72
N GLN A 245 18.62 -9.60 29.75
CA GLN A 245 18.28 -10.57 28.68
C GLN A 245 19.54 -11.00 27.93
N MET A 246 20.28 -10.02 27.38
CA MET A 246 21.53 -10.28 26.61
C MET A 246 22.53 -11.05 27.47
N ASN A 247 22.70 -10.64 28.73
CA ASN A 247 23.66 -11.25 29.68
C ASN A 247 23.31 -12.73 29.92
N LYS A 248 22.01 -13.05 30.06
CA LYS A 248 21.53 -14.43 30.30
C LYS A 248 21.72 -15.28 29.03
N ILE A 249 21.64 -14.67 27.85
CA ILE A 249 21.95 -15.33 26.54
C ILE A 249 23.45 -15.61 26.48
N VAL A 250 24.27 -14.63 26.87
CA VAL A 250 25.76 -14.69 26.87
C VAL A 250 26.23 -15.81 27.83
N GLU A 251 25.57 -15.97 28.98
CA GLU A 251 25.90 -17.02 29.98
C GLU A 251 25.91 -18.40 29.31
N VAL A 252 24.93 -18.66 28.44
CA VAL A 252 24.69 -20.01 27.83
C VAL A 252 25.47 -20.12 26.51
N LEU A 253 25.51 -19.05 25.69
CA LEU A 253 26.00 -19.10 24.30
C LEU A 253 27.34 -18.36 24.13
N GLY A 254 27.75 -17.56 25.11
CA GLY A 254 29.01 -16.78 25.06
C GLY A 254 28.82 -15.45 24.34
N ILE A 255 29.92 -14.71 24.15
CA ILE A 255 29.92 -13.39 23.46
C ILE A 255 29.57 -13.63 22.00
N PRO A 256 28.61 -12.87 21.40
CA PRO A 256 28.30 -13.02 19.98
C PRO A 256 29.54 -12.75 19.13
N PRO A 257 29.68 -13.39 17.95
CA PRO A 257 30.88 -13.20 17.11
C PRO A 257 31.12 -11.73 16.76
N ALA A 258 32.39 -11.33 16.71
CA ALA A 258 32.84 -9.93 16.47
C ALA A 258 32.24 -9.39 15.16
N HIS A 259 32.12 -10.24 14.13
CA HIS A 259 31.61 -9.86 12.79
C HIS A 259 30.16 -9.37 12.90
N ILE A 260 29.38 -9.91 13.84
CA ILE A 260 27.98 -9.48 14.12
C ILE A 260 28.01 -8.16 14.89
N LEU A 261 28.78 -8.08 15.98
CA LEU A 261 28.77 -6.94 16.95
C LEU A 261 29.42 -5.70 16.31
N ASP A 262 30.34 -5.87 15.36
CA ASP A 262 30.98 -4.75 14.62
C ASP A 262 29.93 -4.03 13.76
N GLN A 263 28.88 -4.74 13.35
CA GLN A 263 27.78 -4.21 12.49
C GLN A 263 26.54 -3.84 13.33
N ALA A 264 26.61 -4.02 14.66
CA ALA A 264 25.46 -3.89 15.59
C ALA A 264 25.35 -2.46 16.09
N PRO A 265 24.27 -1.70 15.74
CA PRO A 265 24.08 -0.34 16.25
C PRO A 265 23.96 -0.23 17.78
N LYS A 266 23.42 -1.25 18.46
CA LYS A 266 23.23 -1.27 19.93
C LYS A 266 24.27 -2.20 20.58
N ALA A 267 25.38 -2.49 19.89
CA ALA A 267 26.48 -3.33 20.40
C ALA A 267 26.94 -2.82 21.77
N ARG A 268 27.06 -1.50 21.92
CA ARG A 268 27.69 -0.85 23.11
C ARG A 268 26.67 -0.64 24.23
N LYS A 269 25.41 -1.07 24.05
CA LYS A 269 24.40 -1.14 25.13
C LYS A 269 24.77 -2.28 26.09
N PHE A 270 25.44 -3.32 25.57
CA PHE A 270 25.76 -4.58 26.31
C PHE A 270 27.27 -4.80 26.40
N PHE A 271 28.02 -4.48 25.33
CA PHE A 271 29.46 -4.84 25.17
C PHE A 271 30.30 -3.57 25.03
N GLU A 272 31.58 -3.65 25.40
CA GLU A 272 32.60 -2.60 25.13
C GLU A 272 33.68 -3.21 24.24
N LYS A 273 34.14 -2.46 23.25
CA LYS A 273 35.16 -2.91 22.25
C LYS A 273 36.55 -2.54 22.76
N LEU A 274 37.33 -3.54 23.18
CA LEU A 274 38.71 -3.35 23.71
C LEU A 274 39.63 -2.87 22.59
N PRO A 275 40.78 -2.24 22.93
CA PRO A 275 41.70 -1.71 21.92
C PRO A 275 42.21 -2.69 20.86
N ASP A 276 42.15 -4.01 21.13
CA ASP A 276 42.64 -5.08 20.21
C ASP A 276 41.54 -5.48 19.21
N GLY A 277 40.37 -4.86 19.29
CA GLY A 277 39.26 -5.07 18.33
C GLY A 277 38.23 -6.08 18.82
N THR A 278 38.54 -6.80 19.91
CA THR A 278 37.67 -7.86 20.49
C THR A 278 36.59 -7.20 21.37
N TRP A 279 35.53 -7.94 21.71
CA TRP A 279 34.38 -7.46 22.51
C TRP A 279 34.29 -8.26 23.82
N ASN A 280 34.16 -7.55 24.94
CA ASN A 280 33.82 -8.10 26.29
C ASN A 280 32.45 -7.55 26.69
N LEU A 281 31.85 -8.10 27.76
CA LEU A 281 30.64 -7.51 28.40
C LEU A 281 31.02 -6.20 29.09
N LYS A 282 30.03 -5.35 29.36
CA LYS A 282 30.12 -4.21 30.31
C LYS A 282 29.60 -4.70 31.67
N LYS A 283 30.31 -4.39 32.76
CA LYS A 283 29.96 -4.83 34.14
C LYS A 283 28.98 -3.83 34.77
N THR A 284 28.13 -4.31 35.69
CA THR A 284 27.29 -3.47 36.60
C THR A 284 27.03 -4.23 37.91
N GLU A 290 27.33 -11.42 39.39
CA GLU A 290 25.89 -11.35 39.02
C GLU A 290 25.56 -12.40 37.95
N TYR A 291 26.47 -12.65 37.00
CA TYR A 291 26.32 -13.69 35.95
C TYR A 291 27.53 -14.64 35.95
N LYS A 292 27.32 -15.86 35.44
CA LYS A 292 28.40 -16.84 35.15
C LYS A 292 29.26 -16.31 34.01
N PRO A 293 30.56 -16.68 33.94
CA PRO A 293 31.39 -16.36 32.78
C PRO A 293 30.72 -16.77 31.46
N PRO A 294 30.96 -16.02 30.35
CA PRO A 294 30.30 -16.30 29.08
C PRO A 294 30.44 -17.77 28.62
N GLY A 295 29.30 -18.42 28.35
CA GLY A 295 29.22 -19.77 27.76
C GLY A 295 29.52 -20.88 28.74
N THR A 296 29.40 -20.64 30.05
CA THR A 296 29.71 -21.62 31.13
C THR A 296 28.43 -22.24 31.70
N ARG A 297 27.27 -21.60 31.48
CA ARG A 297 25.94 -22.22 31.76
C ARG A 297 25.54 -23.06 30.55
N LYS A 298 26.23 -24.18 30.35
CA LYS A 298 26.08 -25.06 29.16
C LYS A 298 24.65 -25.61 29.10
N LEU A 299 24.05 -25.65 27.91
CA LEU A 299 22.68 -26.17 27.67
C LEU A 299 22.67 -27.68 27.99
N HIS A 300 23.81 -28.35 27.82
CA HIS A 300 24.05 -29.77 28.23
C HIS A 300 23.57 -29.98 29.66
N ASN A 301 23.85 -29.04 30.56
CA ASN A 301 23.53 -29.12 32.01
C ASN A 301 22.10 -28.63 32.27
N ILE A 302 21.66 -27.56 31.62
CA ILE A 302 20.28 -27.00 31.77
C ILE A 302 19.28 -28.11 31.44
N LEU A 303 19.53 -28.86 30.35
CA LEU A 303 18.65 -29.96 29.87
C LEU A 303 18.81 -31.20 30.74
N GLY A 304 19.96 -31.35 31.42
CA GLY A 304 20.30 -32.53 32.23
C GLY A 304 20.48 -33.75 31.36
N VAL A 305 21.28 -33.63 30.30
CA VAL A 305 21.48 -34.67 29.24
C VAL A 305 21.87 -35.99 29.92
N GLU A 306 22.81 -35.95 30.87
CA GLU A 306 23.44 -37.16 31.49
C GLU A 306 23.00 -37.34 32.95
N THR A 307 22.03 -36.56 33.43
CA THR A 307 21.56 -36.58 34.84
C THR A 307 20.03 -36.78 34.91
N GLY A 308 19.47 -37.51 33.94
CA GLY A 308 18.03 -37.86 33.90
C GLY A 308 17.14 -36.65 33.68
N GLY A 309 17.60 -35.69 32.87
CA GLY A 309 16.80 -34.54 32.41
C GLY A 309 16.69 -33.43 33.45
N PRO A 310 15.77 -32.46 33.24
CA PRO A 310 15.61 -31.32 34.15
C PRO A 310 15.27 -31.71 35.60
N GLY A 311 16.16 -31.38 36.53
CA GLY A 311 16.05 -31.72 37.97
C GLY A 311 16.03 -33.22 38.22
N GLY A 312 16.53 -34.00 37.24
CA GLY A 312 16.55 -35.48 37.28
C GLY A 312 15.16 -36.09 37.36
N ARG A 313 14.13 -35.37 36.94
CA ARG A 313 12.71 -35.77 37.06
C ARG A 313 12.34 -36.79 35.96
N ARG A 314 13.20 -36.97 34.95
CA ARG A 314 12.96 -37.87 33.78
C ARG A 314 13.89 -39.09 33.85
N ALA A 315 14.52 -39.35 34.99
CA ALA A 315 15.40 -40.53 35.21
C ALA A 315 14.57 -41.81 35.08
N GLY A 316 14.78 -42.57 33.99
CA GLY A 316 14.17 -43.88 33.77
C GLY A 316 12.91 -43.82 32.91
N GLU A 317 12.50 -42.63 32.47
CA GLU A 317 11.33 -42.43 31.58
C GLU A 317 11.72 -42.84 30.16
N SER A 318 10.81 -43.51 29.44
CA SER A 318 10.98 -43.95 28.03
C SER A 318 11.16 -42.73 27.13
N GLY A 319 12.16 -42.77 26.23
CA GLY A 319 12.46 -41.70 25.26
C GLY A 319 13.27 -40.57 25.86
N HIS A 320 13.82 -40.77 27.07
CA HIS A 320 14.64 -39.77 27.81
C HIS A 320 16.06 -40.31 28.03
N THR A 321 16.64 -40.95 27.00
CA THR A 321 18.02 -41.47 27.01
C THR A 321 19.00 -40.32 26.76
N VAL A 322 20.29 -40.55 26.98
CA VAL A 322 21.40 -39.60 26.67
C VAL A 322 21.39 -39.32 25.15
N ALA A 323 21.17 -40.35 24.33
CA ALA A 323 21.12 -40.27 22.84
C ALA A 323 19.97 -39.34 22.41
N ASP A 324 18.81 -39.44 23.08
CA ASP A 324 17.60 -38.64 22.78
C ASP A 324 17.86 -37.17 23.12
N TYR A 325 18.49 -36.91 24.28
CA TYR A 325 18.79 -35.54 24.79
C TYR A 325 19.83 -34.86 23.90
N LEU A 326 20.82 -35.62 23.41
CA LEU A 326 21.91 -35.10 22.55
C LEU A 326 21.35 -34.63 21.20
N LYS A 327 20.38 -35.36 20.63
CA LYS A 327 19.65 -34.96 19.40
C LYS A 327 18.89 -33.65 19.67
N PHE A 328 18.21 -33.56 20.82
CA PHE A 328 17.41 -32.37 21.23
C PHE A 328 18.35 -31.16 21.39
N LYS A 329 19.44 -31.34 22.15
CA LYS A 329 20.44 -30.28 22.42
C LYS A 329 21.02 -29.76 21.09
N ASP A 330 21.39 -30.66 20.18
CA ASP A 330 21.99 -30.30 18.86
C ASP A 330 21.02 -29.37 18.12
N LEU A 331 19.74 -29.72 18.05
CA LEU A 331 18.69 -28.98 17.30
C LEU A 331 18.45 -27.61 17.95
N ILE A 332 18.40 -27.55 19.29
CA ILE A 332 18.16 -26.28 20.06
C ILE A 332 19.33 -25.32 19.83
N LEU A 333 20.57 -25.82 19.79
CA LEU A 333 21.79 -24.99 19.59
C LEU A 333 21.83 -24.46 18.15
N ARG A 334 21.20 -25.15 17.20
CA ARG A 334 21.11 -24.72 15.77
C ARG A 334 20.07 -23.61 15.63
N MET A 335 19.01 -23.64 16.44
CA MET A 335 17.94 -22.60 16.49
C MET A 335 18.44 -21.37 17.25
N LEU A 336 19.44 -21.53 18.13
CA LEU A 336 19.99 -20.43 18.97
C LEU A 336 21.38 -20.01 18.47
N ASP A 337 21.66 -20.30 17.19
CA ASP A 337 22.79 -19.71 16.42
C ASP A 337 22.62 -18.18 16.43
N TYR A 338 23.64 -17.44 16.86
CA TYR A 338 23.67 -15.96 16.91
C TYR A 338 23.50 -15.38 15.50
N ASP A 339 24.18 -16.00 14.52
CA ASP A 339 24.15 -15.58 13.09
C ASP A 339 22.78 -15.95 12.51
N PRO A 340 21.94 -14.96 12.15
CA PRO A 340 20.59 -15.23 11.62
C PRO A 340 20.65 -15.86 10.22
N LYS A 341 21.76 -15.69 9.51
CA LYS A 341 21.96 -16.19 8.12
C LYS A 341 22.34 -17.68 8.14
N THR A 342 22.99 -18.16 9.21
CA THR A 342 23.38 -19.60 9.38
C THR A 342 22.45 -20.30 10.38
N ARG A 343 21.68 -19.56 11.20
CA ARG A 343 20.66 -20.15 12.11
C ARG A 343 19.79 -21.12 11.29
N ILE A 344 19.52 -22.30 11.84
CA ILE A 344 18.81 -23.40 11.11
C ILE A 344 17.45 -22.89 10.65
N GLN A 345 17.08 -23.23 9.41
CA GLN A 345 15.79 -22.85 8.78
C GLN A 345 14.79 -23.99 8.97
N PRO A 346 13.47 -23.71 8.94
CA PRO A 346 12.45 -24.74 9.18
C PRO A 346 12.63 -26.06 8.41
N TYR A 347 12.95 -25.99 7.11
CA TYR A 347 13.07 -27.18 6.23
C TYR A 347 14.15 -28.12 6.77
N TYR A 348 15.32 -27.57 7.16
CA TYR A 348 16.50 -28.33 7.64
C TYR A 348 16.24 -28.85 9.06
N ALA A 349 15.57 -28.06 9.91
CA ALA A 349 15.14 -28.44 11.27
C ALA A 349 14.25 -29.69 11.20
N LEU A 350 13.39 -29.79 10.19
CA LEU A 350 12.44 -30.92 10.00
C LEU A 350 13.18 -32.18 9.54
N GLN A 351 14.41 -32.06 9.00
CA GLN A 351 15.25 -33.21 8.56
C GLN A 351 16.18 -33.64 9.70
N HIS A 352 16.14 -32.95 10.85
CA HIS A 352 17.00 -33.24 12.03
C HIS A 352 16.69 -34.64 12.56
N SER A 353 17.70 -35.30 13.13
CA SER A 353 17.63 -36.69 13.66
C SER A 353 16.72 -36.75 14.90
N PHE A 354 16.50 -35.62 15.57
CA PHE A 354 15.59 -35.48 16.74
C PHE A 354 14.18 -35.95 16.36
N PHE A 355 13.79 -35.74 15.10
CA PHE A 355 12.43 -36.07 14.57
C PHE A 355 12.40 -37.46 13.93
N LYS A 356 13.56 -38.01 13.54
CA LYS A 356 13.68 -39.36 12.93
C LYS A 356 13.20 -40.41 13.94
N LYS A 357 12.15 -41.16 13.61
CA LYS A 357 11.50 -42.15 14.50
C LYS A 357 12.41 -43.38 14.64
N LYS B 10 -5.92 9.35 -37.54
CA LYS B 10 -5.91 9.22 -36.05
C LYS B 10 -4.68 9.94 -35.48
N VAL B 11 -4.84 10.60 -34.33
CA VAL B 11 -3.77 11.38 -33.62
C VAL B 11 -3.89 11.08 -32.12
N TYR B 12 -2.75 10.89 -31.44
CA TYR B 12 -2.69 10.49 -30.01
C TYR B 12 -2.07 11.61 -29.17
N ASN B 13 -2.74 11.99 -28.08
CA ASN B 13 -2.29 13.03 -27.12
C ASN B 13 -2.07 14.35 -27.87
N ASP B 14 -3.00 14.72 -28.75
CA ASP B 14 -3.00 15.98 -29.54
C ASP B 14 -1.74 16.06 -30.42
N GLY B 15 -1.25 14.90 -30.90
CA GLY B 15 -0.15 14.82 -31.87
C GLY B 15 1.22 14.91 -31.22
N TYR B 16 1.28 14.89 -29.89
CA TYR B 16 2.55 14.91 -29.10
C TYR B 16 3.06 13.48 -28.91
N ASP B 17 2.18 12.48 -29.04
CA ASP B 17 2.49 11.05 -28.78
C ASP B 17 2.37 10.23 -30.07
N ASP B 18 3.15 9.14 -30.17
CA ASP B 18 3.09 8.13 -31.26
C ASP B 18 2.00 7.10 -30.93
N ASP B 19 1.86 6.06 -31.76
CA ASP B 19 0.89 4.96 -31.54
C ASP B 19 1.36 4.05 -30.39
N ASN B 20 2.68 3.97 -30.16
CA ASN B 20 3.30 3.13 -29.10
C ASN B 20 3.36 3.92 -27.78
N TYR B 21 2.43 4.87 -27.56
CA TYR B 21 2.24 5.63 -26.29
C TYR B 21 3.46 6.52 -25.97
N ASP B 22 4.50 6.48 -26.81
CA ASP B 22 5.79 7.22 -26.61
C ASP B 22 5.61 8.67 -27.05
N TYR B 23 6.40 9.59 -26.49
CA TYR B 23 6.50 11.01 -26.91
C TYR B 23 7.31 11.07 -28.19
N ILE B 24 6.84 11.83 -29.19
CA ILE B 24 7.56 12.03 -30.49
C ILE B 24 8.74 12.96 -30.22
N VAL B 25 9.92 12.37 -29.98
CA VAL B 25 11.19 13.10 -29.68
C VAL B 25 11.59 13.92 -30.92
N LYS B 26 11.57 15.26 -30.78
CA LYS B 26 12.00 16.22 -31.82
C LYS B 26 13.30 16.88 -31.35
N ASN B 27 14.37 16.78 -32.15
CA ASN B 27 15.71 17.32 -31.82
C ASN B 27 15.67 18.85 -31.89
N GLY B 28 16.12 19.52 -30.83
CA GLY B 28 16.16 20.99 -30.72
C GLY B 28 14.91 21.56 -30.08
N GLU B 29 13.94 20.72 -29.73
CA GLU B 29 12.68 21.13 -29.04
C GLU B 29 13.04 21.62 -27.64
N LYS B 30 12.36 22.66 -27.16
CA LYS B 30 12.56 23.24 -25.81
C LYS B 30 11.32 22.98 -24.95
N TRP B 31 11.53 22.42 -23.75
CA TRP B 31 10.47 22.05 -22.78
C TRP B 31 10.40 23.10 -21.67
N MET B 32 9.28 23.83 -21.59
CA MET B 32 8.97 24.82 -20.52
C MET B 32 10.03 25.92 -20.48
N ASP B 33 10.60 26.27 -21.64
CA ASP B 33 11.63 27.33 -21.81
C ASP B 33 12.82 27.04 -20.88
N ARG B 34 13.29 25.78 -20.85
CA ARG B 34 14.40 25.33 -19.95
C ARG B 34 15.24 24.25 -20.63
N TYR B 35 14.68 23.05 -20.83
CA TYR B 35 15.42 21.87 -21.36
C TYR B 35 15.37 21.85 -22.88
N GLU B 36 16.54 21.87 -23.53
CA GLU B 36 16.69 21.72 -25.00
C GLU B 36 17.10 20.27 -25.32
N ILE B 37 16.27 19.54 -26.07
CA ILE B 37 16.51 18.11 -26.43
C ILE B 37 17.60 18.07 -27.52
N ASP B 38 18.65 17.29 -27.31
CA ASP B 38 19.80 17.15 -28.25
C ASP B 38 19.54 15.97 -29.19
N SER B 39 19.39 14.77 -28.64
CA SER B 39 19.22 13.50 -29.41
C SER B 39 18.62 12.39 -28.54
N LEU B 40 18.15 11.32 -29.19
CA LEU B 40 17.65 10.09 -28.53
C LEU B 40 18.84 9.19 -28.22
N ILE B 41 19.06 8.87 -26.94
CA ILE B 41 20.26 8.12 -26.44
C ILE B 41 19.85 6.74 -25.89
N GLY B 42 18.55 6.50 -25.72
CA GLY B 42 18.02 5.22 -25.17
C GLY B 42 16.54 5.05 -25.47
N LYS B 43 16.11 3.80 -25.65
CA LYS B 43 14.69 3.42 -25.89
C LYS B 43 14.42 2.07 -25.23
N GLY B 44 13.17 1.83 -24.83
CA GLY B 44 12.72 0.56 -24.21
C GLY B 44 11.21 0.46 -24.14
N SER B 45 10.71 -0.58 -23.46
CA SER B 45 9.27 -0.80 -23.20
C SER B 45 8.72 0.30 -22.30
N PHE B 46 9.51 0.76 -21.33
CA PHE B 46 9.17 1.85 -20.38
C PHE B 46 8.82 3.13 -21.13
N GLY B 47 9.59 3.43 -22.19
CA GLY B 47 9.52 4.69 -22.95
C GLY B 47 10.84 4.97 -23.64
N GLN B 48 11.34 6.21 -23.56
CA GLN B 48 12.59 6.66 -24.24
C GLN B 48 13.46 7.45 -23.27
N VAL B 49 14.73 7.61 -23.62
CA VAL B 49 15.73 8.46 -22.91
C VAL B 49 16.34 9.42 -23.93
N VAL B 50 16.24 10.73 -23.66
CA VAL B 50 16.80 11.81 -24.52
C VAL B 50 17.91 12.52 -23.75
N LYS B 51 19.01 12.81 -24.43
CA LYS B 51 20.10 13.70 -23.95
C LYS B 51 19.63 15.15 -24.14
N ALA B 52 19.49 15.91 -23.05
CA ALA B 52 18.98 17.30 -23.08
C ALA B 52 19.88 18.21 -22.23
N TYR B 53 19.93 19.50 -22.60
CA TYR B 53 20.69 20.57 -21.90
C TYR B 53 19.71 21.41 -21.08
N ASP B 54 19.94 21.48 -19.76
CA ASP B 54 19.16 22.32 -18.81
C ASP B 54 19.76 23.73 -18.83
N ARG B 55 19.03 24.69 -19.41
CA ARG B 55 19.46 26.10 -19.56
C ARG B 55 19.63 26.74 -18.18
N VAL B 56 18.73 26.42 -17.25
CA VAL B 56 18.70 26.98 -15.87
C VAL B 56 19.99 26.56 -15.14
N GLU B 57 20.29 25.25 -15.09
CA GLU B 57 21.45 24.68 -14.34
C GLU B 57 22.70 24.70 -15.22
N GLN B 58 22.56 24.96 -16.52
CA GLN B 58 23.69 25.05 -17.49
C GLN B 58 24.53 23.78 -17.42
N GLU B 59 23.89 22.60 -17.47
CA GLU B 59 24.55 21.28 -17.45
C GLU B 59 23.76 20.30 -18.34
N TRP B 60 24.45 19.30 -18.89
CA TRP B 60 23.83 18.17 -19.64
C TRP B 60 23.09 17.26 -18.66
N VAL B 61 21.89 16.80 -19.04
CA VAL B 61 21.05 15.87 -18.23
C VAL B 61 20.47 14.79 -19.16
N ALA B 62 20.11 13.64 -18.59
CA ALA B 62 19.43 12.51 -19.26
C ALA B 62 17.98 12.45 -18.76
N ILE B 63 17.02 12.80 -19.62
CA ILE B 63 15.57 12.77 -19.28
C ILE B 63 14.99 11.44 -19.74
N LYS B 64 14.39 10.69 -18.80
CA LYS B 64 13.69 9.41 -19.05
C LYS B 64 12.20 9.71 -19.24
N ILE B 65 11.71 9.67 -20.48
CA ILE B 65 10.30 9.98 -20.84
C ILE B 65 9.50 8.67 -20.80
N ILE B 66 8.68 8.49 -19.76
CA ILE B 66 7.84 7.28 -19.56
C ILE B 66 6.65 7.35 -20.51
N LYS B 67 6.32 6.24 -21.18
CA LYS B 67 5.17 6.12 -22.10
C LYS B 67 3.91 6.67 -21.40
N ASN B 68 3.07 7.40 -22.14
CA ASN B 68 1.79 7.97 -21.65
C ASN B 68 0.79 6.83 -21.49
N LYS B 69 0.99 6.00 -20.47
CA LYS B 69 0.13 4.83 -20.13
C LYS B 69 0.06 4.71 -18.60
N LYS B 70 -1.11 4.31 -18.07
CA LYS B 70 -1.37 4.21 -16.61
C LYS B 70 -0.49 3.10 -16.01
N ALA B 71 -0.27 2.02 -16.78
CA ALA B 71 0.55 0.85 -16.36
C ALA B 71 2.02 1.26 -16.22
N PHE B 72 2.55 2.01 -17.20
CA PHE B 72 3.97 2.44 -17.27
C PHE B 72 4.23 3.58 -16.28
N LEU B 73 3.22 4.42 -16.02
CA LEU B 73 3.30 5.52 -15.01
C LEU B 73 3.45 4.92 -13.61
N ASN B 74 2.68 3.88 -13.29
CA ASN B 74 2.69 3.19 -11.97
C ASN B 74 4.06 2.54 -11.74
N GLN B 75 4.63 1.91 -12.76
CA GLN B 75 5.97 1.26 -12.70
C GLN B 75 7.04 2.33 -12.44
N ALA B 76 6.95 3.46 -13.15
CA ALA B 76 7.88 4.60 -13.05
C ALA B 76 7.78 5.24 -11.66
N GLN B 77 6.57 5.31 -11.09
CA GLN B 77 6.33 5.91 -9.74
C GLN B 77 7.07 5.10 -8.67
N ILE B 78 7.13 3.77 -8.83
CA ILE B 78 7.89 2.86 -7.91
C ILE B 78 9.37 3.21 -8.01
N GLU B 79 9.89 3.39 -9.24
CA GLU B 79 11.30 3.73 -9.52
C GLU B 79 11.64 5.07 -8.85
N VAL B 80 10.78 6.09 -9.04
CA VAL B 80 10.96 7.45 -8.45
C VAL B 80 11.03 7.32 -6.92
N ARG B 81 10.14 6.52 -6.33
CA ARG B 81 10.09 6.30 -4.86
C ARG B 81 11.43 5.73 -4.39
N LEU B 82 11.94 4.69 -5.06
CA LEU B 82 13.21 4.01 -4.70
C LEU B 82 14.39 4.98 -4.83
N LEU B 83 14.44 5.75 -5.93
CA LEU B 83 15.51 6.75 -6.20
C LEU B 83 15.48 7.84 -5.12
N GLU B 84 14.28 8.34 -4.78
CA GLU B 84 14.08 9.40 -3.75
C GLU B 84 14.48 8.85 -2.37
N LEU B 85 14.20 7.56 -2.11
CA LEU B 85 14.54 6.89 -0.83
C LEU B 85 16.06 6.81 -0.68
N MET B 86 16.78 6.53 -1.78
CA MET B 86 18.26 6.46 -1.82
C MET B 86 18.85 7.86 -1.58
N ASN B 87 18.18 8.91 -2.08
CA ASN B 87 18.58 10.34 -1.90
C ASN B 87 18.40 10.75 -0.43
N LYS B 88 17.39 10.19 0.26
CA LYS B 88 17.08 10.49 1.68
C LYS B 88 18.24 10.06 2.59
N HIS B 89 19.13 9.18 2.12
CA HIS B 89 20.27 8.62 2.89
C HIS B 89 21.59 9.24 2.41
N ASP B 90 22.20 10.09 3.25
CA ASP B 90 23.49 10.78 2.99
C ASP B 90 24.66 9.83 3.29
N THR B 91 25.35 9.38 2.24
CA THR B 91 26.49 8.44 2.30
C THR B 91 27.45 8.74 1.14
N GLU B 92 28.73 8.37 1.27
CA GLU B 92 29.76 8.46 0.21
C GLU B 92 29.52 7.35 -0.82
N MET B 93 28.87 6.26 -0.39
CA MET B 93 28.63 5.01 -1.17
C MET B 93 27.53 5.21 -2.22
N LYS B 94 26.57 6.12 -1.96
CA LYS B 94 25.39 6.34 -2.84
C LYS B 94 25.81 7.06 -4.13
N TYR B 95 27.03 7.60 -4.18
CA TYR B 95 27.61 8.30 -5.36
C TYR B 95 28.26 7.28 -6.31
N TYR B 96 27.90 6.00 -6.18
CA TYR B 96 28.16 4.92 -7.18
C TYR B 96 26.83 4.46 -7.78
N ILE B 97 25.75 5.18 -7.47
CA ILE B 97 24.37 4.94 -8.00
C ILE B 97 23.87 6.23 -8.65
N VAL B 98 23.21 6.10 -9.80
CA VAL B 98 22.67 7.26 -10.59
C VAL B 98 21.77 8.07 -9.66
N HIS B 99 21.88 9.40 -9.74
CA HIS B 99 21.08 10.37 -8.95
C HIS B 99 19.96 10.93 -9.83
N LEU B 100 18.73 10.92 -9.32
CA LEU B 100 17.56 11.58 -9.96
C LEU B 100 17.50 13.03 -9.47
N LYS B 101 17.79 13.99 -10.35
CA LYS B 101 17.82 15.44 -10.03
C LYS B 101 16.40 15.90 -9.72
N ARG B 102 15.44 15.56 -10.58
CA ARG B 102 14.00 15.91 -10.42
C ARG B 102 13.14 15.06 -11.35
N HIS B 103 11.84 14.98 -11.05
CA HIS B 103 10.79 14.35 -11.89
C HIS B 103 9.63 15.35 -12.05
N PHE B 104 8.98 15.34 -13.21
CA PHE B 104 7.83 16.23 -13.53
C PHE B 104 6.95 15.59 -14.62
N MET B 105 5.70 16.05 -14.69
CA MET B 105 4.71 15.65 -15.73
C MET B 105 4.73 16.70 -16.85
N PHE B 106 5.14 16.31 -18.06
CA PHE B 106 5.20 17.19 -19.26
C PHE B 106 4.36 16.55 -20.37
N ARG B 107 3.24 17.19 -20.72
CA ARG B 107 2.30 16.74 -21.79
C ARG B 107 1.82 15.32 -21.48
N ASN B 108 1.45 15.07 -20.21
CA ASN B 108 0.90 13.79 -19.69
C ASN B 108 1.95 12.68 -19.78
N HIS B 109 3.24 13.02 -19.63
CA HIS B 109 4.39 12.08 -19.63
C HIS B 109 5.21 12.28 -18.36
N LEU B 110 5.33 11.24 -17.51
CA LEU B 110 6.26 11.26 -16.36
C LEU B 110 7.68 11.34 -16.88
N CYS B 111 8.47 12.32 -16.40
CA CYS B 111 9.84 12.62 -16.89
C CYS B 111 10.82 12.60 -15.72
N LEU B 112 11.68 11.57 -15.68
CA LEU B 112 12.77 11.42 -14.68
C LEU B 112 14.03 12.08 -15.23
N VAL B 113 14.49 13.16 -14.59
CA VAL B 113 15.71 13.93 -14.98
C VAL B 113 16.91 13.36 -14.22
N PHE B 114 17.81 12.70 -14.94
CA PHE B 114 19.03 12.04 -14.40
C PHE B 114 20.26 12.86 -14.78
N GLU B 115 21.31 12.77 -13.95
CA GLU B 115 22.68 13.27 -14.29
C GLU B 115 23.15 12.53 -15.55
N MET B 116 23.71 13.27 -16.51
CA MET B 116 24.18 12.75 -17.82
C MET B 116 25.54 12.06 -17.61
N LEU B 117 25.65 10.78 -18.01
CA LEU B 117 26.85 9.92 -17.82
C LEU B 117 27.48 9.67 -19.19
N SER B 118 28.26 8.59 -19.34
CA SER B 118 29.01 8.25 -20.58
C SER B 118 28.68 6.82 -21.04
N TYR B 119 29.65 6.14 -21.67
CA TYR B 119 29.52 4.76 -22.21
C TYR B 119 29.13 3.79 -21.09
N ASN B 120 28.29 2.80 -21.44
CA ASN B 120 28.05 1.59 -20.61
C ASN B 120 29.22 0.63 -20.79
N LEU B 121 29.26 -0.45 -20.00
CA LEU B 121 30.39 -1.43 -20.00
C LEU B 121 30.27 -2.37 -21.21
N TYR B 122 29.06 -2.60 -21.74
CA TYR B 122 28.85 -3.39 -22.98
C TYR B 122 29.43 -2.61 -24.17
N ASP B 123 29.22 -1.29 -24.21
CA ASP B 123 29.81 -0.37 -25.23
C ASP B 123 31.33 -0.50 -25.20
N LEU B 124 31.91 -0.50 -23.99
CA LEU B 124 33.38 -0.62 -23.77
C LEU B 124 33.84 -2.04 -24.15
N LEU B 125 33.07 -3.06 -23.79
CA LEU B 125 33.30 -4.48 -24.23
C LEU B 125 33.43 -4.52 -25.76
N ARG B 126 32.56 -3.78 -26.47
CA ARG B 126 32.53 -3.73 -27.96
C ARG B 126 33.68 -2.85 -28.48
N ASN B 127 34.16 -1.90 -27.67
CA ASN B 127 35.33 -1.04 -27.97
C ASN B 127 36.64 -1.82 -27.80
N THR B 128 36.58 -3.05 -27.25
CA THR B 128 37.71 -4.00 -27.14
C THR B 128 37.53 -5.16 -28.14
N ASN B 129 36.52 -5.07 -29.01
CA ASN B 129 36.11 -6.13 -29.98
C ASN B 129 35.79 -7.43 -29.22
N PHE B 130 35.22 -7.30 -28.02
CA PHE B 130 34.80 -8.41 -27.12
C PHE B 130 35.98 -9.35 -26.83
N ARG B 131 37.19 -8.79 -26.70
CA ARG B 131 38.42 -9.54 -26.31
C ARG B 131 38.67 -9.37 -24.80
N GLY B 132 38.07 -8.34 -24.19
CA GLY B 132 38.03 -8.15 -22.73
C GLY B 132 38.71 -6.87 -22.28
N VAL B 133 39.02 -6.78 -20.98
CA VAL B 133 39.60 -5.58 -20.31
C VAL B 133 40.56 -6.06 -19.21
N SER B 134 41.64 -5.32 -18.98
CA SER B 134 42.72 -5.66 -18.00
C SER B 134 42.13 -5.88 -16.60
N LEU B 135 42.71 -6.81 -15.83
CA LEU B 135 42.31 -7.10 -14.42
C LEU B 135 42.36 -5.81 -13.60
N ASN B 136 43.36 -4.95 -13.85
CA ASN B 136 43.54 -3.66 -13.15
C ASN B 136 42.24 -2.85 -13.26
N LEU B 137 41.63 -2.80 -14.45
CA LEU B 137 40.36 -2.06 -14.68
C LEU B 137 39.16 -2.90 -14.23
N THR B 138 39.18 -4.22 -14.41
CA THR B 138 38.16 -5.16 -13.90
C THR B 138 38.15 -5.09 -12.37
N ARG B 139 39.32 -4.89 -11.76
CA ARG B 139 39.52 -4.68 -10.29
C ARG B 139 38.88 -3.35 -9.88
N LYS B 140 39.07 -2.30 -10.68
CA LYS B 140 38.52 -0.93 -10.45
C LYS B 140 37.00 -1.01 -10.34
N PHE B 141 36.35 -1.56 -11.38
CA PHE B 141 34.87 -1.67 -11.51
C PHE B 141 34.31 -2.51 -10.36
N ALA B 142 34.94 -3.65 -10.06
CA ALA B 142 34.51 -4.62 -9.03
C ALA B 142 34.39 -3.93 -7.66
N GLN B 143 35.38 -3.11 -7.28
CA GLN B 143 35.43 -2.39 -5.98
C GLN B 143 34.23 -1.44 -5.88
N GLN B 144 34.01 -0.62 -6.92
CA GLN B 144 32.93 0.40 -6.97
C GLN B 144 31.56 -0.29 -6.87
N MET B 145 31.37 -1.39 -7.62
CA MET B 145 30.11 -2.16 -7.69
C MET B 145 29.75 -2.71 -6.30
N CYS B 146 30.72 -3.31 -5.61
CA CYS B 146 30.55 -3.90 -4.26
C CYS B 146 30.08 -2.83 -3.26
N THR B 147 30.62 -1.61 -3.37
CA THR B 147 30.25 -0.46 -2.51
C THR B 147 28.80 -0.03 -2.82
N ALA B 148 28.40 -0.08 -4.10
CA ALA B 148 27.03 0.24 -4.56
C ALA B 148 26.05 -0.79 -3.99
N LEU B 149 26.38 -2.08 -4.05
CA LEU B 149 25.55 -3.19 -3.50
C LEU B 149 25.47 -3.06 -1.97
N LEU B 150 26.60 -2.76 -1.32
CA LEU B 150 26.67 -2.52 0.15
C LEU B 150 25.72 -1.39 0.53
N PHE B 151 25.66 -0.32 -0.28
CA PHE B 151 24.76 0.83 -0.06
C PHE B 151 23.30 0.38 -0.24
N LEU B 152 23.00 -0.35 -1.32
CA LEU B 152 21.64 -0.89 -1.61
C LEU B 152 21.21 -1.84 -0.48
N ALA B 153 22.18 -2.41 0.24
CA ALA B 153 21.97 -3.40 1.33
C ALA B 153 21.70 -2.69 2.67
N THR B 154 21.66 -1.35 2.71
CA THR B 154 21.28 -0.57 3.92
C THR B 154 19.87 -1.01 4.33
N PRO B 155 19.68 -1.45 5.60
CA PRO B 155 18.41 -2.06 6.03
C PRO B 155 17.14 -1.29 5.64
N GLU B 156 17.19 0.05 5.70
CA GLU B 156 16.05 0.94 5.39
C GLU B 156 15.75 0.87 3.89
N LEU B 157 16.78 0.76 3.04
CA LEU B 157 16.65 0.61 1.57
C LEU B 157 16.32 -0.85 1.23
N SER B 158 17.25 -1.78 1.52
CA SER B 158 17.14 -3.23 1.21
C SER B 158 16.68 -3.41 -0.24
N ILE B 159 17.36 -2.72 -1.17
CA ILE B 159 16.97 -2.63 -2.61
C ILE B 159 17.68 -3.75 -3.38
N ILE B 160 16.89 -4.57 -4.08
CA ILE B 160 17.38 -5.51 -5.13
C ILE B 160 17.30 -4.76 -6.46
N HIS B 161 18.43 -4.49 -7.11
CA HIS B 161 18.49 -3.85 -8.44
C HIS B 161 17.70 -4.71 -9.43
N CYS B 162 17.91 -6.04 -9.38
CA CYS B 162 17.04 -7.06 -10.01
C CYS B 162 17.30 -7.14 -11.52
N ASP B 163 18.30 -6.40 -12.05
CA ASP B 163 18.60 -6.35 -13.50
C ASP B 163 20.02 -5.81 -13.74
N LEU B 164 21.01 -6.24 -12.95
CA LEU B 164 22.42 -5.84 -13.15
C LEU B 164 22.98 -6.56 -14.38
N LYS B 165 23.63 -5.79 -15.26
CA LYS B 165 24.29 -6.28 -16.50
C LYS B 165 25.21 -5.18 -17.00
N PRO B 166 26.20 -5.49 -17.87
CA PRO B 166 27.13 -4.46 -18.37
C PRO B 166 26.43 -3.24 -18.97
N GLU B 167 25.27 -3.43 -19.61
CA GLU B 167 24.46 -2.38 -20.27
C GLU B 167 24.01 -1.32 -19.24
N ASN B 168 23.81 -1.71 -17.98
CA ASN B 168 23.24 -0.86 -16.90
C ASN B 168 24.34 -0.33 -15.96
N ILE B 169 25.62 -0.45 -16.33
CA ILE B 169 26.78 0.10 -15.56
C ILE B 169 27.49 1.10 -16.48
N LEU B 170 27.28 2.40 -16.27
CA LEU B 170 27.79 3.50 -17.14
C LEU B 170 28.98 4.19 -16.46
N LEU B 171 30.05 4.44 -17.23
CA LEU B 171 31.20 5.28 -16.82
C LEU B 171 30.73 6.73 -16.70
N CYS B 172 31.25 7.48 -15.73
CA CYS B 172 30.96 8.93 -15.54
C CYS B 172 31.41 9.69 -16.79
N ASN B 173 32.63 9.41 -17.28
CA ASN B 173 33.18 9.95 -18.55
C ASN B 173 34.07 8.87 -19.19
N PRO B 174 34.33 8.95 -20.52
CA PRO B 174 35.01 7.86 -21.23
C PRO B 174 36.43 7.56 -20.74
N LYS B 175 37.17 8.58 -20.27
CA LYS B 175 38.60 8.45 -19.86
C LYS B 175 38.72 8.33 -18.33
N ARG B 176 37.60 8.25 -17.61
CA ARG B 176 37.58 8.04 -16.13
C ARG B 176 37.02 6.65 -15.83
N SER B 177 37.60 5.96 -14.84
CA SER B 177 37.24 4.58 -14.41
C SER B 177 35.96 4.59 -13.57
N ALA B 178 35.58 5.73 -13.00
CA ALA B 178 34.36 5.91 -12.17
C ALA B 178 33.12 5.46 -12.95
N ILE B 179 32.27 4.64 -12.33
CA ILE B 179 31.03 4.05 -12.92
C ILE B 179 29.86 4.32 -11.96
N LYS B 180 28.63 4.18 -12.47
CA LYS B 180 27.38 4.29 -11.67
C LYS B 180 26.36 3.27 -12.18
N ILE B 181 25.45 2.83 -11.31
CA ILE B 181 24.34 1.89 -11.63
C ILE B 181 23.14 2.70 -12.08
N VAL B 182 22.49 2.27 -13.16
CA VAL B 182 21.31 2.95 -13.79
C VAL B 182 20.20 1.92 -14.01
N ASP B 183 19.02 2.37 -14.43
CA ASP B 183 17.82 1.54 -14.74
C ASP B 183 17.41 0.81 -13.46
N PHE B 184 16.78 1.53 -12.54
CA PHE B 184 16.18 0.99 -11.28
C PHE B 184 14.67 0.78 -11.48
N GLY B 185 14.23 0.67 -12.74
CA GLY B 185 12.81 0.49 -13.11
C GLY B 185 12.31 -0.92 -12.84
N SER B 186 13.21 -1.91 -12.89
CA SER B 186 12.93 -3.34 -12.59
C SER B 186 13.25 -3.64 -11.12
N SER B 187 13.80 -2.66 -10.38
CA SER B 187 14.23 -2.80 -8.97
C SER B 187 13.01 -2.98 -8.06
N CYS B 188 13.21 -3.69 -6.95
CA CYS B 188 12.19 -3.93 -5.89
C CYS B 188 12.89 -3.97 -4.52
N GLN B 189 12.16 -3.70 -3.45
CA GLN B 189 12.66 -3.79 -2.05
C GLN B 189 12.42 -5.21 -1.52
N LEU B 190 13.24 -5.66 -0.58
CA LEU B 190 13.12 -6.99 0.06
C LEU B 190 11.72 -7.13 0.66
N GLY B 191 11.04 -8.24 0.39
CA GLY B 191 9.69 -8.53 0.88
C GLY B 191 9.15 -9.83 0.33
N GLN B 192 7.84 -10.06 0.47
CA GLN B 192 7.13 -11.23 -0.10
C GLN B 192 7.36 -11.20 -1.63
N ARG B 193 7.64 -12.37 -2.22
CA ARG B 193 7.93 -12.51 -3.67
C ARG B 193 6.66 -12.14 -4.46
N ILE B 194 6.80 -11.28 -5.47
CA ILE B 194 5.71 -10.86 -6.41
C ILE B 194 6.07 -11.30 -7.83
N TYR B 195 7.37 -11.38 -8.16
CA TYR B 195 7.90 -11.78 -9.49
C TYR B 195 8.78 -13.03 -9.36
N GLN B 196 8.75 -13.91 -10.37
CA GLN B 196 9.61 -15.12 -10.44
C GLN B 196 10.57 -15.01 -11.63
N PTR B 197 10.05 -14.57 -12.78
CA PTR B 197 10.87 -14.35 -13.97
C PTR B 197 11.52 -12.98 -13.87
O PTR B 197 10.94 -11.97 -14.27
CB PTR B 197 9.98 -14.49 -15.22
CG PTR B 197 10.68 -14.50 -16.56
CD1 PTR B 197 10.23 -13.70 -17.59
CD2 PTR B 197 11.75 -15.35 -16.81
CE1 PTR B 197 10.83 -13.71 -18.84
CE2 PTR B 197 12.38 -15.37 -18.05
CZ PTR B 197 11.89 -14.54 -19.06
OH PTR B 197 12.47 -14.53 -20.33
P PTR B 197 14.02 -14.48 -20.67
O1P PTR B 197 14.66 -15.79 -20.28
O2P PTR B 197 14.63 -13.34 -19.88
O3P PTR B 197 14.16 -14.25 -22.15
N ILE B 198 12.74 -12.95 -13.31
CA ILE B 198 13.46 -11.70 -13.07
C ILE B 198 14.93 -11.86 -13.48
N GLN B 199 15.64 -10.74 -13.59
CA GLN B 199 17.07 -10.62 -13.99
C GLN B 199 17.22 -10.92 -15.48
N SER B 200 18.26 -10.35 -16.10
CA SER B 200 18.70 -10.67 -17.49
C SER B 200 19.30 -12.08 -17.50
N ARG B 201 18.86 -12.92 -18.45
CA ARG B 201 19.05 -14.40 -18.43
C ARG B 201 20.52 -14.75 -18.17
N PHE B 202 21.47 -14.10 -18.84
CA PHE B 202 22.93 -14.37 -18.73
C PHE B 202 23.41 -14.11 -17.30
N TYR B 203 22.68 -13.27 -16.56
CA TYR B 203 23.06 -12.76 -15.21
C TYR B 203 22.03 -13.20 -14.16
N ARG B 204 21.17 -14.16 -14.51
CA ARG B 204 20.08 -14.69 -13.64
C ARG B 204 20.66 -15.74 -12.70
N SER B 205 20.33 -15.65 -11.42
CA SER B 205 20.87 -16.48 -10.31
C SER B 205 20.24 -17.88 -10.34
N PRO B 206 20.89 -18.90 -9.72
CA PRO B 206 20.31 -20.23 -9.60
C PRO B 206 18.99 -20.21 -8.81
N GLU B 207 18.93 -19.46 -7.71
CA GLU B 207 17.69 -19.26 -6.90
C GLU B 207 16.50 -19.05 -7.82
N VAL B 208 16.61 -18.08 -8.73
CA VAL B 208 15.50 -17.56 -9.58
C VAL B 208 15.13 -18.63 -10.62
N LEU B 209 16.11 -19.23 -11.27
CA LEU B 209 15.94 -20.34 -12.26
C LEU B 209 15.22 -21.52 -11.59
N LEU B 210 15.56 -21.82 -10.34
CA LEU B 210 15.04 -22.98 -9.57
C LEU B 210 13.69 -22.64 -8.91
N GLY B 211 13.24 -21.39 -9.00
CA GLY B 211 11.95 -20.92 -8.45
C GLY B 211 11.96 -20.89 -6.93
N MET B 212 13.13 -20.65 -6.33
CA MET B 212 13.34 -20.62 -4.86
C MET B 212 13.17 -19.19 -4.36
N PRO B 213 13.05 -18.97 -3.03
CA PRO B 213 13.05 -17.62 -2.46
C PRO B 213 14.36 -16.90 -2.80
N TYR B 214 14.29 -15.58 -3.05
CA TYR B 214 15.47 -14.74 -3.40
C TYR B 214 15.47 -13.47 -2.55
N ASP B 215 16.66 -12.90 -2.35
CA ASP B 215 16.90 -11.65 -1.60
C ASP B 215 17.94 -10.84 -2.39
N LEU B 216 18.74 -10.01 -1.72
CA LEU B 216 19.73 -9.09 -2.37
C LEU B 216 20.95 -9.85 -2.89
N ALA B 217 21.05 -11.16 -2.61
CA ALA B 217 22.17 -12.03 -3.05
C ALA B 217 22.14 -12.20 -4.58
N ILE B 218 20.98 -12.11 -5.22
CA ILE B 218 20.82 -12.33 -6.70
C ILE B 218 21.64 -11.29 -7.46
N ASP B 219 21.70 -10.05 -6.95
CA ASP B 219 22.50 -8.94 -7.53
C ASP B 219 23.99 -9.30 -7.43
N MET B 220 24.42 -9.87 -6.30
CA MET B 220 25.82 -10.27 -6.04
C MET B 220 26.23 -11.35 -7.06
N TRP B 221 25.33 -12.31 -7.33
CA TRP B 221 25.53 -13.35 -8.37
C TRP B 221 25.74 -12.68 -9.72
N SER B 222 24.85 -11.74 -10.08
CA SER B 222 24.91 -10.95 -11.33
C SER B 222 26.27 -10.25 -11.42
N LEU B 223 26.69 -9.57 -10.34
CA LEU B 223 27.98 -8.84 -10.27
C LEU B 223 29.12 -9.79 -10.62
N GLY B 224 29.12 -10.99 -10.02
CA GLY B 224 30.14 -12.03 -10.25
C GLY B 224 30.24 -12.41 -11.72
N CYS B 225 29.09 -12.62 -12.38
CA CYS B 225 28.98 -12.94 -13.82
C CYS B 225 29.55 -11.80 -14.67
N ILE B 226 29.23 -10.55 -14.29
CA ILE B 226 29.64 -9.32 -15.03
C ILE B 226 31.16 -9.18 -15.00
N LEU B 227 31.79 -9.35 -13.84
CA LEU B 227 33.25 -9.15 -13.65
C LEU B 227 34.06 -10.10 -14.55
N VAL B 228 33.64 -11.37 -14.63
CA VAL B 228 34.28 -12.40 -15.51
C VAL B 228 34.12 -11.96 -16.97
N GLU B 229 32.92 -11.50 -17.34
CA GLU B 229 32.59 -11.08 -18.73
C GLU B 229 33.51 -9.94 -19.17
N MET B 230 33.74 -8.96 -18.29
CA MET B 230 34.57 -7.76 -18.59
C MET B 230 36.00 -8.20 -18.95
N HIS B 231 36.58 -9.13 -18.20
CA HIS B 231 37.97 -9.59 -18.41
C HIS B 231 38.05 -10.52 -19.62
N THR B 232 37.10 -11.46 -19.76
CA THR B 232 37.04 -12.44 -20.87
C THR B 232 36.67 -11.74 -22.17
N GLY B 233 35.67 -10.85 -22.13
CA GLY B 233 35.09 -10.18 -23.30
C GLY B 233 33.81 -10.85 -23.76
N GLU B 234 33.40 -11.95 -23.10
CA GLU B 234 32.19 -12.74 -23.45
C GLU B 234 31.43 -13.12 -22.18
N PRO B 235 30.09 -13.26 -22.25
CA PRO B 235 29.29 -13.56 -21.08
C PRO B 235 29.67 -14.95 -20.54
N LEU B 236 29.88 -15.07 -19.23
CA LEU B 236 30.30 -16.33 -18.56
C LEU B 236 29.28 -17.43 -18.89
N PHE B 237 27.99 -17.15 -18.66
CA PHE B 237 26.86 -18.09 -18.90
C PHE B 237 25.88 -17.47 -19.92
N SER B 238 26.10 -17.77 -21.21
CA SER B 238 25.29 -17.25 -22.34
C SER B 238 24.27 -18.31 -22.78
N GLY B 239 23.18 -18.45 -22.04
CA GLY B 239 22.10 -19.43 -22.30
C GLY B 239 21.09 -18.88 -23.30
N ALA B 240 20.67 -19.70 -24.27
CA ALA B 240 19.59 -19.41 -25.24
C ALA B 240 18.24 -19.40 -24.52
N ASN B 241 18.08 -20.28 -23.52
CA ASN B 241 16.85 -20.47 -22.72
C ASN B 241 17.24 -20.77 -21.27
N GLU B 242 16.26 -20.88 -20.37
CA GLU B 242 16.49 -21.11 -18.92
C GLU B 242 17.14 -22.48 -18.69
N VAL B 243 16.78 -23.49 -19.51
CA VAL B 243 17.38 -24.87 -19.44
C VAL B 243 18.84 -24.81 -19.88
N ASP B 244 19.13 -24.10 -20.98
CA ASP B 244 20.50 -23.86 -21.48
C ASP B 244 21.28 -23.09 -20.40
N GLN B 245 20.67 -22.04 -19.83
CA GLN B 245 21.29 -21.16 -18.81
C GLN B 245 21.83 -22.01 -17.64
N MET B 246 20.98 -22.85 -17.05
CA MET B 246 21.34 -23.72 -15.90
C MET B 246 22.50 -24.65 -16.29
N ASN B 247 22.39 -25.30 -17.45
CA ASN B 247 23.41 -26.28 -17.96
C ASN B 247 24.77 -25.58 -18.09
N LYS B 248 24.81 -24.32 -18.53
CA LYS B 248 26.05 -23.54 -18.72
C LYS B 248 26.63 -23.15 -17.35
N ILE B 249 25.77 -22.89 -16.36
CA ILE B 249 26.19 -22.64 -14.95
C ILE B 249 26.77 -23.95 -14.38
N VAL B 250 26.07 -25.07 -14.58
CA VAL B 250 26.47 -26.43 -14.08
C VAL B 250 27.84 -26.79 -14.67
N GLU B 251 28.06 -26.51 -15.96
CA GLU B 251 29.34 -26.75 -16.68
C GLU B 251 30.52 -26.24 -15.84
N VAL B 252 30.39 -25.06 -15.24
CA VAL B 252 31.47 -24.35 -14.50
C VAL B 252 31.45 -24.75 -13.02
N LEU B 253 30.28 -24.68 -12.37
CA LEU B 253 30.14 -24.74 -10.89
C LEU B 253 29.77 -26.16 -10.41
N GLY B 254 29.50 -27.09 -11.33
CA GLY B 254 29.06 -28.46 -11.01
C GLY B 254 27.58 -28.51 -10.69
N ILE B 255 27.09 -29.67 -10.23
CA ILE B 255 25.66 -29.88 -9.82
C ILE B 255 25.42 -29.05 -8.56
N PRO B 256 24.32 -28.27 -8.47
CA PRO B 256 23.98 -27.60 -7.22
C PRO B 256 23.87 -28.60 -6.06
N PRO B 257 24.17 -28.18 -4.82
CA PRO B 257 24.10 -29.09 -3.67
C PRO B 257 22.69 -29.68 -3.50
N ALA B 258 22.62 -30.96 -3.14
CA ALA B 258 21.37 -31.76 -3.03
C ALA B 258 20.39 -31.09 -2.08
N HIS B 259 20.88 -30.47 -1.00
CA HIS B 259 20.05 -29.82 0.05
C HIS B 259 19.27 -28.64 -0.53
N ILE B 260 19.83 -27.96 -1.54
CA ILE B 260 19.15 -26.84 -2.28
C ILE B 260 18.11 -27.43 -3.23
N LEU B 261 18.51 -28.43 -4.04
CA LEU B 261 17.67 -29.04 -5.10
C LEU B 261 16.46 -29.76 -4.49
N ASP B 262 16.63 -30.34 -3.29
CA ASP B 262 15.54 -31.03 -2.53
C ASP B 262 14.39 -30.04 -2.29
N GLN B 263 14.70 -28.80 -1.90
CA GLN B 263 13.71 -27.72 -1.65
C GLN B 263 13.19 -27.16 -2.98
N ALA B 264 14.09 -27.02 -3.97
CA ALA B 264 13.89 -26.25 -5.22
C ALA B 264 12.63 -26.71 -5.95
N PRO B 265 11.59 -25.85 -6.07
CA PRO B 265 10.37 -26.19 -6.81
C PRO B 265 10.58 -26.55 -8.30
N LYS B 266 11.49 -25.85 -9.00
CA LYS B 266 11.79 -26.09 -10.44
C LYS B 266 13.09 -26.90 -10.58
N ALA B 267 13.42 -27.73 -9.59
CA ALA B 267 14.61 -28.62 -9.59
C ALA B 267 14.50 -29.63 -10.73
N ARG B 268 13.29 -30.16 -10.96
CA ARG B 268 13.01 -31.24 -11.95
C ARG B 268 13.03 -30.69 -13.39
N LYS B 269 13.01 -29.36 -13.57
CA LYS B 269 13.08 -28.72 -14.90
C LYS B 269 14.44 -29.01 -15.54
N PHE B 270 15.52 -28.96 -14.76
CA PHE B 270 16.92 -29.13 -15.24
C PHE B 270 17.53 -30.44 -14.73
N PHE B 271 17.06 -30.97 -13.58
CA PHE B 271 17.70 -32.12 -12.88
C PHE B 271 16.70 -33.26 -12.67
N GLU B 272 17.25 -34.45 -12.39
CA GLU B 272 16.51 -35.71 -12.12
C GLU B 272 17.13 -36.38 -10.89
N LYS B 273 16.31 -36.70 -9.88
CA LYS B 273 16.77 -37.37 -8.62
C LYS B 273 16.68 -38.89 -8.80
N LEU B 274 17.79 -39.59 -8.52
CA LEU B 274 17.92 -41.07 -8.59
C LEU B 274 17.48 -41.68 -7.27
N PRO B 275 17.40 -43.03 -7.16
CA PRO B 275 17.04 -43.69 -5.90
C PRO B 275 18.00 -43.39 -4.75
N ASP B 276 19.28 -43.19 -5.06
CA ASP B 276 20.37 -42.92 -4.09
C ASP B 276 20.15 -41.58 -3.38
N GLY B 277 19.47 -40.64 -4.04
CA GLY B 277 19.22 -39.27 -3.53
C GLY B 277 20.18 -38.27 -4.15
N THR B 278 21.07 -38.73 -5.04
CA THR B 278 21.98 -37.90 -5.85
C THR B 278 21.18 -37.24 -6.97
N TRP B 279 21.60 -36.04 -7.40
CA TRP B 279 20.97 -35.24 -8.49
C TRP B 279 21.88 -35.25 -9.72
N ASN B 280 21.31 -35.44 -10.91
CA ASN B 280 22.02 -35.40 -12.21
C ASN B 280 21.16 -34.63 -13.22
N LEU B 281 21.78 -34.09 -14.27
CA LEU B 281 21.11 -33.21 -15.28
C LEU B 281 20.24 -34.09 -16.18
N LYS B 282 19.29 -33.47 -16.89
CA LYS B 282 18.38 -34.15 -17.85
C LYS B 282 18.82 -33.83 -19.28
N LYS B 283 18.17 -34.46 -20.26
CA LYS B 283 18.42 -34.31 -21.72
C LYS B 283 19.93 -34.46 -22.00
N GLU B 290 26.11 -33.35 -25.74
CA GLU B 290 25.73 -31.90 -25.69
C GLU B 290 26.79 -31.11 -24.90
N TYR B 291 26.57 -30.95 -23.60
CA TYR B 291 27.30 -30.01 -22.71
C TYR B 291 28.59 -30.66 -22.19
N LYS B 292 29.46 -29.83 -21.59
CA LYS B 292 30.68 -30.28 -20.87
C LYS B 292 30.23 -30.90 -19.55
N PRO B 293 30.93 -31.92 -19.02
CA PRO B 293 30.48 -32.57 -17.78
C PRO B 293 30.42 -31.59 -16.62
N PRO B 294 29.52 -31.81 -15.64
CA PRO B 294 29.35 -30.89 -14.51
C PRO B 294 30.66 -30.48 -13.84
N GLY B 295 30.93 -29.17 -13.80
CA GLY B 295 32.03 -28.55 -13.03
C GLY B 295 33.40 -28.78 -13.63
N THR B 296 33.49 -29.25 -14.88
CA THR B 296 34.76 -29.52 -15.61
C THR B 296 35.28 -28.23 -16.24
N ARG B 297 34.37 -27.33 -16.66
CA ARG B 297 34.71 -26.00 -17.25
C ARG B 297 35.11 -25.05 -16.11
N LYS B 298 36.25 -25.34 -15.45
CA LYS B 298 36.72 -24.61 -14.25
C LYS B 298 36.94 -23.14 -14.60
N LEU B 299 36.67 -22.23 -13.66
CA LEU B 299 36.93 -20.77 -13.83
C LEU B 299 38.44 -20.52 -13.78
N HIS B 300 39.22 -21.51 -13.32
CA HIS B 300 40.69 -21.58 -13.49
C HIS B 300 41.01 -21.52 -14.99
N ASN B 301 40.31 -22.32 -15.79
CA ASN B 301 40.48 -22.44 -17.27
C ASN B 301 39.91 -21.20 -17.97
N ILE B 302 38.74 -20.72 -17.54
CA ILE B 302 37.98 -19.60 -18.20
C ILE B 302 38.77 -18.29 -18.03
N LEU B 303 39.17 -17.95 -16.80
CA LEU B 303 40.00 -16.75 -16.51
C LEU B 303 41.37 -16.91 -17.19
N GLY B 304 41.90 -18.13 -17.21
CA GLY B 304 43.26 -18.42 -17.69
C GLY B 304 44.29 -18.04 -16.66
N VAL B 305 44.15 -18.60 -15.44
CA VAL B 305 44.92 -18.22 -14.22
C VAL B 305 46.42 -18.46 -14.46
N GLU B 306 46.77 -19.54 -15.18
CA GLU B 306 48.18 -19.97 -15.41
C GLU B 306 48.52 -20.00 -16.92
N THR B 307 47.54 -19.82 -17.80
CA THR B 307 47.68 -20.02 -19.27
C THR B 307 47.79 -18.65 -19.98
N GLY B 308 48.12 -17.59 -19.24
CA GLY B 308 48.38 -16.24 -19.80
C GLY B 308 47.11 -15.46 -20.10
N GLY B 309 46.00 -15.80 -19.44
CA GLY B 309 44.73 -15.06 -19.50
C GLY B 309 43.77 -15.60 -20.55
N PRO B 310 42.62 -14.93 -20.77
CA PRO B 310 41.61 -15.39 -21.72
C PRO B 310 42.09 -15.31 -23.18
N GLY B 311 42.31 -16.47 -23.80
CA GLY B 311 42.87 -16.60 -25.17
C GLY B 311 44.38 -16.41 -25.19
N GLY B 312 45.02 -16.36 -24.02
CA GLY B 312 46.48 -16.16 -23.86
C GLY B 312 46.92 -14.79 -24.34
N ARG B 313 46.03 -13.79 -24.30
CA ARG B 313 46.27 -12.42 -24.82
C ARG B 313 47.06 -11.60 -23.78
N ARG B 314 46.88 -11.91 -22.48
CA ARG B 314 47.39 -11.09 -21.34
C ARG B 314 48.72 -11.65 -20.82
N ALA B 315 49.33 -12.60 -21.55
CA ALA B 315 50.64 -13.22 -21.18
C ALA B 315 51.76 -12.18 -21.29
N GLY B 316 52.45 -11.91 -20.18
CA GLY B 316 53.57 -10.95 -20.10
C GLY B 316 53.08 -9.52 -19.88
N GLU B 317 51.88 -9.36 -19.32
CA GLU B 317 51.29 -8.04 -18.96
C GLU B 317 51.40 -7.85 -17.44
N SER B 318 51.92 -6.70 -17.00
CA SER B 318 52.09 -6.34 -15.56
C SER B 318 50.70 -6.12 -14.94
N GLY B 319 50.41 -6.82 -13.84
CA GLY B 319 49.09 -6.80 -13.15
C GLY B 319 48.28 -8.05 -13.43
N HIS B 320 48.70 -8.86 -14.41
CA HIS B 320 48.05 -10.14 -14.81
C HIS B 320 48.92 -11.32 -14.36
N THR B 321 49.72 -11.13 -13.30
CA THR B 321 50.49 -12.17 -12.58
C THR B 321 49.54 -13.30 -12.15
N VAL B 322 50.06 -14.53 -12.05
CA VAL B 322 49.29 -15.74 -11.62
C VAL B 322 48.83 -15.53 -10.17
N ALA B 323 49.61 -14.79 -9.37
CA ALA B 323 49.29 -14.41 -7.97
C ALA B 323 47.95 -13.66 -7.92
N ASP B 324 47.80 -12.63 -8.77
CA ASP B 324 46.62 -11.72 -8.80
C ASP B 324 45.41 -12.48 -9.35
N TYR B 325 45.60 -13.32 -10.37
CA TYR B 325 44.54 -14.12 -11.02
C TYR B 325 43.84 -15.02 -9.99
N LEU B 326 44.61 -15.68 -9.12
CA LEU B 326 44.08 -16.61 -8.09
C LEU B 326 43.19 -15.85 -7.10
N LYS B 327 43.57 -14.63 -6.73
CA LYS B 327 42.82 -13.75 -5.79
C LYS B 327 41.48 -13.38 -6.44
N PHE B 328 41.51 -13.02 -7.73
CA PHE B 328 40.31 -12.69 -8.55
C PHE B 328 39.39 -13.91 -8.60
N LYS B 329 39.95 -15.10 -8.85
CA LYS B 329 39.21 -16.38 -8.96
C LYS B 329 38.47 -16.66 -7.66
N ASP B 330 39.13 -16.48 -6.50
CA ASP B 330 38.55 -16.75 -5.17
C ASP B 330 37.31 -15.88 -4.95
N LEU B 331 37.39 -14.58 -5.26
CA LEU B 331 36.28 -13.62 -5.05
C LEU B 331 35.08 -14.01 -5.93
N ILE B 332 35.31 -14.30 -7.21
CA ILE B 332 34.25 -14.66 -8.19
C ILE B 332 33.53 -15.93 -7.70
N LEU B 333 34.27 -16.93 -7.24
CA LEU B 333 33.72 -18.23 -6.74
C LEU B 333 32.84 -17.98 -5.51
N ARG B 334 33.25 -17.08 -4.62
CA ARG B 334 32.47 -16.67 -3.42
C ARG B 334 31.17 -16.00 -3.87
N MET B 335 31.24 -15.12 -4.87
CA MET B 335 30.08 -14.38 -5.45
C MET B 335 29.20 -15.34 -6.25
N LEU B 336 29.78 -16.39 -6.84
CA LEU B 336 29.06 -17.41 -7.65
C LEU B 336 28.74 -18.63 -6.78
N ASP B 337 28.73 -18.50 -5.44
CA ASP B 337 28.30 -19.58 -4.52
C ASP B 337 26.83 -19.89 -4.79
N TYR B 338 26.48 -21.17 -4.92
CA TYR B 338 25.12 -21.67 -5.22
C TYR B 338 24.13 -21.24 -4.13
N ASP B 339 24.56 -21.30 -2.86
CA ASP B 339 23.71 -21.00 -1.68
C ASP B 339 23.72 -19.49 -1.43
N PRO B 340 22.57 -18.79 -1.56
CA PRO B 340 22.51 -17.35 -1.33
C PRO B 340 22.80 -16.91 0.12
N LYS B 341 22.57 -17.81 1.08
CA LYS B 341 22.78 -17.55 2.53
C LYS B 341 24.29 -17.48 2.83
N THR B 342 25.10 -18.35 2.23
CA THR B 342 26.56 -18.46 2.45
C THR B 342 27.34 -17.69 1.36
N ARG B 343 26.64 -17.18 0.34
CA ARG B 343 27.26 -16.36 -0.74
C ARG B 343 27.86 -15.09 -0.15
N ILE B 344 29.06 -14.69 -0.60
CA ILE B 344 29.78 -13.49 -0.08
C ILE B 344 28.83 -12.30 -0.11
N GLN B 345 28.81 -11.52 0.97
CA GLN B 345 28.00 -10.29 1.10
C GLN B 345 28.90 -9.08 0.80
N PRO B 346 28.32 -7.95 0.34
CA PRO B 346 29.11 -6.84 -0.19
C PRO B 346 30.14 -6.26 0.80
N TYR B 347 29.82 -6.26 2.10
CA TYR B 347 30.71 -5.72 3.17
C TYR B 347 31.99 -6.55 3.23
N TYR B 348 31.87 -7.88 3.32
CA TYR B 348 33.00 -8.83 3.43
C TYR B 348 33.69 -8.99 2.07
N ALA B 349 32.96 -8.76 0.97
CA ALA B 349 33.47 -8.81 -0.42
C ALA B 349 34.52 -7.71 -0.64
N LEU B 350 34.26 -6.50 -0.11
CA LEU B 350 35.16 -5.32 -0.25
C LEU B 350 36.47 -5.56 0.49
N GLN B 351 36.47 -6.43 1.51
CA GLN B 351 37.65 -6.72 2.39
C GLN B 351 38.46 -7.88 1.82
N HIS B 352 38.19 -8.32 0.59
CA HIS B 352 38.86 -9.48 -0.06
C HIS B 352 40.31 -9.12 -0.40
N SER B 353 41.18 -10.13 -0.51
CA SER B 353 42.62 -10.01 -0.87
C SER B 353 42.78 -9.37 -2.26
N PHE B 354 41.71 -9.35 -3.06
CA PHE B 354 41.70 -8.88 -4.47
C PHE B 354 41.95 -7.37 -4.54
N PHE B 355 41.50 -6.61 -3.54
CA PHE B 355 41.57 -5.12 -3.51
C PHE B 355 42.74 -4.65 -2.64
N LYS B 356 43.86 -5.40 -2.64
CA LYS B 356 45.11 -5.05 -1.90
C LYS B 356 46.31 -5.50 -2.72
N LYS C 10 8.00 -5.49 38.12
CA LYS C 10 8.13 -5.58 36.63
C LYS C 10 8.65 -4.23 36.09
N VAL C 11 9.26 -4.26 34.90
CA VAL C 11 9.89 -3.10 34.22
C VAL C 11 9.48 -3.13 32.74
N TYR C 12 9.14 -1.98 32.17
CA TYR C 12 8.68 -1.82 30.76
C TYR C 12 9.66 -0.92 30.00
N ASN C 13 10.18 -1.42 28.87
CA ASN C 13 11.16 -0.73 28.00
C ASN C 13 12.39 -0.31 28.83
N ASP C 14 12.91 -1.24 29.65
CA ASP C 14 14.11 -1.05 30.50
C ASP C 14 13.88 0.09 31.51
N GLY C 15 12.62 0.32 31.92
CA GLY C 15 12.25 1.30 32.95
C GLY C 15 11.95 2.68 32.38
N TYR C 16 12.02 2.83 31.05
CA TYR C 16 11.75 4.12 30.35
C TYR C 16 10.23 4.30 30.14
N ASP C 17 9.46 3.22 30.20
CA ASP C 17 8.00 3.21 29.93
C ASP C 17 7.20 2.79 31.17
N ASP C 18 5.93 3.17 31.21
CA ASP C 18 4.93 2.71 32.22
C ASP C 18 4.21 1.48 31.66
N ASP C 19 3.18 0.99 32.36
CA ASP C 19 2.42 -0.24 31.99
C ASP C 19 1.48 0.06 30.82
N ASN C 20 1.14 1.33 30.58
CA ASN C 20 0.23 1.77 29.48
C ASN C 20 1.03 2.10 28.21
N TYR C 21 2.32 1.75 28.18
CA TYR C 21 3.27 1.91 27.04
C TYR C 21 3.66 3.38 26.84
N ASP C 22 3.30 4.28 27.76
CA ASP C 22 3.66 5.72 27.71
C ASP C 22 5.10 5.88 28.18
N TYR C 23 5.87 6.79 27.55
CA TYR C 23 7.22 7.17 28.01
C TYR C 23 7.07 7.94 29.33
N ILE C 24 7.73 7.48 30.39
CA ILE C 24 7.73 8.14 31.73
C ILE C 24 8.48 9.47 31.56
N VAL C 25 7.74 10.58 31.41
CA VAL C 25 8.30 11.93 31.18
C VAL C 25 8.95 12.42 32.49
N LYS C 26 10.24 12.77 32.41
CA LYS C 26 11.02 13.37 33.52
C LYS C 26 11.39 14.80 33.13
N ASN C 27 11.05 15.79 33.97
CA ASN C 27 11.29 17.23 33.70
C ASN C 27 12.79 17.50 33.79
N GLY C 28 13.33 18.23 32.80
CA GLY C 28 14.74 18.63 32.73
C GLY C 28 15.61 17.62 32.00
N GLU C 29 15.04 16.50 31.56
CA GLU C 29 15.76 15.44 30.82
C GLU C 29 16.19 15.99 29.46
N LYS C 30 17.37 15.61 28.97
CA LYS C 30 17.92 16.07 27.67
C LYS C 30 18.08 14.85 26.74
N TRP C 31 17.42 14.89 25.57
CA TRP C 31 17.42 13.77 24.58
C TRP C 31 18.43 14.06 23.47
N MET C 32 19.37 13.13 23.26
CA MET C 32 20.36 13.15 22.15
C MET C 32 21.19 14.45 22.21
N ASP C 33 21.43 14.96 23.43
CA ASP C 33 22.21 16.21 23.69
C ASP C 33 21.65 17.36 22.82
N ARG C 34 20.34 17.37 22.56
CA ARG C 34 19.68 18.40 21.71
C ARG C 34 18.44 18.98 22.43
N TYR C 35 17.47 18.14 22.80
CA TYR C 35 16.14 18.57 23.33
C TYR C 35 16.09 18.45 24.85
N GLU C 36 15.72 19.54 25.52
CA GLU C 36 15.56 19.64 26.99
C GLU C 36 14.05 19.69 27.31
N ILE C 37 13.51 18.63 27.92
CA ILE C 37 12.06 18.49 28.22
C ILE C 37 11.76 19.37 29.45
N ASP C 38 10.75 20.23 29.36
CA ASP C 38 10.34 21.16 30.46
C ASP C 38 9.21 20.50 31.26
N SER C 39 8.12 20.12 30.60
CA SER C 39 6.89 19.58 31.24
C SER C 39 5.99 18.90 30.20
N LEU C 40 4.96 18.20 30.68
CA LEU C 40 3.92 17.53 29.87
C LEU C 40 2.79 18.54 29.61
N ILE C 41 2.57 18.89 28.33
CA ILE C 41 1.57 19.92 27.91
C ILE C 41 0.38 19.25 27.20
N GLY C 42 0.37 17.92 27.10
CA GLY C 42 -0.70 17.18 26.38
C GLY C 42 -0.66 15.69 26.68
N LYS C 43 -1.80 15.03 26.51
CA LYS C 43 -1.97 13.57 26.76
C LYS C 43 -3.17 13.05 25.97
N GLY C 44 -3.13 11.78 25.57
CA GLY C 44 -4.22 11.10 24.84
C GLY C 44 -3.94 9.61 24.70
N SER C 45 -4.74 8.92 23.89
CA SER C 45 -4.62 7.47 23.60
C SER C 45 -3.38 7.19 22.74
N PHE C 46 -2.94 8.17 21.95
CA PHE C 46 -1.73 8.12 21.08
C PHE C 46 -0.46 8.02 21.94
N GLY C 47 -0.47 8.68 23.10
CA GLY C 47 0.72 8.91 23.94
C GLY C 47 0.64 10.25 24.64
N GLN C 48 1.74 11.00 24.63
CA GLN C 48 1.87 12.29 25.38
C GLN C 48 2.48 13.36 24.48
N VAL C 49 2.27 14.63 24.85
CA VAL C 49 2.91 15.83 24.24
C VAL C 49 3.66 16.57 25.36
N VAL C 50 4.96 16.81 25.17
CA VAL C 50 5.81 17.55 26.15
C VAL C 50 6.28 18.85 25.53
N LYS C 51 6.54 19.86 26.36
CA LYS C 51 7.19 21.13 25.98
C LYS C 51 8.70 20.93 26.16
N ALA C 52 9.49 21.12 25.10
CA ALA C 52 10.96 20.95 25.11
C ALA C 52 11.63 22.14 24.42
N TYR C 53 12.85 22.46 24.85
CA TYR C 53 13.73 23.49 24.26
C TYR C 53 14.81 22.80 23.42
N ASP C 54 14.88 23.12 22.12
CA ASP C 54 15.93 22.63 21.20
C ASP C 54 17.16 23.53 21.37
N ARG C 55 18.18 23.06 22.08
CA ARG C 55 19.42 23.83 22.39
C ARG C 55 20.18 24.11 21.09
N VAL C 56 20.14 23.17 20.14
CA VAL C 56 20.84 23.27 18.82
C VAL C 56 20.28 24.47 18.03
N GLU C 57 18.94 24.58 17.94
CA GLU C 57 18.26 25.63 17.13
C GLU C 57 17.74 26.76 18.04
N GLN C 58 17.97 26.68 19.36
CA GLN C 58 17.62 27.75 20.34
C GLN C 58 16.16 28.17 20.13
N GLU C 59 15.24 27.19 20.06
CA GLU C 59 13.81 27.40 19.78
C GLU C 59 12.99 26.44 20.64
N TRP C 60 11.89 26.91 21.25
CA TRP C 60 10.90 26.06 21.96
C TRP C 60 10.12 25.23 20.94
N VAL C 61 9.94 23.93 21.20
CA VAL C 61 9.24 22.99 20.29
C VAL C 61 8.34 22.05 21.10
N ALA C 62 7.22 21.65 20.50
CA ALA C 62 6.26 20.65 21.05
C ALA C 62 6.63 19.27 20.50
N ILE C 63 7.00 18.34 21.36
CA ILE C 63 7.39 16.95 20.98
C ILE C 63 6.24 15.99 21.36
N LYS C 64 5.63 15.37 20.35
CA LYS C 64 4.56 14.34 20.50
C LYS C 64 5.22 12.96 20.61
N ILE C 65 5.30 12.41 21.83
CA ILE C 65 5.89 11.07 22.11
C ILE C 65 4.79 10.01 21.95
N ILE C 66 4.84 9.25 20.86
CA ILE C 66 3.86 8.16 20.57
C ILE C 66 4.19 6.98 21.48
N LYS C 67 3.16 6.26 21.94
CA LYS C 67 3.30 5.09 22.84
C LYS C 67 4.12 4.00 22.14
N ASN C 68 4.96 3.29 22.90
CA ASN C 68 5.81 2.17 22.42
C ASN C 68 4.91 0.94 22.22
N LYS C 69 4.06 0.98 21.20
CA LYS C 69 3.12 -0.09 20.79
C LYS C 69 2.91 0.02 19.28
N LYS C 70 2.85 -1.12 18.57
CA LYS C 70 2.81 -1.17 17.09
C LYS C 70 1.57 -0.44 16.56
N ALA C 71 0.41 -0.68 17.18
CA ALA C 71 -0.88 -0.05 16.79
C ALA C 71 -0.70 1.47 16.67
N PHE C 72 -0.11 2.09 17.68
CA PHE C 72 0.06 3.57 17.77
C PHE C 72 1.21 4.05 16.89
N LEU C 73 2.28 3.24 16.75
CA LEU C 73 3.40 3.56 15.82
C LEU C 73 2.86 3.61 14.39
N ASN C 74 2.15 2.55 13.97
CA ASN C 74 1.55 2.41 12.62
C ASN C 74 0.65 3.62 12.32
N GLN C 75 -0.20 4.01 13.28
CA GLN C 75 -1.15 5.14 13.14
C GLN C 75 -0.36 6.45 13.01
N ALA C 76 0.70 6.61 13.80
CA ALA C 76 1.55 7.82 13.85
C ALA C 76 2.32 8.00 12.53
N GLN C 77 2.58 6.90 11.80
CA GLN C 77 3.34 6.93 10.52
C GLN C 77 2.45 7.45 9.38
N ILE C 78 1.15 7.16 9.43
CA ILE C 78 0.12 7.75 8.52
C ILE C 78 0.08 9.27 8.77
N GLU C 79 0.11 9.66 10.06
CA GLU C 79 0.12 11.08 10.51
C GLU C 79 1.37 11.78 9.95
N VAL C 80 2.54 11.15 10.08
CA VAL C 80 3.85 11.69 9.58
C VAL C 80 3.79 11.81 8.06
N ARG C 81 3.24 10.81 7.37
CA ARG C 81 3.12 10.79 5.88
C ARG C 81 2.28 11.98 5.43
N LEU C 82 1.10 12.18 6.04
CA LEU C 82 0.16 13.29 5.69
C LEU C 82 0.81 14.64 6.01
N LEU C 83 1.51 14.76 7.14
CA LEU C 83 2.16 16.02 7.59
C LEU C 83 3.28 16.40 6.60
N GLU C 84 4.13 15.45 6.23
CA GLU C 84 5.27 15.68 5.31
C GLU C 84 4.76 15.99 3.90
N LEU C 85 3.61 15.41 3.50
CA LEU C 85 2.98 15.63 2.17
C LEU C 85 2.48 17.08 2.05
N MET C 86 1.87 17.60 3.12
CA MET C 86 1.34 18.99 3.20
C MET C 86 2.51 19.98 3.21
N ASN C 87 3.60 19.65 3.91
CA ASN C 87 4.83 20.49 4.00
C ASN C 87 5.45 20.65 2.60
N LYS C 88 5.39 19.60 1.77
CA LYS C 88 5.97 19.57 0.40
C LYS C 88 5.33 20.64 -0.50
N HIS C 89 4.02 20.88 -0.35
CA HIS C 89 3.23 21.79 -1.21
C HIS C 89 3.69 23.24 -1.01
N ASP C 90 3.70 24.02 -2.09
CA ASP C 90 4.35 25.36 -2.18
C ASP C 90 3.46 26.43 -1.52
N THR C 91 2.14 26.33 -1.71
CA THR C 91 1.14 27.40 -1.47
C THR C 91 1.22 27.91 -0.01
N GLU C 92 0.84 29.18 0.20
CA GLU C 92 0.88 29.88 1.52
C GLU C 92 -0.30 29.41 2.39
N MET C 93 -1.18 28.58 1.85
CA MET C 93 -2.37 28.02 2.58
C MET C 93 -1.89 26.92 3.54
N LYS C 94 -0.73 26.31 3.26
CA LYS C 94 -0.11 25.24 4.09
C LYS C 94 0.26 25.79 5.47
N TYR C 95 0.26 27.12 5.64
CA TYR C 95 0.71 27.83 6.86
C TYR C 95 -0.47 28.08 7.82
N TYR C 96 -1.61 27.40 7.62
CA TYR C 96 -2.71 27.28 8.61
C TYR C 96 -2.83 25.83 9.07
N ILE C 97 -1.81 25.02 8.75
CA ILE C 97 -1.63 23.63 9.22
C ILE C 97 -0.40 23.62 10.13
N VAL C 98 -0.47 22.92 11.27
CA VAL C 98 0.68 22.75 12.21
C VAL C 98 1.85 22.17 11.41
N HIS C 99 3.04 22.76 11.53
CA HIS C 99 4.26 22.36 10.79
C HIS C 99 5.08 21.37 11.63
N LEU C 100 5.29 20.16 11.10
CA LEU C 100 6.16 19.13 11.71
C LEU C 100 7.62 19.44 11.34
N LYS C 101 8.39 19.97 12.31
CA LYS C 101 9.81 20.34 12.12
C LYS C 101 10.60 19.10 11.69
N ARG C 102 10.47 18.00 12.46
N ARG C 102 10.45 18.00 12.45
CA ARG C 102 11.15 16.71 12.20
CA ARG C 102 11.11 16.69 12.15
CA ARG C 102 11.08 16.63 12.09
C ARG C 102 10.46 15.58 12.99
C ARG C 102 10.43 15.58 12.96
N HIS C 103 10.77 14.33 12.64
CA HIS C 103 10.30 13.11 13.35
C HIS C 103 11.52 12.21 13.55
N PHE C 104 11.67 11.63 14.74
CA PHE C 104 12.78 10.72 15.10
C PHE C 104 12.28 9.67 16.09
N MET C 105 12.98 8.54 16.16
CA MET C 105 12.76 7.46 17.15
C MET C 105 13.69 7.71 18.33
N PHE C 106 13.13 7.84 19.54
CA PHE C 106 13.90 8.02 20.80
C PHE C 106 13.43 6.98 21.82
N ARG C 107 14.35 6.07 22.19
CA ARG C 107 14.13 4.99 23.20
C ARG C 107 12.83 4.25 22.88
N ASN C 108 12.64 3.90 21.60
CA ASN C 108 11.55 3.02 21.07
C ASN C 108 10.23 3.79 20.95
N HIS C 109 10.22 5.10 21.18
CA HIS C 109 9.06 6.00 20.97
C HIS C 109 9.29 6.81 19.69
N LEU C 110 8.34 6.77 18.75
CA LEU C 110 8.30 7.69 17.60
C LEU C 110 7.94 9.08 18.12
N CYS C 111 8.82 10.06 17.88
CA CYS C 111 8.67 11.45 18.40
C CYS C 111 8.47 12.42 17.23
N LEU C 112 7.33 13.12 17.22
CA LEU C 112 6.97 14.16 16.22
C LEU C 112 7.21 15.54 16.85
N VAL C 113 8.12 16.33 16.28
CA VAL C 113 8.49 17.68 16.78
C VAL C 113 7.78 18.73 15.93
N PHE C 114 6.90 19.52 16.55
CA PHE C 114 6.13 20.63 15.92
C PHE C 114 6.65 21.96 16.47
N GLU C 115 6.39 23.05 15.73
CA GLU C 115 6.62 24.43 16.23
C GLU C 115 5.75 24.64 17.46
N MET C 116 6.31 25.26 18.51
CA MET C 116 5.56 25.61 19.74
C MET C 116 4.44 26.59 19.35
N LEU C 117 3.23 26.37 19.88
CA LEU C 117 2.05 27.22 19.59
C LEU C 117 1.50 27.78 20.90
N SER C 118 0.43 28.56 20.84
CA SER C 118 -0.25 29.18 22.00
C SER C 118 -1.46 28.33 22.40
N TYR C 119 -2.45 28.95 23.07
CA TYR C 119 -3.67 28.27 23.61
C TYR C 119 -4.55 27.81 22.44
N ASN C 120 -5.38 26.79 22.68
CA ASN C 120 -6.44 26.33 21.74
C ASN C 120 -7.68 27.21 21.94
N LEU C 121 -8.65 27.12 21.03
CA LEU C 121 -9.85 28.01 21.01
C LEU C 121 -10.88 27.55 22.04
N TYR C 122 -10.70 26.36 22.64
CA TYR C 122 -11.52 25.93 23.80
C TYR C 122 -11.08 26.70 25.05
N ASP C 123 -9.76 26.78 25.27
CA ASP C 123 -9.12 27.59 26.34
C ASP C 123 -9.56 29.05 26.20
N LEU C 124 -9.71 29.51 24.96
CA LEU C 124 -10.14 30.91 24.62
C LEU C 124 -11.58 31.13 25.07
N LEU C 125 -12.48 30.17 24.81
CA LEU C 125 -13.91 30.24 25.21
C LEU C 125 -14.03 30.20 26.74
N ARG C 126 -13.23 29.37 27.41
CA ARG C 126 -13.21 29.26 28.89
C ARG C 126 -12.82 30.62 29.51
N ASN C 127 -11.89 31.34 28.87
CA ASN C 127 -11.45 32.69 29.31
C ASN C 127 -12.61 33.69 29.19
N THR C 128 -13.58 33.42 28.30
CA THR C 128 -14.81 34.23 28.11
C THR C 128 -15.95 33.73 29.00
N ASN C 129 -15.70 32.68 29.80
CA ASN C 129 -16.72 31.98 30.63
C ASN C 129 -17.84 31.46 29.73
N PHE C 130 -17.47 30.95 28.54
CA PHE C 130 -18.38 30.30 27.55
C PHE C 130 -19.48 31.27 27.12
N ARG C 131 -19.16 32.56 27.01
CA ARG C 131 -20.11 33.62 26.53
C ARG C 131 -19.76 34.02 25.09
N GLY C 132 -18.74 33.38 24.51
CA GLY C 132 -18.39 33.53 23.09
C GLY C 132 -17.38 34.63 22.86
N VAL C 133 -17.05 34.86 21.58
CA VAL C 133 -15.99 35.80 21.10
C VAL C 133 -16.59 36.66 19.98
N SER C 134 -16.12 37.90 19.82
CA SER C 134 -16.70 38.92 18.91
C SER C 134 -16.70 38.38 17.46
N LEU C 135 -17.73 38.74 16.69
CA LEU C 135 -17.96 38.26 15.29
C LEU C 135 -16.78 38.66 14.40
N ASN C 136 -16.13 39.80 14.68
CA ASN C 136 -14.93 40.29 13.94
C ASN C 136 -13.81 39.26 14.06
N LEU C 137 -13.64 38.65 15.24
CA LEU C 137 -12.60 37.61 15.50
C LEU C 137 -13.07 36.25 14.98
N THR C 138 -14.36 35.92 15.18
CA THR C 138 -14.99 34.69 14.64
C THR C 138 -14.77 34.65 13.12
N ARG C 139 -14.94 35.79 12.45
CA ARG C 139 -14.70 35.96 10.98
C ARG C 139 -13.24 35.64 10.67
N LYS C 140 -12.30 36.19 11.46
CA LYS C 140 -10.83 36.03 11.26
C LYS C 140 -10.46 34.54 11.37
N PHE C 141 -11.06 33.80 12.31
CA PHE C 141 -10.85 32.34 12.50
C PHE C 141 -11.47 31.60 11.31
N ALA C 142 -12.73 31.94 10.97
CA ALA C 142 -13.51 31.33 9.86
C ALA C 142 -12.73 31.42 8.54
N GLN C 143 -12.22 32.61 8.20
CA GLN C 143 -11.47 32.86 6.94
C GLN C 143 -10.25 31.94 6.87
N GLN C 144 -9.43 31.94 7.94
CA GLN C 144 -8.22 31.10 8.07
C GLN C 144 -8.59 29.62 7.94
N MET C 145 -9.67 29.20 8.61
CA MET C 145 -10.14 27.78 8.63
C MET C 145 -10.58 27.36 7.23
N CYS C 146 -11.36 28.20 6.54
CA CYS C 146 -11.81 27.97 5.14
C CYS C 146 -10.60 27.78 4.22
N THR C 147 -9.56 28.59 4.42
CA THR C 147 -8.30 28.58 3.61
C THR C 147 -7.53 27.28 3.88
N ALA C 148 -7.56 26.78 5.12
CA ALA C 148 -6.92 25.50 5.52
C ALA C 148 -7.65 24.34 4.84
N LEU C 149 -8.99 24.34 4.85
CA LEU C 149 -9.82 23.29 4.21
C LEU C 149 -9.65 23.34 2.69
N LEU C 150 -9.39 24.52 2.12
CA LEU C 150 -9.10 24.70 0.67
C LEU C 150 -7.79 23.99 0.34
N PHE C 151 -6.77 24.18 1.16
CA PHE C 151 -5.44 23.50 1.05
C PHE C 151 -5.63 21.99 1.19
N LEU C 152 -6.46 21.56 2.16
CA LEU C 152 -6.78 20.14 2.42
C LEU C 152 -7.58 19.55 1.25
N ALA C 153 -8.36 20.39 0.55
CA ALA C 153 -9.24 20.00 -0.59
C ALA C 153 -8.43 19.91 -1.90
N THR C 154 -7.12 20.20 -1.88
CA THR C 154 -6.21 20.01 -3.03
C THR C 154 -6.34 18.57 -3.53
N PRO C 155 -6.47 18.33 -4.85
CA PRO C 155 -6.68 16.98 -5.37
C PRO C 155 -5.55 16.01 -4.98
N GLU C 156 -4.30 16.49 -4.99
CA GLU C 156 -3.07 15.72 -4.68
C GLU C 156 -3.10 15.29 -3.20
N LEU C 157 -3.48 16.22 -2.30
CA LEU C 157 -3.58 15.96 -0.84
C LEU C 157 -4.88 15.21 -0.55
N SER C 158 -6.04 15.82 -0.84
CA SER C 158 -7.40 15.24 -0.62
C SER C 158 -7.50 14.70 0.81
N ILE C 159 -7.10 15.51 1.80
CA ILE C 159 -6.99 15.09 3.22
C ILE C 159 -8.26 15.53 3.97
N ILE C 160 -8.79 14.63 4.81
CA ILE C 160 -9.91 14.88 5.75
C ILE C 160 -9.32 14.84 7.17
N HIS C 161 -9.36 15.97 7.90
CA HIS C 161 -8.85 16.08 9.29
C HIS C 161 -9.54 15.03 10.16
N CYS C 162 -10.87 14.94 10.05
CA CYS C 162 -11.73 13.85 10.62
C CYS C 162 -11.91 14.03 12.13
N ASP C 163 -11.48 15.16 12.71
CA ASP C 163 -11.65 15.48 14.15
C ASP C 163 -11.48 16.97 14.40
N LEU C 164 -12.11 17.82 13.58
CA LEU C 164 -12.09 19.29 13.78
C LEU C 164 -12.91 19.64 15.02
N LYS C 165 -12.32 20.40 15.94
CA LYS C 165 -12.96 20.87 17.19
C LYS C 165 -12.13 22.02 17.78
N PRO C 166 -12.68 22.80 18.75
CA PRO C 166 -11.97 23.95 19.31
C PRO C 166 -10.59 23.61 19.89
N GLU C 167 -10.43 22.41 20.45
CA GLU C 167 -9.17 21.91 21.06
C GLU C 167 -8.08 21.73 19.99
N ASN C 168 -8.48 21.38 18.76
CA ASN C 168 -7.56 21.07 17.64
C ASN C 168 -7.29 22.32 16.79
N ILE C 169 -7.77 23.49 17.22
CA ILE C 169 -7.43 24.81 16.60
C ILE C 169 -6.69 25.65 17.64
N LEU C 170 -5.43 25.99 17.36
CA LEU C 170 -4.52 26.75 18.26
C LEU C 170 -4.16 28.09 17.63
N LEU C 171 -4.05 29.15 18.44
CA LEU C 171 -3.44 30.45 18.05
C LEU C 171 -1.93 30.26 18.01
N CYS C 172 -1.24 30.92 17.07
CA CYS C 172 0.25 30.98 16.98
C CYS C 172 0.80 31.74 18.19
N ASN C 173 0.24 32.93 18.44
CA ASN C 173 0.63 33.86 19.53
C ASN C 173 -0.60 34.14 20.39
N PRO C 174 -0.47 34.21 21.74
CA PRO C 174 -1.64 34.32 22.62
C PRO C 174 -2.43 35.65 22.54
N LYS C 175 -1.92 36.67 21.85
CA LYS C 175 -2.57 38.00 21.70
C LYS C 175 -2.80 38.36 20.23
N ARG C 176 -2.55 37.43 19.29
CA ARG C 176 -2.79 37.63 17.83
C ARG C 176 -3.82 36.62 17.34
N SER C 177 -4.35 36.82 16.13
CA SER C 177 -5.53 36.11 15.56
C SER C 177 -5.10 34.94 14.66
N ALA C 178 -3.80 34.79 14.38
CA ALA C 178 -3.24 33.71 13.53
C ALA C 178 -3.46 32.37 14.24
N ILE C 179 -4.22 31.45 13.60
CA ILE C 179 -4.52 30.09 14.12
C ILE C 179 -3.83 29.04 13.24
N LYS C 180 -3.70 27.82 13.77
CA LYS C 180 -3.22 26.61 13.05
C LYS C 180 -4.01 25.40 13.52
N ILE C 181 -4.50 24.58 12.59
CA ILE C 181 -5.14 23.26 12.87
C ILE C 181 -4.03 22.29 13.30
N VAL C 182 -4.27 21.51 14.35
CA VAL C 182 -3.30 20.49 14.88
C VAL C 182 -4.02 19.13 14.94
N ASP C 183 -3.26 18.08 15.28
CA ASP C 183 -3.72 16.69 15.48
C ASP C 183 -4.29 16.14 14.16
N PHE C 184 -3.40 15.63 13.30
CA PHE C 184 -3.76 14.91 12.05
C PHE C 184 -3.64 13.40 12.28
N GLY C 185 -3.68 12.98 13.56
CA GLY C 185 -3.50 11.59 14.00
C GLY C 185 -4.75 10.75 13.81
N SER C 186 -5.88 11.37 13.45
CA SER C 186 -7.17 10.69 13.13
C SER C 186 -7.51 10.87 11.65
N SER C 187 -6.63 11.53 10.89
CA SER C 187 -6.87 11.97 9.49
C SER C 187 -6.72 10.78 8.54
N CYS C 188 -7.45 10.82 7.43
CA CYS C 188 -7.40 9.85 6.30
C CYS C 188 -7.56 10.63 5.00
N GLN C 189 -6.93 10.17 3.91
CA GLN C 189 -7.10 10.75 2.56
C GLN C 189 -8.44 10.26 2.00
N LEU C 190 -9.02 10.99 1.05
CA LEU C 190 -10.26 10.58 0.35
C LEU C 190 -10.00 9.20 -0.26
N GLY C 191 -10.99 8.31 -0.17
CA GLY C 191 -10.91 6.94 -0.72
C GLY C 191 -12.07 6.08 -0.26
N GLN C 192 -11.99 4.76 -0.49
CA GLN C 192 -13.00 3.77 -0.03
C GLN C 192 -13.13 3.89 1.50
N ARG C 193 -14.35 4.11 1.99
CA ARG C 193 -14.65 4.28 3.44
C ARG C 193 -14.17 3.03 4.20
N ILE C 194 -13.27 3.23 5.18
CA ILE C 194 -12.65 2.15 5.99
C ILE C 194 -13.17 2.24 7.44
N TYR C 195 -13.79 3.37 7.80
CA TYR C 195 -14.36 3.66 9.14
C TYR C 195 -15.79 4.19 8.98
N GLN C 196 -16.58 4.16 10.06
CA GLN C 196 -17.95 4.78 10.11
C GLN C 196 -18.14 5.58 11.39
N PTR C 197 -17.43 5.21 12.47
CA PTR C 197 -17.48 5.93 13.73
C PTR C 197 -16.30 6.90 13.81
O PTR C 197 -15.27 6.59 14.38
CB PTR C 197 -17.48 4.93 14.89
CG PTR C 197 -17.64 5.50 16.27
CD1 PTR C 197 -16.61 5.45 17.19
CD2 PTR C 197 -18.85 6.06 16.68
CE1 PTR C 197 -16.76 5.94 18.48
CE2 PTR C 197 -19.01 6.56 17.96
CZ PTR C 197 -17.96 6.51 18.86
OH PTR C 197 -18.07 6.98 20.16
P PTR C 197 -18.80 8.32 20.65
O1P PTR C 197 -18.78 8.31 22.16
O2P PTR C 197 -20.22 8.36 20.14
O3P PTR C 197 -18.02 9.50 20.13
N ILE C 198 -16.49 8.09 13.21
CA ILE C 198 -15.43 9.08 13.11
C ILE C 198 -15.91 10.43 13.68
N GLN C 199 -14.96 11.34 13.94
CA GLN C 199 -15.16 12.73 14.41
C GLN C 199 -15.62 12.75 15.87
N SER C 200 -15.52 13.93 16.50
CA SER C 200 -16.05 14.23 17.86
C SER C 200 -17.58 14.26 17.82
N ARG C 201 -18.24 13.64 18.80
CA ARG C 201 -19.72 13.42 18.80
C ARG C 201 -20.43 14.75 18.48
N PHE C 202 -20.05 15.84 19.15
CA PHE C 202 -20.69 17.18 19.03
C PHE C 202 -20.53 17.70 17.59
N TYR C 203 -19.37 17.48 16.99
CA TYR C 203 -18.97 18.04 15.67
C TYR C 203 -19.13 16.97 14.57
N ARG C 204 -19.64 15.80 14.94
CA ARG C 204 -19.90 14.65 14.03
C ARG C 204 -20.96 15.05 13.00
N SER C 205 -20.69 14.81 11.72
CA SER C 205 -21.57 15.19 10.58
C SER C 205 -22.78 14.26 10.53
N PRO C 206 -23.90 14.69 9.92
CA PRO C 206 -25.12 13.88 9.82
C PRO C 206 -24.92 12.62 8.95
N GLU C 207 -24.00 12.71 8.00
CA GLU C 207 -23.63 11.63 7.04
C GLU C 207 -23.03 10.46 7.83
N VAL C 208 -22.12 10.76 8.76
CA VAL C 208 -21.42 9.78 9.64
C VAL C 208 -22.45 9.13 10.59
N LEU C 209 -23.36 9.94 11.14
CA LEU C 209 -24.46 9.46 12.03
C LEU C 209 -25.33 8.46 11.26
N LEU C 210 -25.68 8.76 10.01
CA LEU C 210 -26.56 7.94 9.14
C LEU C 210 -25.80 6.78 8.51
N GLY C 211 -24.47 6.69 8.74
CA GLY C 211 -23.61 5.62 8.20
C GLY C 211 -23.59 5.62 6.69
N MET C 212 -23.57 6.82 6.09
CA MET C 212 -23.51 7.04 4.62
C MET C 212 -22.07 7.31 4.22
N PRO C 213 -21.73 7.34 2.91
CA PRO C 213 -20.37 7.72 2.47
C PRO C 213 -20.07 9.17 2.85
N TYR C 214 -18.83 9.46 3.28
CA TYR C 214 -18.38 10.81 3.71
C TYR C 214 -17.24 11.30 2.82
N ASP C 215 -17.19 12.62 2.63
CA ASP C 215 -16.22 13.35 1.77
C ASP C 215 -15.38 14.25 2.69
N LEU C 216 -14.84 15.35 2.15
CA LEU C 216 -14.11 16.40 2.93
C LEU C 216 -15.12 17.40 3.50
N ALA C 217 -16.40 17.25 3.14
CA ALA C 217 -17.53 18.10 3.57
C ALA C 217 -17.79 17.94 5.07
N ILE C 218 -17.40 16.82 5.68
CA ILE C 218 -17.64 16.53 7.13
C ILE C 218 -16.82 17.51 7.98
N ASP C 219 -15.64 17.93 7.51
CA ASP C 219 -14.80 18.96 8.15
C ASP C 219 -15.51 20.31 8.07
N MET C 220 -16.12 20.61 6.91
CA MET C 220 -16.89 21.86 6.66
C MET C 220 -18.11 21.91 7.57
N TRP C 221 -18.80 20.78 7.75
CA TRP C 221 -19.95 20.65 8.70
C TRP C 221 -19.45 20.98 10.11
N SER C 222 -18.38 20.31 10.55
CA SER C 222 -17.72 20.51 11.85
C SER C 222 -17.34 22.00 12.02
N LEU C 223 -16.76 22.60 10.97
CA LEU C 223 -16.33 24.02 10.96
C LEU C 223 -17.55 24.91 11.27
N GLY C 224 -18.68 24.65 10.61
CA GLY C 224 -19.96 25.36 10.84
C GLY C 224 -20.36 25.35 12.30
N CYS C 225 -20.30 24.17 12.95
CA CYS C 225 -20.59 23.97 14.39
C CYS C 225 -19.56 24.73 15.23
N ILE C 226 -18.29 24.70 14.84
CA ILE C 226 -17.16 25.38 15.55
C ILE C 226 -17.39 26.89 15.50
N LEU C 227 -17.68 27.44 14.31
CA LEU C 227 -17.81 28.90 14.08
C LEU C 227 -18.98 29.46 14.90
N VAL C 228 -20.14 28.79 14.89
CA VAL C 228 -21.31 29.18 15.73
C VAL C 228 -20.89 29.13 17.20
N GLU C 229 -20.27 28.02 17.63
CA GLU C 229 -19.81 27.79 19.02
C GLU C 229 -18.88 28.93 19.46
N MET C 230 -18.00 29.41 18.57
CA MET C 230 -16.99 30.45 18.88
C MET C 230 -17.67 31.76 19.30
N HIS C 231 -18.78 32.13 18.63
CA HIS C 231 -19.52 33.40 18.88
C HIS C 231 -20.50 33.23 20.05
N THR C 232 -21.12 32.06 20.19
CA THR C 232 -22.14 31.76 21.24
C THR C 232 -21.43 31.36 22.54
N GLY C 233 -20.27 30.69 22.43
CA GLY C 233 -19.43 30.28 23.58
C GLY C 233 -19.73 28.88 24.08
N GLU C 234 -20.77 28.24 23.54
CA GLU C 234 -21.24 26.88 23.92
C GLU C 234 -21.32 26.01 22.67
N PRO C 235 -21.28 24.66 22.82
CA PRO C 235 -21.42 23.76 21.66
C PRO C 235 -22.80 23.93 21.00
N LEU C 236 -22.82 24.06 19.67
CA LEU C 236 -24.07 24.18 18.87
C LEU C 236 -24.93 22.93 19.12
N PHE C 237 -24.34 21.75 18.97
CA PHE C 237 -24.95 20.42 19.24
C PHE C 237 -24.09 19.65 20.25
N SER C 238 -24.66 19.29 21.40
CA SER C 238 -23.95 18.62 22.52
C SER C 238 -24.74 17.41 23.01
N GLY C 239 -25.02 16.44 22.11
CA GLY C 239 -25.73 15.20 22.43
C GLY C 239 -24.89 14.28 23.31
N ALA C 240 -25.49 13.71 24.35
CA ALA C 240 -24.85 12.76 25.29
C ALA C 240 -24.46 11.48 24.54
N ASN C 241 -25.32 11.02 23.62
CA ASN C 241 -25.10 9.84 22.76
C ASN C 241 -25.46 10.21 21.32
N GLU C 242 -25.21 9.31 20.36
CA GLU C 242 -25.42 9.55 18.90
C GLU C 242 -26.88 9.86 18.61
N VAL C 243 -27.82 9.13 19.21
CA VAL C 243 -29.28 9.32 18.98
C VAL C 243 -29.71 10.68 19.53
N ASP C 244 -29.17 11.09 20.69
CA ASP C 244 -29.41 12.43 21.30
C ASP C 244 -28.78 13.49 20.38
N GLN C 245 -27.54 13.28 19.95
CA GLN C 245 -26.80 14.19 19.04
C GLN C 245 -27.65 14.48 17.80
N MET C 246 -28.13 13.43 17.12
CA MET C 246 -28.97 13.55 15.90
C MET C 246 -30.21 14.39 16.22
N ASN C 247 -30.88 14.12 17.35
CA ASN C 247 -32.11 14.83 17.77
C ASN C 247 -31.82 16.31 18.02
N LYS C 248 -30.64 16.66 18.54
CA LYS C 248 -30.23 18.06 18.78
C LYS C 248 -29.92 18.75 17.44
N ILE C 249 -29.53 17.99 16.41
CA ILE C 249 -29.30 18.51 15.04
C ILE C 249 -30.66 18.79 14.37
N VAL C 250 -31.65 17.90 14.54
CA VAL C 250 -32.97 18.01 13.86
C VAL C 250 -33.78 19.16 14.48
N GLU C 251 -33.59 19.46 15.78
CA GLU C 251 -34.32 20.56 16.46
C GLU C 251 -33.93 21.90 15.82
N VAL C 252 -32.66 22.07 15.43
CA VAL C 252 -32.12 23.34 14.87
C VAL C 252 -32.44 23.41 13.37
N LEU C 253 -32.21 22.33 12.61
CA LEU C 253 -32.23 22.33 11.12
C LEU C 253 -33.40 21.52 10.55
N GLY C 254 -34.35 21.08 11.38
CA GLY C 254 -35.51 20.27 10.94
C GLY C 254 -35.10 18.86 10.55
N ILE C 255 -36.06 18.03 10.13
CA ILE C 255 -35.81 16.62 9.69
C ILE C 255 -35.07 16.67 8.36
N PRO C 256 -34.02 15.83 8.15
CA PRO C 256 -33.26 15.85 6.91
C PRO C 256 -34.09 15.55 5.67
N PRO C 257 -33.57 15.83 4.45
CA PRO C 257 -34.35 15.71 3.21
C PRO C 257 -34.72 14.26 2.86
N ALA C 258 -35.88 14.08 2.23
CA ALA C 258 -36.48 12.76 1.86
C ALA C 258 -35.46 11.90 1.11
N HIS C 259 -34.80 12.47 0.10
CA HIS C 259 -33.89 11.75 -0.85
C HIS C 259 -32.70 11.14 -0.11
N ILE C 260 -32.27 11.72 1.01
CA ILE C 260 -31.08 11.25 1.79
C ILE C 260 -31.48 10.08 2.70
N LEU C 261 -32.62 10.15 3.39
CA LEU C 261 -33.06 9.11 4.35
C LEU C 261 -33.57 7.86 3.62
N ASP C 262 -34.03 8.01 2.36
CA ASP C 262 -34.34 6.87 1.45
C ASP C 262 -33.05 6.09 1.16
N GLN C 263 -31.90 6.77 1.24
CA GLN C 263 -30.57 6.26 0.85
C GLN C 263 -29.70 6.00 2.09
N ALA C 264 -30.23 6.24 3.29
CA ALA C 264 -29.47 6.28 4.57
C ALA C 264 -29.55 4.92 5.28
N PRO C 265 -28.43 4.17 5.39
CA PRO C 265 -28.41 2.88 6.08
C PRO C 265 -28.84 2.91 7.56
N LYS C 266 -28.38 3.89 8.34
CA LYS C 266 -28.68 4.01 9.80
C LYS C 266 -29.82 5.01 10.03
N ALA C 267 -30.73 5.18 9.07
CA ALA C 267 -31.90 6.08 9.16
C ALA C 267 -32.87 5.57 10.23
N ARG C 268 -33.05 4.24 10.31
CA ARG C 268 -34.01 3.56 11.22
C ARG C 268 -33.63 3.80 12.68
N LYS C 269 -32.33 3.98 12.96
CA LYS C 269 -31.81 4.19 14.35
C LYS C 269 -32.44 5.46 14.95
N PHE C 270 -32.52 6.55 14.19
CA PHE C 270 -32.96 7.89 14.67
C PHE C 270 -34.38 8.22 14.20
N PHE C 271 -34.87 7.61 13.11
CA PHE C 271 -36.14 7.99 12.45
C PHE C 271 -37.03 6.76 12.21
N GLU C 272 -38.34 7.00 12.10
CA GLU C 272 -39.39 6.03 11.70
C GLU C 272 -40.02 6.52 10.39
N LYS C 273 -40.23 5.62 9.43
CA LYS C 273 -40.92 5.95 8.15
C LYS C 273 -42.42 5.65 8.31
N LEU C 274 -43.27 6.65 8.05
CA LEU C 274 -44.75 6.56 8.16
C LEU C 274 -45.32 5.93 6.90
N PRO C 275 -46.61 5.53 6.90
CA PRO C 275 -47.24 4.94 5.71
C PRO C 275 -47.27 5.91 4.52
N ASP C 276 -47.42 7.20 4.80
CA ASP C 276 -47.44 8.30 3.79
C ASP C 276 -46.13 8.32 3.00
N GLY C 277 -45.00 8.07 3.68
CA GLY C 277 -43.65 8.09 3.09
C GLY C 277 -42.81 9.24 3.61
N THR C 278 -43.40 10.11 4.45
CA THR C 278 -42.69 11.21 5.15
C THR C 278 -41.86 10.62 6.30
N TRP C 279 -40.74 11.27 6.62
CA TRP C 279 -39.80 10.85 7.69
C TRP C 279 -40.08 11.66 8.96
N ASN C 280 -40.18 10.98 10.10
CA ASN C 280 -40.38 11.60 11.44
C ASN C 280 -39.52 10.86 12.48
N LEU C 281 -39.32 11.47 13.64
CA LEU C 281 -38.40 10.98 14.71
C LEU C 281 -39.03 9.76 15.39
N LYS C 282 -38.21 8.79 15.78
CA LYS C 282 -38.67 7.52 16.39
C LYS C 282 -39.13 7.77 17.83
N LYS C 283 -40.00 6.89 18.35
CA LYS C 283 -40.49 6.89 19.75
C LYS C 283 -39.31 7.12 20.70
N GLU C 290 -38.30 13.49 24.57
CA GLU C 290 -38.01 14.43 25.70
C GLU C 290 -37.47 15.77 25.18
N TYR C 291 -37.50 16.01 23.86
CA TYR C 291 -36.80 17.15 23.19
C TYR C 291 -37.81 18.06 22.49
N LYS C 292 -37.33 19.20 21.98
CA LYS C 292 -38.16 20.23 21.28
C LYS C 292 -38.64 19.66 19.94
N PRO C 293 -39.74 20.19 19.36
CA PRO C 293 -40.23 19.72 18.07
C PRO C 293 -39.23 20.01 16.95
N PRO C 294 -39.17 19.17 15.90
CA PRO C 294 -38.18 19.35 14.83
C PRO C 294 -38.26 20.72 14.15
N GLY C 295 -37.12 21.42 14.09
CA GLY C 295 -36.93 22.68 13.33
C GLY C 295 -37.31 23.93 14.12
N THR C 296 -37.71 23.79 15.38
CA THR C 296 -38.23 24.90 16.23
C THR C 296 -37.08 25.77 16.76
N ARG C 297 -35.96 25.16 17.16
CA ARG C 297 -34.79 25.85 17.75
C ARG C 297 -34.01 26.57 16.64
N LYS C 298 -34.58 27.67 16.12
CA LYS C 298 -34.01 28.45 14.98
C LYS C 298 -32.61 28.95 15.35
N LEU C 299 -31.66 28.84 14.41
CA LEU C 299 -30.27 29.39 14.54
C LEU C 299 -30.35 30.91 14.58
N HIS C 300 -31.32 31.51 13.88
CA HIS C 300 -31.67 32.95 13.94
C HIS C 300 -31.70 33.41 15.40
N ASN C 301 -32.29 32.58 16.28
CA ASN C 301 -32.50 32.88 17.73
C ASN C 301 -31.27 32.48 18.55
N ILE C 302 -30.56 31.40 18.16
CA ILE C 302 -29.33 30.93 18.84
C ILE C 302 -28.25 32.02 18.71
N LEU C 303 -28.06 32.56 17.50
CA LEU C 303 -27.10 33.67 17.22
C LEU C 303 -27.67 34.99 17.77
N GLY C 304 -29.00 35.15 17.77
CA GLY C 304 -29.69 36.39 18.17
C GLY C 304 -29.44 37.50 17.17
N VAL C 305 -29.87 37.29 15.91
CA VAL C 305 -29.60 38.17 14.74
C VAL C 305 -30.25 39.55 14.98
N GLU C 306 -31.49 39.57 15.50
CA GLU C 306 -32.30 40.80 15.65
C GLU C 306 -32.39 41.22 17.12
N THR C 307 -31.54 40.65 18.00
CA THR C 307 -31.58 40.85 19.47
C THR C 307 -30.18 41.15 20.02
N GLY C 308 -29.31 41.77 19.22
CA GLY C 308 -27.95 42.20 19.63
C GLY C 308 -27.06 41.02 20.01
N GLY C 309 -27.20 39.89 19.32
CA GLY C 309 -26.30 38.73 19.44
C GLY C 309 -26.67 37.82 20.62
N PRO C 310 -25.80 36.84 20.95
CA PRO C 310 -26.06 35.87 22.02
C PRO C 310 -26.18 36.53 23.40
N GLY C 311 -27.33 36.34 24.06
CA GLY C 311 -27.65 36.94 25.37
C GLY C 311 -27.80 38.45 25.30
N GLY C 312 -27.83 39.01 24.08
CA GLY C 312 -27.88 40.47 23.82
C GLY C 312 -26.68 41.20 24.36
N ARG C 313 -25.51 40.55 24.42
CA ARG C 313 -24.24 41.13 24.97
C ARG C 313 -23.49 41.87 23.87
N ARG C 314 -23.89 41.71 22.60
CA ARG C 314 -23.23 42.31 21.41
C ARG C 314 -24.04 43.49 20.87
N ALA C 315 -25.16 43.82 21.52
CA ALA C 315 -26.07 44.93 21.13
C ALA C 315 -25.28 46.25 21.03
N GLY C 316 -25.23 46.84 19.83
CA GLY C 316 -24.61 48.15 19.57
C GLY C 316 -23.13 48.07 19.23
N GLU C 317 -22.53 46.88 19.32
CA GLU C 317 -21.09 46.66 19.04
C GLU C 317 -20.84 46.79 17.53
N SER C 318 -19.68 47.35 17.16
CA SER C 318 -19.26 47.56 15.74
C SER C 318 -18.98 46.22 15.07
N GLY C 319 -19.51 46.02 13.86
CA GLY C 319 -19.39 44.77 13.09
C GLY C 319 -20.38 43.71 13.56
N HIS C 320 -21.39 44.12 14.35
CA HIS C 320 -22.49 43.26 14.86
C HIS C 320 -23.84 43.87 14.47
N THR C 321 -23.91 44.48 13.27
CA THR C 321 -25.18 44.99 12.68
C THR C 321 -26.13 43.81 12.48
N VAL C 322 -27.38 44.08 12.11
CA VAL C 322 -28.39 43.04 11.77
C VAL C 322 -27.99 42.44 10.41
N ALA C 323 -27.36 43.25 9.55
CA ALA C 323 -26.85 42.87 8.21
C ALA C 323 -25.65 41.92 8.34
N ASP C 324 -24.72 42.21 9.26
CA ASP C 324 -23.49 41.40 9.49
C ASP C 324 -23.89 40.01 10.00
N TYR C 325 -24.90 39.93 10.88
CA TYR C 325 -25.42 38.67 11.47
C TYR C 325 -26.13 37.84 10.38
N LEU C 326 -26.80 38.51 9.44
CA LEU C 326 -27.44 37.85 8.26
C LEU C 326 -26.37 37.14 7.44
N LYS C 327 -25.34 37.87 7.01
CA LYS C 327 -24.19 37.35 6.20
C LYS C 327 -23.56 36.15 6.91
N PHE C 328 -23.33 36.25 8.22
CA PHE C 328 -22.73 35.18 9.06
C PHE C 328 -23.67 33.97 9.10
N LYS C 329 -24.95 34.20 9.44
CA LYS C 329 -25.99 33.14 9.56
C LYS C 329 -26.09 32.37 8.23
N ASP C 330 -26.08 33.07 7.10
CA ASP C 330 -26.21 32.48 5.73
C ASP C 330 -25.04 31.52 5.50
N LEU C 331 -23.81 31.90 5.86
CA LEU C 331 -22.60 31.07 5.68
C LEU C 331 -22.73 29.79 6.52
N ILE C 332 -23.10 29.92 7.80
CA ILE C 332 -23.30 28.77 8.75
C ILE C 332 -24.29 27.77 8.15
N LEU C 333 -25.40 28.26 7.58
CA LEU C 333 -26.50 27.41 7.04
C LEU C 333 -26.06 26.70 5.76
N ARG C 334 -25.15 27.31 4.98
CA ARG C 334 -24.53 26.67 3.78
C ARG C 334 -23.53 25.61 4.25
N MET C 335 -22.91 25.81 5.42
CA MET C 335 -21.95 24.85 6.06
C MET C 335 -22.73 23.70 6.73
N LEU C 336 -23.94 23.97 7.26
CA LEU C 336 -24.79 22.97 7.94
C LEU C 336 -25.88 22.44 6.98
N ASP C 337 -25.64 22.52 5.68
CA ASP C 337 -26.46 21.83 4.64
C ASP C 337 -26.40 20.32 4.92
N TYR C 338 -27.56 19.67 5.05
CA TYR C 338 -27.68 18.22 5.37
C TYR C 338 -27.01 17.38 4.28
N ASP C 339 -27.21 17.74 3.01
CA ASP C 339 -26.63 17.03 1.84
C ASP C 339 -25.15 17.43 1.71
N PRO C 340 -24.20 16.49 1.85
CA PRO C 340 -22.78 16.79 1.64
C PRO C 340 -22.44 17.22 0.21
N LYS C 341 -23.29 16.86 -0.76
CA LYS C 341 -23.13 17.21 -2.20
C LYS C 341 -23.45 18.70 -2.41
N THR C 342 -24.50 19.21 -1.76
CA THR C 342 -24.99 20.61 -1.90
C THR C 342 -24.20 21.54 -0.97
N ARG C 343 -23.76 21.04 0.19
CA ARG C 343 -23.04 21.83 1.24
C ARG C 343 -21.91 22.64 0.60
N ILE C 344 -21.70 23.87 1.11
CA ILE C 344 -20.72 24.85 0.56
C ILE C 344 -19.31 24.27 0.68
N GLN C 345 -18.48 24.53 -0.33
CA GLN C 345 -17.06 24.06 -0.39
C GLN C 345 -16.15 25.22 0.00
N PRO C 346 -14.95 24.94 0.56
CA PRO C 346 -14.03 25.99 1.02
C PRO C 346 -13.83 27.15 0.03
N TYR C 347 -13.82 26.85 -1.27
CA TYR C 347 -13.61 27.85 -2.36
C TYR C 347 -14.72 28.90 -2.34
N TYR C 348 -15.98 28.47 -2.33
CA TYR C 348 -17.19 29.34 -2.40
C TYR C 348 -17.40 30.02 -1.04
N ALA C 349 -16.98 29.37 0.05
CA ALA C 349 -17.04 29.90 1.43
C ALA C 349 -16.16 31.16 1.54
N LEU C 350 -14.97 31.13 0.93
CA LEU C 350 -13.99 32.26 0.96
C LEU C 350 -14.52 33.45 0.15
N GLN C 351 -15.38 33.21 -0.84
CA GLN C 351 -15.95 34.25 -1.74
C GLN C 351 -17.26 34.81 -1.16
N HIS C 352 -17.69 34.32 0.02
CA HIS C 352 -18.95 34.74 0.69
C HIS C 352 -18.90 36.23 1.00
N SER C 353 -20.07 36.89 1.02
CA SER C 353 -20.25 38.33 1.33
C SER C 353 -19.74 38.64 2.74
N PHE C 354 -19.65 37.61 3.60
CA PHE C 354 -19.18 37.68 5.01
C PHE C 354 -17.68 38.03 5.05
N PHE C 355 -16.94 37.84 3.95
CA PHE C 355 -15.46 38.00 3.88
C PHE C 355 -15.05 39.17 2.96
N LYS C 356 -16.01 39.94 2.44
CA LYS C 356 -15.74 41.18 1.65
C LYS C 356 -16.39 42.38 2.37
N LYS D 10 17.22 -14.83 -31.99
CA LYS D 10 17.08 -14.84 -30.50
C LYS D 10 15.75 -15.48 -30.12
N VAL D 11 15.47 -15.57 -28.81
CA VAL D 11 14.31 -16.32 -28.24
C VAL D 11 13.96 -15.71 -26.88
N TYR D 12 12.67 -15.66 -26.54
CA TYR D 12 12.11 -14.93 -25.37
C TYR D 12 11.22 -15.88 -24.55
N ASN D 13 11.55 -16.05 -23.26
CA ASN D 13 10.81 -16.91 -22.29
C ASN D 13 10.75 -18.34 -22.83
N ASP D 14 11.91 -18.92 -23.15
CA ASP D 14 12.08 -20.31 -23.64
C ASP D 14 11.27 -20.54 -24.93
N GLY D 15 11.10 -19.50 -25.75
CA GLY D 15 10.42 -19.57 -27.06
C GLY D 15 8.90 -19.55 -26.95
N TYR D 16 8.36 -19.25 -25.77
CA TYR D 16 6.90 -19.15 -25.53
C TYR D 16 6.41 -17.73 -25.82
N ASP D 17 7.32 -16.74 -25.82
CA ASP D 17 7.00 -15.29 -25.92
C ASP D 17 7.57 -14.69 -27.21
N ASP D 18 7.00 -13.57 -27.66
CA ASP D 18 7.47 -12.75 -28.80
C ASP D 18 8.40 -11.65 -28.25
N ASP D 19 8.82 -10.72 -29.11
CA ASP D 19 9.75 -9.61 -28.76
C ASP D 19 9.03 -8.56 -27.90
N ASN D 20 7.69 -8.49 -27.99
CA ASN D 20 6.84 -7.55 -27.20
C ASN D 20 6.41 -8.19 -25.88
N TYR D 21 6.89 -9.41 -25.58
CA TYR D 21 6.62 -10.20 -24.35
C TYR D 21 5.16 -10.62 -24.27
N ASP D 22 4.43 -10.62 -25.40
CA ASP D 22 3.10 -11.26 -25.52
C ASP D 22 3.31 -12.76 -25.71
N TYR D 23 2.53 -13.59 -25.01
CA TYR D 23 2.53 -15.08 -25.17
C TYR D 23 2.07 -15.41 -26.58
N ILE D 24 2.84 -16.21 -27.32
CA ILE D 24 2.50 -16.64 -28.71
C ILE D 24 1.35 -17.66 -28.62
N VAL D 25 0.15 -17.26 -29.05
CA VAL D 25 -1.10 -18.08 -28.97
C VAL D 25 -1.09 -19.06 -30.14
N LYS D 26 -1.15 -20.37 -29.83
CA LYS D 26 -1.28 -21.48 -30.80
C LYS D 26 -2.63 -22.16 -30.57
N ASN D 27 -3.47 -22.22 -31.61
CA ASN D 27 -4.85 -22.80 -31.53
C ASN D 27 -4.73 -24.29 -31.23
N GLY D 28 -5.51 -24.78 -30.25
CA GLY D 28 -5.57 -26.20 -29.86
C GLY D 28 -4.54 -26.56 -28.81
N GLU D 29 -3.73 -25.60 -28.36
CA GLU D 29 -2.70 -25.80 -27.30
C GLU D 29 -3.43 -26.01 -25.96
N LYS D 30 -2.94 -26.94 -25.15
CA LYS D 30 -3.53 -27.30 -23.82
C LYS D 30 -2.65 -26.73 -22.71
N TRP D 31 -3.22 -25.91 -21.82
CA TRP D 31 -2.50 -25.30 -20.67
C TRP D 31 -2.78 -26.10 -19.40
N MET D 32 -1.73 -26.73 -18.84
CA MET D 32 -1.75 -27.45 -17.54
C MET D 32 -2.76 -28.60 -17.59
N ASP D 33 -2.94 -29.20 -18.77
CA ASP D 33 -3.84 -30.37 -19.02
C ASP D 33 -5.27 -30.00 -18.59
N ARG D 34 -5.74 -28.80 -18.94
CA ARG D 34 -7.08 -28.30 -18.54
C ARG D 34 -7.72 -27.47 -19.65
N TYR D 35 -7.16 -26.29 -19.97
CA TYR D 35 -7.74 -25.33 -20.94
C TYR D 35 -7.13 -25.60 -22.33
N GLU D 36 -7.98 -25.73 -23.35
CA GLU D 36 -7.59 -25.79 -24.78
C GLU D 36 -8.01 -24.49 -25.46
N ILE D 37 -7.06 -23.77 -26.06
CA ILE D 37 -7.27 -22.43 -26.66
C ILE D 37 -7.84 -22.63 -28.07
N ASP D 38 -9.10 -22.21 -28.29
CA ASP D 38 -9.80 -22.31 -29.59
C ASP D 38 -9.20 -21.27 -30.55
N SER D 39 -9.17 -20.01 -30.13
CA SER D 39 -8.72 -18.86 -30.97
C SER D 39 -8.45 -17.63 -30.10
N LEU D 40 -7.87 -16.58 -30.71
CA LEU D 40 -7.58 -15.27 -30.09
C LEU D 40 -8.77 -14.33 -30.35
N ILE D 41 -9.36 -13.74 -29.30
CA ILE D 41 -10.59 -12.88 -29.40
C ILE D 41 -10.31 -11.45 -28.89
N GLY D 42 -9.11 -11.17 -28.37
CA GLY D 42 -8.77 -9.85 -27.82
C GLY D 42 -7.28 -9.53 -27.91
N LYS D 43 -6.96 -8.28 -28.26
CA LYS D 43 -5.58 -7.73 -28.35
C LYS D 43 -5.54 -6.37 -27.67
N GLY D 44 -4.53 -6.12 -26.84
CA GLY D 44 -4.34 -4.83 -26.12
C GLY D 44 -2.91 -4.65 -25.67
N SER D 45 -2.59 -3.48 -25.10
CA SER D 45 -1.27 -3.18 -24.49
C SER D 45 -1.06 -4.06 -23.25
N PHE D 46 -2.13 -4.36 -22.52
CA PHE D 46 -2.16 -5.31 -21.37
C PHE D 46 -1.63 -6.68 -21.81
N GLY D 47 -1.96 -7.07 -23.04
CA GLY D 47 -1.62 -8.38 -23.65
C GLY D 47 -2.69 -8.86 -24.59
N GLN D 48 -3.16 -10.10 -24.42
CA GLN D 48 -4.14 -10.75 -25.34
C GLN D 48 -5.26 -11.40 -24.51
N VAL D 49 -6.41 -11.61 -25.17
CA VAL D 49 -7.59 -12.35 -24.64
C VAL D 49 -7.90 -13.47 -25.64
N VAL D 50 -8.02 -14.71 -25.16
CA VAL D 50 -8.27 -15.90 -26.03
C VAL D 50 -9.52 -16.63 -25.54
N LYS D 51 -10.24 -17.26 -26.46
CA LYS D 51 -11.37 -18.18 -26.19
C LYS D 51 -10.80 -19.58 -25.97
N ALA D 52 -11.02 -20.16 -24.78
CA ALA D 52 -10.54 -21.49 -24.39
C ALA D 52 -11.68 -22.30 -23.77
N TYR D 53 -11.61 -23.63 -23.89
CA TYR D 53 -12.58 -24.58 -23.29
C TYR D 53 -11.92 -25.25 -22.07
N ASP D 54 -12.53 -25.08 -20.90
CA ASP D 54 -12.12 -25.72 -19.64
C ASP D 54 -12.67 -27.15 -19.64
N ARG D 55 -11.78 -28.14 -19.78
CA ARG D 55 -12.11 -29.60 -19.81
C ARG D 55 -12.63 -30.03 -18.43
N VAL D 56 -12.12 -29.42 -17.36
CA VAL D 56 -12.49 -29.74 -15.95
C VAL D 56 -13.94 -29.30 -15.72
N GLU D 57 -14.28 -28.07 -16.06
CA GLU D 57 -15.61 -27.45 -15.80
C GLU D 57 -16.56 -27.70 -16.97
N GLN D 58 -16.05 -28.22 -18.10
CA GLN D 58 -16.82 -28.52 -19.34
C GLN D 58 -17.62 -27.27 -19.75
N GLU D 59 -16.92 -26.14 -19.95
CA GLU D 59 -17.53 -24.84 -20.35
C GLU D 59 -16.49 -24.01 -21.10
N TRP D 60 -16.97 -23.04 -21.89
CA TRP D 60 -16.14 -22.04 -22.60
C TRP D 60 -15.76 -20.92 -21.63
N VAL D 61 -14.51 -20.48 -21.64
CA VAL D 61 -13.99 -19.39 -20.75
C VAL D 61 -13.15 -18.43 -21.57
N ALA D 62 -13.15 -17.15 -21.19
CA ALA D 62 -12.33 -16.07 -21.76
C ALA D 62 -11.11 -15.87 -20.86
N ILE D 63 -9.90 -16.14 -21.37
CA ILE D 63 -8.63 -16.01 -20.61
C ILE D 63 -7.87 -14.80 -21.14
N LYS D 64 -7.67 -13.80 -20.28
CA LYS D 64 -6.84 -12.60 -20.53
C LYS D 64 -5.40 -12.92 -20.14
N ILE D 65 -4.54 -13.16 -21.14
CA ILE D 65 -3.08 -13.44 -20.94
C ILE D 65 -2.35 -12.11 -20.86
N ILE D 66 -1.89 -11.75 -19.65
CA ILE D 66 -1.16 -10.48 -19.38
C ILE D 66 0.27 -10.65 -19.90
N LYS D 67 0.81 -9.60 -20.55
CA LYS D 67 2.21 -9.57 -21.05
C LYS D 67 3.17 -9.86 -19.89
N ASN D 68 4.28 -10.52 -20.18
CA ASN D 68 5.30 -10.94 -19.19
C ASN D 68 6.31 -9.79 -19.03
N LYS D 69 5.80 -8.65 -18.52
CA LYS D 69 6.58 -7.47 -18.07
C LYS D 69 5.94 -6.96 -16.78
N LYS D 70 6.74 -6.46 -15.84
CA LYS D 70 6.31 -6.17 -14.45
C LYS D 70 5.21 -5.09 -14.44
N ALA D 71 5.29 -4.10 -15.34
CA ALA D 71 4.33 -2.98 -15.45
C ALA D 71 2.91 -3.53 -15.64
N PHE D 72 2.73 -4.46 -16.57
CA PHE D 72 1.42 -5.05 -16.95
C PHE D 72 0.98 -6.10 -15.93
N LEU D 73 1.93 -6.83 -15.33
CA LEU D 73 1.64 -7.77 -14.21
C LEU D 73 1.05 -6.96 -13.04
N ASN D 74 1.77 -5.95 -12.57
CA ASN D 74 1.38 -5.12 -11.40
C ASN D 74 0.03 -4.44 -11.67
N GLN D 75 -0.21 -3.99 -12.91
CA GLN D 75 -1.51 -3.39 -13.33
C GLN D 75 -2.60 -4.47 -13.21
N ALA D 76 -2.33 -5.66 -13.75
CA ALA D 76 -3.27 -6.81 -13.74
C ALA D 76 -3.50 -7.29 -12.31
N GLN D 77 -2.49 -7.19 -11.43
CA GLN D 77 -2.59 -7.57 -10.00
C GLN D 77 -3.68 -6.71 -9.33
N ILE D 78 -3.68 -5.40 -9.57
CA ILE D 78 -4.72 -4.46 -9.06
C ILE D 78 -6.08 -4.91 -9.59
N GLU D 79 -6.19 -5.15 -10.90
CA GLU D 79 -7.44 -5.57 -11.58
C GLU D 79 -8.02 -6.78 -10.84
N VAL D 80 -7.19 -7.82 -10.63
CA VAL D 80 -7.60 -9.08 -9.93
C VAL D 80 -8.22 -8.71 -8.57
N ARG D 81 -7.52 -7.89 -7.79
CA ARG D 81 -7.91 -7.57 -6.38
C ARG D 81 -9.14 -6.65 -6.37
N LEU D 82 -9.36 -5.86 -7.43
CA LEU D 82 -10.60 -5.07 -7.62
C LEU D 82 -11.77 -6.02 -7.93
N LEU D 83 -11.53 -7.03 -8.77
CA LEU D 83 -12.56 -8.01 -9.24
C LEU D 83 -12.96 -8.94 -8.08
N GLU D 84 -11.98 -9.46 -7.33
CA GLU D 84 -12.22 -10.33 -6.15
C GLU D 84 -12.94 -9.53 -5.07
N LEU D 85 -12.60 -8.24 -4.91
CA LEU D 85 -13.25 -7.31 -3.96
C LEU D 85 -14.73 -7.14 -4.32
N MET D 86 -15.05 -7.08 -5.62
CA MET D 86 -16.44 -6.93 -6.14
C MET D 86 -17.21 -8.25 -5.95
N ASN D 87 -16.53 -9.40 -5.95
CA ASN D 87 -17.17 -10.73 -5.73
C ASN D 87 -17.59 -10.89 -4.26
N LYS D 88 -16.88 -10.26 -3.32
CA LYS D 88 -17.10 -10.40 -1.86
C LYS D 88 -18.45 -9.79 -1.45
N HIS D 89 -18.89 -8.73 -2.13
CA HIS D 89 -20.16 -8.02 -1.84
C HIS D 89 -21.36 -8.92 -2.17
N ASP D 90 -22.42 -8.82 -1.37
CA ASP D 90 -23.55 -9.79 -1.31
C ASP D 90 -24.62 -9.44 -2.36
N THR D 91 -24.83 -8.15 -2.63
CA THR D 91 -25.93 -7.58 -3.46
C THR D 91 -25.99 -8.26 -4.84
N GLU D 92 -27.16 -8.23 -5.48
CA GLU D 92 -27.43 -8.77 -6.84
C GLU D 92 -26.91 -7.79 -7.90
N MET D 93 -26.55 -6.56 -7.51
CA MET D 93 -26.02 -5.49 -8.40
C MET D 93 -24.67 -5.92 -9.00
N LYS D 94 -24.01 -6.91 -8.40
CA LYS D 94 -22.69 -7.45 -8.84
C LYS D 94 -22.79 -8.12 -10.21
N TYR D 95 -23.96 -8.68 -10.56
CA TYR D 95 -24.17 -9.54 -11.75
C TYR D 95 -24.23 -8.70 -13.04
N TYR D 96 -23.91 -7.39 -12.95
CA TYR D 96 -23.71 -6.49 -14.12
C TYR D 96 -22.22 -6.17 -14.28
N ILE D 97 -21.37 -6.85 -13.48
CA ILE D 97 -19.88 -6.80 -13.58
C ILE D 97 -19.42 -8.17 -14.08
N VAL D 98 -18.48 -8.20 -15.03
CA VAL D 98 -17.88 -9.47 -15.56
C VAL D 98 -17.30 -10.24 -14.37
N HIS D 99 -17.54 -11.56 -14.33
CA HIS D 99 -17.14 -12.47 -13.22
C HIS D 99 -15.75 -13.06 -13.52
N LEU D 100 -14.78 -12.78 -12.66
CA LEU D 100 -13.47 -13.50 -12.62
C LEU D 100 -13.67 -14.83 -11.89
N LYS D 101 -13.57 -15.95 -12.61
CA LYS D 101 -13.79 -17.32 -12.06
C LYS D 101 -12.53 -17.75 -11.30
N ARG D 102 -11.35 -17.33 -11.78
CA ARG D 102 -10.03 -17.82 -11.34
C ARG D 102 -8.94 -16.98 -12.00
N HIS D 103 -7.76 -16.94 -11.40
CA HIS D 103 -6.50 -16.41 -12.01
C HIS D 103 -5.34 -17.34 -11.62
N PHE D 104 -4.34 -17.46 -12.49
CA PHE D 104 -3.14 -18.31 -12.28
C PHE D 104 -1.98 -17.80 -13.14
N MET D 105 -0.74 -18.06 -12.68
CA MET D 105 0.48 -17.87 -13.49
C MET D 105 0.67 -19.09 -14.39
N PHE D 106 0.85 -18.87 -15.69
CA PHE D 106 1.17 -19.92 -16.70
C PHE D 106 2.31 -19.41 -17.59
N ARG D 107 3.48 -20.05 -17.48
CA ARG D 107 4.70 -19.76 -18.29
C ARG D 107 5.08 -18.28 -18.14
N ASN D 108 5.07 -17.79 -16.90
CA ASN D 108 5.51 -16.43 -16.50
C ASN D 108 4.55 -15.36 -17.04
N HIS D 109 3.33 -15.75 -17.43
CA HIS D 109 2.21 -14.83 -17.75
C HIS D 109 1.10 -15.00 -16.70
N LEU D 110 0.65 -13.90 -16.11
CA LEU D 110 -0.59 -13.87 -15.29
C LEU D 110 -1.77 -14.08 -16.25
N CYS D 111 -2.69 -14.98 -15.90
CA CYS D 111 -3.88 -15.33 -16.71
C CYS D 111 -5.14 -15.15 -15.86
N LEU D 112 -6.07 -14.30 -16.34
CA LEU D 112 -7.39 -14.05 -15.69
C LEU D 112 -8.47 -14.82 -16.46
N VAL D 113 -9.03 -15.86 -15.85
CA VAL D 113 -10.12 -16.70 -16.43
C VAL D 113 -11.46 -16.02 -16.14
N PHE D 114 -12.10 -15.46 -17.17
CA PHE D 114 -13.43 -14.80 -17.10
C PHE D 114 -14.50 -15.74 -17.64
N GLU D 115 -15.72 -15.62 -17.11
CA GLU D 115 -16.95 -16.22 -17.72
C GLU D 115 -17.01 -15.77 -19.17
N MET D 116 -17.13 -16.71 -20.11
CA MET D 116 -17.27 -16.44 -21.57
C MET D 116 -18.59 -15.67 -21.78
N LEU D 117 -18.54 -14.57 -22.53
CA LEU D 117 -19.71 -13.71 -22.84
C LEU D 117 -19.91 -13.68 -24.37
N SER D 118 -20.63 -12.68 -24.88
CA SER D 118 -20.98 -12.53 -26.32
C SER D 118 -20.32 -11.25 -26.89
N TYR D 119 -21.00 -10.58 -27.82
CA TYR D 119 -20.52 -9.37 -28.54
C TYR D 119 -20.36 -8.21 -27.55
N ASN D 120 -19.38 -7.35 -27.79
CA ASN D 120 -19.31 -5.98 -27.21
C ASN D 120 -20.34 -5.12 -27.94
N LEU D 121 -20.70 -3.97 -27.35
CA LEU D 121 -21.77 -3.10 -27.90
C LEU D 121 -21.23 -2.25 -29.05
N TYR D 122 -19.92 -2.27 -29.32
CA TYR D 122 -19.32 -1.70 -30.54
C TYR D 122 -19.50 -2.70 -31.70
N ASP D 123 -19.28 -3.99 -31.44
CA ASP D 123 -19.62 -5.11 -32.37
C ASP D 123 -21.10 -5.01 -32.72
N LEU D 124 -21.94 -4.67 -31.72
CA LEU D 124 -23.41 -4.48 -31.88
C LEU D 124 -23.66 -3.28 -32.80
N LEU D 125 -23.00 -2.14 -32.53
CA LEU D 125 -23.10 -0.90 -33.36
C LEU D 125 -22.65 -1.20 -34.80
N ARG D 126 -21.57 -1.98 -34.96
CA ARG D 126 -21.06 -2.44 -36.27
C ARG D 126 -22.09 -3.37 -36.92
N ASN D 127 -22.71 -4.25 -36.13
CA ASN D 127 -23.76 -5.19 -36.60
C ASN D 127 -24.98 -4.39 -37.08
N THR D 128 -25.32 -3.27 -36.43
CA THR D 128 -26.45 -2.38 -36.81
C THR D 128 -26.06 -1.46 -37.96
N ASN D 129 -24.81 -1.52 -38.43
CA ASN D 129 -24.26 -0.68 -39.53
C ASN D 129 -24.28 0.79 -39.11
N PHE D 130 -24.05 1.06 -37.83
CA PHE D 130 -23.89 2.42 -37.21
C PHE D 130 -25.15 3.27 -37.47
N ARG D 131 -26.33 2.65 -37.39
CA ARG D 131 -27.65 3.35 -37.47
C ARG D 131 -28.38 3.21 -36.13
N GLY D 132 -27.73 2.62 -35.12
CA GLY D 132 -28.21 2.57 -33.73
C GLY D 132 -29.16 1.42 -33.48
N VAL D 133 -29.60 1.27 -32.23
CA VAL D 133 -30.55 0.20 -31.78
C VAL D 133 -31.83 0.86 -31.26
N SER D 134 -32.91 0.07 -31.15
CA SER D 134 -34.23 0.45 -30.57
C SER D 134 -34.02 1.17 -29.23
N LEU D 135 -34.74 2.26 -28.98
CA LEU D 135 -34.72 3.02 -27.70
C LEU D 135 -35.05 2.06 -26.54
N ASN D 136 -36.03 1.16 -26.74
CA ASN D 136 -36.44 0.15 -25.74
C ASN D 136 -35.24 -0.71 -25.34
N LEU D 137 -34.33 -1.00 -26.29
CA LEU D 137 -33.07 -1.75 -26.00
C LEU D 137 -32.06 -0.84 -25.29
N THR D 138 -31.97 0.43 -25.68
CA THR D 138 -31.05 1.43 -25.05
C THR D 138 -31.49 1.68 -23.60
N ARG D 139 -32.80 1.65 -23.35
CA ARG D 139 -33.39 1.75 -21.99
C ARG D 139 -32.96 0.54 -21.15
N LYS D 140 -33.04 -0.67 -21.72
CA LYS D 140 -32.64 -1.94 -21.07
C LYS D 140 -31.16 -1.87 -20.69
N PHE D 141 -30.32 -1.29 -21.55
CA PHE D 141 -28.85 -1.10 -21.31
C PHE D 141 -28.64 -0.02 -20.23
N ALA D 142 -29.33 1.11 -20.35
CA ALA D 142 -29.20 2.29 -19.45
C ALA D 142 -29.49 1.90 -18.00
N GLN D 143 -30.56 1.13 -17.77
CA GLN D 143 -30.99 0.68 -16.41
C GLN D 143 -29.95 -0.30 -15.85
N GLN D 144 -29.46 -1.22 -16.69
CA GLN D 144 -28.41 -2.21 -16.33
C GLN D 144 -27.09 -1.46 -16.03
N MET D 145 -26.77 -0.43 -16.81
CA MET D 145 -25.50 0.34 -16.71
C MET D 145 -25.53 1.22 -15.45
N CYS D 146 -26.68 1.81 -15.11
CA CYS D 146 -26.86 2.67 -13.90
C CYS D 146 -26.80 1.81 -12.63
N THR D 147 -27.34 0.58 -12.68
CA THR D 147 -27.28 -0.41 -11.57
C THR D 147 -25.81 -0.80 -11.31
N ALA D 148 -25.04 -1.00 -12.38
CA ALA D 148 -23.60 -1.36 -12.33
C ALA D 148 -22.81 -0.22 -11.68
N LEU D 149 -23.07 1.03 -12.10
CA LEU D 149 -22.41 2.24 -11.55
C LEU D 149 -22.83 2.44 -10.08
N LEU D 150 -24.08 2.11 -9.73
CA LEU D 150 -24.59 2.16 -8.34
C LEU D 150 -23.83 1.14 -7.49
N PHE D 151 -23.59 -0.07 -8.03
CA PHE D 151 -22.79 -1.14 -7.38
C PHE D 151 -21.37 -0.62 -7.11
N LEU D 152 -20.77 0.01 -8.13
CA LEU D 152 -19.42 0.62 -8.05
C LEU D 152 -19.44 1.80 -7.05
N ALA D 153 -20.58 2.48 -6.92
CA ALA D 153 -20.77 3.67 -6.06
C ALA D 153 -20.72 3.31 -4.57
N THR D 154 -20.90 2.04 -4.21
CA THR D 154 -20.84 1.53 -2.81
C THR D 154 -19.56 2.07 -2.15
N PRO D 155 -19.64 2.64 -0.93
CA PRO D 155 -18.47 3.28 -0.30
C PRO D 155 -17.27 2.34 -0.11
N GLU D 156 -17.52 1.07 0.25
CA GLU D 156 -16.46 0.06 0.51
C GLU D 156 -15.66 -0.18 -0.79
N LEU D 157 -16.35 -0.28 -1.93
CA LEU D 157 -15.71 -0.45 -3.26
C LEU D 157 -15.15 0.90 -3.73
N SER D 158 -16.02 1.91 -3.90
CA SER D 158 -15.66 3.28 -4.37
C SER D 158 -14.84 3.19 -5.66
N ILE D 159 -15.26 2.33 -6.59
CA ILE D 159 -14.49 1.98 -7.82
C ILE D 159 -14.95 2.90 -8.96
N ILE D 160 -13.97 3.46 -9.68
CA ILE D 160 -14.15 4.21 -10.95
C ILE D 160 -13.62 3.32 -12.07
N HIS D 161 -14.46 2.94 -13.04
CA HIS D 161 -14.08 2.10 -14.20
C HIS D 161 -12.93 2.79 -14.95
N CYS D 162 -13.08 4.09 -15.21
CA CYS D 162 -12.05 5.01 -15.77
C CYS D 162 -11.87 4.78 -17.28
N ASP D 163 -12.72 3.97 -17.92
CA ASP D 163 -12.71 3.73 -19.38
C ASP D 163 -14.02 3.06 -19.81
N LEU D 164 -15.14 3.75 -19.66
CA LEU D 164 -16.46 3.26 -20.14
C LEU D 164 -16.61 3.60 -21.62
N LYS D 165 -16.81 2.57 -22.45
CA LYS D 165 -17.00 2.70 -23.92
C LYS D 165 -17.73 1.46 -24.44
N PRO D 166 -18.24 1.49 -25.69
CA PRO D 166 -19.03 0.38 -26.23
C PRO D 166 -18.28 -0.97 -26.25
N GLU D 167 -16.96 -0.95 -26.46
CA GLU D 167 -16.09 -2.15 -26.50
C GLU D 167 -16.06 -2.84 -25.14
N ASN D 168 -16.20 -2.09 -24.05
CA ASN D 168 -16.03 -2.57 -22.64
C ASN D 168 -17.36 -3.05 -22.05
N ILE D 169 -18.50 -2.75 -22.69
CA ILE D 169 -19.82 -3.35 -22.32
C ILE D 169 -20.10 -4.51 -23.28
N LEU D 170 -20.38 -5.71 -22.73
CA LEU D 170 -20.60 -6.96 -23.51
C LEU D 170 -21.97 -7.57 -23.18
N LEU D 171 -22.65 -8.11 -24.20
CA LEU D 171 -23.88 -8.93 -24.04
C LEU D 171 -23.52 -10.26 -23.35
N CYS D 172 -24.38 -10.73 -22.44
CA CYS D 172 -24.28 -12.07 -21.81
C CYS D 172 -24.47 -13.14 -22.90
N ASN D 173 -25.63 -13.10 -23.57
CA ASN D 173 -26.08 -14.06 -24.60
C ASN D 173 -26.48 -13.27 -25.85
N PRO D 174 -25.98 -13.64 -27.07
CA PRO D 174 -26.26 -12.86 -28.28
C PRO D 174 -27.75 -12.56 -28.53
N LYS D 175 -28.65 -13.49 -28.20
CA LYS D 175 -30.12 -13.36 -28.39
C LYS D 175 -30.70 -12.38 -27.37
N ARG D 176 -30.23 -12.43 -26.11
CA ARG D 176 -30.85 -11.74 -24.95
C ARG D 176 -30.32 -10.31 -24.82
N SER D 177 -30.81 -9.57 -23.82
CA SER D 177 -30.61 -8.12 -23.60
C SER D 177 -29.63 -7.86 -22.45
N ALA D 178 -29.31 -8.87 -21.63
CA ALA D 178 -28.43 -8.75 -20.44
C ALA D 178 -27.02 -8.35 -20.88
N ILE D 179 -26.42 -7.39 -20.18
CA ILE D 179 -25.04 -6.88 -20.43
C ILE D 179 -24.22 -6.96 -19.14
N LYS D 180 -22.89 -6.99 -19.27
CA LYS D 180 -21.91 -6.94 -18.16
C LYS D 180 -20.77 -6.01 -18.56
N ILE D 181 -20.26 -5.21 -17.62
CA ILE D 181 -19.09 -4.31 -17.82
C ILE D 181 -17.81 -5.15 -17.68
N VAL D 182 -16.83 -4.91 -18.57
CA VAL D 182 -15.53 -5.64 -18.59
C VAL D 182 -14.38 -4.61 -18.59
N ASP D 183 -13.16 -5.11 -18.42
CA ASP D 183 -11.90 -4.32 -18.48
C ASP D 183 -11.85 -3.33 -17.31
N PHE D 184 -11.53 -3.85 -16.12
CA PHE D 184 -11.28 -3.05 -14.89
C PHE D 184 -9.77 -2.85 -14.71
N GLY D 185 -8.98 -3.11 -15.76
CA GLY D 185 -7.51 -2.95 -15.78
C GLY D 185 -7.10 -1.51 -15.54
N SER D 186 -7.79 -0.56 -16.18
CA SER D 186 -7.54 0.90 -16.09
C SER D 186 -8.26 1.51 -14.88
N SER D 187 -9.06 0.73 -14.15
CA SER D 187 -9.88 1.19 -13.00
C SER D 187 -8.99 1.62 -11.84
N CYS D 188 -9.48 2.59 -11.07
CA CYS D 188 -8.86 3.08 -9.80
C CYS D 188 -9.98 3.31 -8.78
N GLN D 189 -9.70 3.07 -7.50
CA GLN D 189 -10.63 3.41 -6.40
C GLN D 189 -10.49 4.92 -6.11
N LEU D 190 -11.62 5.60 -5.84
CA LEU D 190 -11.65 7.04 -5.48
C LEU D 190 -10.51 7.33 -4.49
N GLY D 191 -9.82 8.45 -4.63
CA GLY D 191 -8.77 8.88 -3.69
C GLY D 191 -7.96 10.04 -4.23
N GLN D 192 -6.74 10.21 -3.69
CA GLN D 192 -5.74 11.20 -4.17
C GLN D 192 -5.66 11.10 -5.70
N ARG D 193 -5.83 12.23 -6.40
CA ARG D 193 -5.85 12.31 -7.88
C ARG D 193 -4.43 12.08 -8.41
N ILE D 194 -4.15 10.86 -8.87
CA ILE D 194 -2.80 10.42 -9.37
C ILE D 194 -2.69 10.75 -10.86
N TYR D 195 -3.72 10.40 -11.65
CA TYR D 195 -3.75 10.48 -13.13
C TYR D 195 -4.58 11.69 -13.57
N GLN D 196 -4.25 12.28 -14.72
CA GLN D 196 -4.98 13.45 -15.30
C GLN D 196 -5.39 13.18 -16.76
N PTR D 197 -4.71 12.26 -17.44
CA PTR D 197 -5.05 11.86 -18.80
C PTR D 197 -5.75 10.51 -18.77
O PTR D 197 -5.14 9.47 -19.02
CB PTR D 197 -3.80 11.84 -19.67
CG PTR D 197 -4.01 11.69 -21.16
CD1 PTR D 197 -3.55 10.58 -21.83
CD2 PTR D 197 -4.63 12.70 -21.89
CE1 PTR D 197 -3.72 10.43 -23.21
CE2 PTR D 197 -4.80 12.58 -23.27
CZ PTR D 197 -4.35 11.44 -23.91
OH PTR D 197 -4.51 11.32 -25.30
P PTR D 197 -5.67 10.55 -26.06
O1P PTR D 197 -5.91 9.23 -25.35
O2P PTR D 197 -5.26 10.32 -27.49
O3P PTR D 197 -6.92 11.40 -26.00
N ILE D 198 -7.06 10.53 -18.46
CA ILE D 198 -7.82 9.31 -18.23
C ILE D 198 -9.06 9.30 -19.14
N GLN D 199 -9.73 8.15 -19.22
CA GLN D 199 -10.92 7.88 -20.08
C GLN D 199 -10.51 7.88 -21.55
N SER D 200 -11.30 7.22 -22.41
CA SER D 200 -11.21 7.30 -23.88
C SER D 200 -11.78 8.65 -24.35
N ARG D 201 -11.11 9.28 -25.31
CA ARG D 201 -11.27 10.73 -25.65
C ARG D 201 -12.75 11.09 -25.85
N PHE D 202 -13.50 10.30 -26.62
CA PHE D 202 -14.92 10.57 -26.99
C PHE D 202 -15.80 10.56 -25.72
N TYR D 203 -15.41 9.77 -24.71
CA TYR D 203 -16.16 9.56 -23.45
C TYR D 203 -15.43 10.23 -22.29
N ARG D 204 -14.42 11.06 -22.59
CA ARG D 204 -13.62 11.84 -21.61
C ARG D 204 -14.51 12.93 -21.01
N SER D 205 -14.55 13.02 -19.69
CA SER D 205 -15.43 13.95 -18.92
C SER D 205 -14.90 15.38 -19.04
N PRO D 206 -15.75 16.40 -18.82
CA PRO D 206 -15.31 17.80 -18.90
C PRO D 206 -14.21 18.13 -17.86
N GLU D 207 -14.34 17.59 -16.64
CA GLU D 207 -13.39 17.84 -15.52
C GLU D 207 -12.01 17.29 -15.88
N VAL D 208 -11.92 16.12 -16.52
CA VAL D 208 -10.64 15.52 -16.98
C VAL D 208 -10.03 16.44 -18.04
N LEU D 209 -10.86 16.90 -18.99
CA LEU D 209 -10.45 17.87 -20.06
C LEU D 209 -9.95 19.17 -19.43
N LEU D 210 -10.64 19.64 -18.39
CA LEU D 210 -10.33 20.92 -17.67
C LEU D 210 -9.28 20.68 -16.58
N GLY D 211 -8.83 19.43 -16.39
CA GLY D 211 -7.80 19.07 -15.40
C GLY D 211 -8.23 19.38 -13.98
N MET D 212 -9.51 19.10 -13.66
CA MET D 212 -10.12 19.32 -12.32
C MET D 212 -10.18 17.99 -11.58
N PRO D 213 -10.39 17.99 -10.24
CA PRO D 213 -10.52 16.74 -9.48
C PRO D 213 -11.78 15.97 -9.92
N TYR D 214 -11.66 14.65 -10.09
CA TYR D 214 -12.75 13.77 -10.58
C TYR D 214 -13.05 12.70 -9.53
N ASP D 215 -14.33 12.30 -9.46
CA ASP D 215 -14.84 11.20 -8.60
C ASP D 215 -15.49 10.16 -9.53
N LEU D 216 -16.56 9.49 -9.08
CA LEU D 216 -17.26 8.42 -9.84
C LEU D 216 -18.24 9.03 -10.85
N ALA D 217 -18.34 10.37 -10.87
CA ALA D 217 -19.23 11.13 -11.79
C ALA D 217 -18.75 10.99 -13.24
N ILE D 218 -17.46 10.77 -13.47
CA ILE D 218 -16.86 10.69 -14.84
C ILE D 218 -17.40 9.46 -15.56
N ASP D 219 -17.68 8.37 -14.84
CA ASP D 219 -18.32 7.14 -15.39
C ASP D 219 -19.73 7.49 -15.87
N MET D 220 -20.48 8.27 -15.08
CA MET D 220 -21.88 8.69 -15.38
C MET D 220 -21.89 9.53 -16.67
N TRP D 221 -20.91 10.42 -16.83
CA TRP D 221 -20.75 11.28 -18.05
C TRP D 221 -20.52 10.38 -19.27
N SER D 222 -19.44 9.59 -19.23
CA SER D 222 -19.04 8.64 -20.31
C SER D 222 -20.25 7.79 -20.71
N LEU D 223 -21.08 7.38 -19.74
CA LEU D 223 -22.33 6.61 -19.97
C LEU D 223 -23.31 7.45 -20.80
N GLY D 224 -23.45 8.73 -20.48
CA GLY D 224 -24.31 9.69 -21.22
C GLY D 224 -23.98 9.68 -22.71
N CYS D 225 -22.70 9.81 -23.06
CA CYS D 225 -22.16 9.77 -24.44
C CYS D 225 -22.43 8.41 -25.08
N ILE D 226 -22.41 7.34 -24.27
CA ILE D 226 -22.60 5.93 -24.73
C ILE D 226 -24.07 5.72 -25.14
N LEU D 227 -25.02 6.03 -24.26
CA LEU D 227 -26.47 5.74 -24.45
C LEU D 227 -26.99 6.43 -25.72
N VAL D 228 -26.53 7.66 -25.99
CA VAL D 228 -26.88 8.41 -27.24
C VAL D 228 -26.29 7.66 -28.45
N GLU D 229 -25.05 7.20 -28.34
CA GLU D 229 -24.33 6.48 -29.43
C GLU D 229 -25.02 5.14 -29.72
N MET D 230 -25.54 4.47 -28.69
CA MET D 230 -26.29 3.19 -28.85
C MET D 230 -27.55 3.43 -29.68
N HIS D 231 -28.26 4.54 -29.42
CA HIS D 231 -29.53 4.90 -30.12
C HIS D 231 -29.24 5.52 -31.49
N THR D 232 -28.24 6.42 -31.58
CA THR D 232 -27.86 7.13 -32.83
C THR D 232 -27.13 6.17 -33.77
N GLY D 233 -26.13 5.45 -33.25
CA GLY D 233 -25.21 4.61 -34.03
C GLY D 233 -23.81 5.21 -34.11
N GLU D 234 -23.72 6.54 -33.99
CA GLU D 234 -22.47 7.33 -34.14
C GLU D 234 -22.11 7.97 -32.80
N PRO D 235 -20.81 8.14 -32.48
CA PRO D 235 -20.39 8.80 -31.26
C PRO D 235 -20.93 10.24 -31.18
N LEU D 236 -21.35 10.67 -29.98
CA LEU D 236 -21.98 12.00 -29.75
C LEU D 236 -20.92 13.09 -29.88
N PHE D 237 -19.74 12.91 -29.28
CA PHE D 237 -18.57 13.81 -29.38
C PHE D 237 -17.38 13.02 -29.94
N SER D 238 -17.02 13.27 -31.22
CA SER D 238 -16.06 12.48 -32.04
C SER D 238 -14.75 13.25 -32.23
N GLY D 239 -14.34 14.04 -31.24
CA GLY D 239 -13.17 14.95 -31.31
C GLY D 239 -11.88 14.21 -31.65
N ALA D 240 -11.15 14.70 -32.66
CA ALA D 240 -9.85 14.15 -33.12
C ALA D 240 -8.75 14.44 -32.10
N ASN D 241 -8.95 15.44 -31.24
CA ASN D 241 -7.99 15.84 -30.16
C ASN D 241 -8.78 16.53 -29.04
N GLU D 242 -8.11 16.86 -27.93
CA GLU D 242 -8.74 17.43 -26.71
C GLU D 242 -9.41 18.78 -27.03
N VAL D 243 -8.82 19.59 -27.92
CA VAL D 243 -9.40 20.92 -28.31
C VAL D 243 -10.66 20.66 -29.14
N ASP D 244 -10.61 19.68 -30.05
CA ASP D 244 -11.75 19.28 -30.91
C ASP D 244 -12.84 18.64 -30.05
N GLN D 245 -12.45 17.83 -29.04
CA GLN D 245 -13.37 17.11 -28.13
C GLN D 245 -14.24 18.12 -27.36
N MET D 246 -13.60 19.00 -26.57
CA MET D 246 -14.27 19.99 -25.71
C MET D 246 -15.16 20.92 -26.56
N ASN D 247 -14.70 21.27 -27.77
CA ASN D 247 -15.44 22.18 -28.69
C ASN D 247 -16.67 21.46 -29.26
N LYS D 248 -16.64 20.13 -29.37
CA LYS D 248 -17.81 19.33 -29.82
C LYS D 248 -18.78 19.16 -28.65
N ILE D 249 -18.28 19.18 -27.40
CA ILE D 249 -19.11 19.19 -26.16
C ILE D 249 -19.89 20.52 -26.10
N VAL D 250 -19.20 21.64 -26.32
CA VAL D 250 -19.78 23.01 -26.14
C VAL D 250 -20.93 23.21 -27.13
N GLU D 251 -20.86 22.60 -28.31
CA GLU D 251 -21.89 22.71 -29.38
C GLU D 251 -23.27 22.28 -28.85
N VAL D 252 -23.30 21.28 -27.96
CA VAL D 252 -24.56 20.62 -27.49
C VAL D 252 -25.00 21.21 -26.15
N LEU D 253 -24.08 21.36 -25.18
CA LEU D 253 -24.40 21.80 -23.79
C LEU D 253 -24.17 23.31 -23.63
N GLY D 254 -23.61 23.98 -24.64
CA GLY D 254 -23.25 25.41 -24.55
C GLY D 254 -21.98 25.62 -23.73
N ILE D 255 -21.66 26.87 -23.41
CA ILE D 255 -20.46 27.25 -22.59
C ILE D 255 -20.68 26.74 -21.17
N PRO D 256 -19.65 26.12 -20.52
CA PRO D 256 -19.81 25.62 -19.15
C PRO D 256 -19.90 26.77 -18.15
N PRO D 257 -20.44 26.54 -16.93
CA PRO D 257 -20.58 27.60 -15.93
C PRO D 257 -19.23 28.25 -15.59
N ALA D 258 -19.24 29.57 -15.37
CA ALA D 258 -18.04 30.41 -15.13
C ALA D 258 -17.28 29.92 -13.89
N HIS D 259 -17.99 29.53 -12.83
CA HIS D 259 -17.39 29.12 -11.53
C HIS D 259 -16.60 27.81 -11.68
N ILE D 260 -17.00 26.93 -12.62
CA ILE D 260 -16.20 25.72 -12.99
C ILE D 260 -14.91 26.19 -13.68
N LEU D 261 -15.03 27.08 -14.67
CA LEU D 261 -13.89 27.60 -15.47
C LEU D 261 -12.95 28.45 -14.59
N ASP D 262 -13.46 29.04 -13.51
CA ASP D 262 -12.68 29.84 -12.53
C ASP D 262 -11.66 28.94 -11.82
N GLN D 263 -12.10 27.77 -11.34
CA GLN D 263 -11.27 26.81 -10.56
C GLN D 263 -10.59 25.81 -11.49
N ALA D 264 -10.95 25.80 -12.79
CA ALA D 264 -10.44 24.85 -13.80
C ALA D 264 -9.07 25.29 -14.28
N PRO D 265 -8.00 24.52 -14.01
CA PRO D 265 -6.64 24.88 -14.44
C PRO D 265 -6.45 24.94 -15.97
N LYS D 266 -7.07 24.01 -16.71
CA LYS D 266 -6.95 23.90 -18.19
C LYS D 266 -8.12 24.63 -18.88
N ALA D 267 -8.92 25.39 -18.13
CA ALA D 267 -10.07 26.17 -18.66
C ALA D 267 -9.58 27.12 -19.75
N ARG D 268 -8.44 27.77 -19.55
CA ARG D 268 -7.90 28.82 -20.46
C ARG D 268 -7.33 28.18 -21.73
N LYS D 269 -7.13 26.86 -21.75
CA LYS D 269 -6.69 26.12 -22.97
C LYS D 269 -7.81 26.13 -24.01
N PHE D 270 -9.07 26.08 -23.57
CA PHE D 270 -10.27 26.05 -24.46
C PHE D 270 -11.07 27.36 -24.38
N PHE D 271 -10.96 28.13 -23.29
CA PHE D 271 -11.80 29.32 -23.02
C PHE D 271 -10.94 30.55 -22.69
N GLU D 272 -11.54 31.74 -22.85
CA GLU D 272 -10.97 33.06 -22.51
C GLU D 272 -11.98 33.81 -21.64
N LYS D 273 -11.53 34.44 -20.54
CA LYS D 273 -12.41 35.19 -19.61
C LYS D 273 -12.61 36.61 -20.15
N LEU D 274 -13.87 37.03 -20.28
CA LEU D 274 -14.28 38.38 -20.77
C LEU D 274 -14.13 39.39 -19.63
N PRO D 275 -14.17 40.72 -19.92
CA PRO D 275 -14.09 41.74 -18.87
C PRO D 275 -15.27 41.67 -17.90
N ASP D 276 -16.46 41.35 -18.41
CA ASP D 276 -17.72 41.15 -17.66
C ASP D 276 -17.52 40.01 -16.65
N GLY D 277 -16.84 38.95 -17.06
CA GLY D 277 -16.63 37.71 -16.27
C GLY D 277 -17.21 36.49 -16.98
N THR D 278 -17.93 36.70 -18.08
CA THR D 278 -18.48 35.63 -18.96
C THR D 278 -17.31 34.95 -19.69
N TRP D 279 -17.51 33.70 -20.13
CA TRP D 279 -16.48 32.89 -20.85
C TRP D 279 -16.92 32.65 -22.30
N ASN D 280 -15.95 32.57 -23.22
CA ASN D 280 -16.15 32.21 -24.65
C ASN D 280 -14.95 31.40 -25.14
N LEU D 281 -15.14 30.57 -26.17
CA LEU D 281 -14.08 29.68 -26.74
C LEU D 281 -13.13 30.51 -27.60
N LYS D 282 -11.98 29.92 -27.94
CA LYS D 282 -10.98 30.48 -28.89
C LYS D 282 -11.08 29.71 -30.21
N LYS D 283 -11.19 30.44 -31.33
CA LYS D 283 -11.31 29.86 -32.69
C LYS D 283 -10.01 29.13 -33.05
N THR D 284 -10.11 28.03 -33.80
CA THR D 284 -8.97 27.18 -34.23
C THR D 284 -9.28 26.60 -35.62
N GLU D 290 -16.29 26.40 -38.97
CA GLU D 290 -16.09 24.98 -38.55
C GLU D 290 -17.15 24.57 -37.53
N TYR D 291 -16.94 24.92 -36.25
CA TYR D 291 -17.79 24.51 -35.10
C TYR D 291 -19.01 25.41 -35.04
N LYS D 292 -20.13 24.87 -34.54
CA LYS D 292 -21.43 25.59 -34.43
C LYS D 292 -21.44 26.38 -33.12
N PRO D 293 -22.28 27.42 -33.00
CA PRO D 293 -22.31 28.23 -31.77
C PRO D 293 -22.78 27.40 -30.57
N PRO D 294 -22.30 27.70 -29.35
CA PRO D 294 -22.67 26.92 -28.17
C PRO D 294 -24.19 26.83 -27.93
N GLY D 295 -24.71 25.61 -27.82
CA GLY D 295 -26.13 25.31 -27.52
C GLY D 295 -26.96 25.12 -28.78
N THR D 296 -26.41 25.42 -29.97
CA THR D 296 -27.13 25.34 -31.27
C THR D 296 -27.44 23.88 -31.60
N ARG D 297 -26.47 22.97 -31.44
CA ARG D 297 -26.64 21.51 -31.69
C ARG D 297 -27.38 20.88 -30.49
N LYS D 298 -28.69 21.17 -30.36
CA LYS D 298 -29.54 20.65 -29.27
C LYS D 298 -29.62 19.12 -29.36
N LEU D 299 -29.58 18.44 -28.21
CA LEU D 299 -29.65 16.96 -28.11
C LEU D 299 -30.97 16.47 -28.74
N HIS D 300 -32.07 17.18 -28.48
CA HIS D 300 -33.43 16.88 -29.01
C HIS D 300 -33.39 16.78 -30.54
N ASN D 301 -32.68 17.69 -31.21
CA ASN D 301 -32.49 17.68 -32.69
C ASN D 301 -31.66 16.46 -33.09
N ILE D 302 -30.60 16.16 -32.35
CA ILE D 302 -29.70 14.99 -32.59
C ILE D 302 -30.51 13.70 -32.44
N LEU D 303 -31.35 13.62 -31.39
CA LEU D 303 -32.18 12.42 -31.09
C LEU D 303 -33.36 12.35 -32.07
N GLY D 304 -33.73 13.46 -32.70
CA GLY D 304 -34.86 13.54 -33.65
C GLY D 304 -36.16 13.22 -32.95
N VAL D 305 -36.40 13.87 -31.80
CA VAL D 305 -37.57 13.62 -30.89
C VAL D 305 -38.86 13.84 -31.69
N GLU D 306 -38.95 14.96 -32.41
CA GLU D 306 -40.14 15.37 -33.21
C GLU D 306 -39.91 15.11 -34.70
N THR D 307 -38.77 14.49 -35.07
CA THR D 307 -38.40 14.10 -36.47
C THR D 307 -38.54 12.58 -36.63
N GLY D 308 -39.18 11.90 -35.66
CA GLY D 308 -39.36 10.43 -35.68
C GLY D 308 -38.04 9.70 -35.53
N GLY D 309 -37.20 10.14 -34.59
CA GLY D 309 -35.92 9.51 -34.23
C GLY D 309 -34.77 9.92 -35.15
N PRO D 310 -33.56 9.36 -34.95
CA PRO D 310 -32.39 9.71 -35.76
C PRO D 310 -32.44 9.02 -37.14
N GLY D 311 -32.39 9.82 -38.21
CA GLY D 311 -32.43 9.33 -39.61
C GLY D 311 -33.85 9.06 -40.09
N GLY D 312 -34.86 9.29 -39.23
CA GLY D 312 -36.29 9.11 -39.55
C GLY D 312 -36.69 7.65 -39.61
N ARG D 313 -35.91 6.75 -39.00
CA ARG D 313 -36.14 5.28 -39.01
C ARG D 313 -36.94 4.87 -37.77
N ARG D 314 -37.14 5.78 -36.82
CA ARG D 314 -37.89 5.55 -35.55
C ARG D 314 -39.37 5.96 -35.73
N ALA D 315 -39.74 6.49 -36.89
CA ALA D 315 -41.11 6.95 -37.22
C ALA D 315 -42.08 5.76 -37.19
N GLY D 316 -43.21 5.91 -36.50
CA GLY D 316 -44.27 4.89 -36.39
C GLY D 316 -43.77 3.60 -35.75
N GLU D 317 -42.92 3.72 -34.73
CA GLU D 317 -42.36 2.57 -33.96
C GLU D 317 -42.84 2.66 -32.52
N SER D 318 -43.35 1.56 -31.96
CA SER D 318 -43.82 1.45 -30.56
C SER D 318 -42.62 1.54 -29.61
N GLY D 319 -42.73 2.37 -28.57
CA GLY D 319 -41.64 2.63 -27.60
C GLY D 319 -40.65 3.65 -28.13
N HIS D 320 -41.01 4.39 -29.19
CA HIS D 320 -40.26 5.52 -29.77
C HIS D 320 -41.16 6.78 -29.78
N THR D 321 -41.98 6.93 -28.73
CA THR D 321 -42.94 8.04 -28.54
C THR D 321 -42.17 9.33 -28.23
N VAL D 322 -42.74 10.49 -28.60
CA VAL D 322 -42.14 11.83 -28.39
C VAL D 322 -41.97 12.08 -26.88
N ALA D 323 -42.99 11.72 -26.09
CA ALA D 323 -42.98 11.78 -24.60
C ALA D 323 -41.86 10.90 -24.05
N ASP D 324 -41.70 9.69 -24.60
CA ASP D 324 -40.64 8.72 -24.23
C ASP D 324 -39.27 9.29 -24.62
N TYR D 325 -39.17 9.86 -25.82
CA TYR D 325 -37.95 10.55 -26.34
C TYR D 325 -37.60 11.74 -25.44
N LEU D 326 -38.62 12.50 -25.00
CA LEU D 326 -38.47 13.68 -24.11
C LEU D 326 -37.90 13.24 -22.76
N LYS D 327 -38.38 12.10 -22.23
CA LYS D 327 -37.93 11.52 -20.93
C LYS D 327 -36.49 11.01 -21.07
N PHE D 328 -36.14 10.41 -22.21
CA PHE D 328 -34.77 9.92 -22.52
C PHE D 328 -33.80 11.10 -22.54
N LYS D 329 -34.15 12.19 -23.23
CA LYS D 329 -33.26 13.37 -23.39
C LYS D 329 -33.09 14.06 -22.03
N ASP D 330 -34.12 14.07 -21.18
CA ASP D 330 -34.08 14.67 -19.82
C ASP D 330 -33.06 13.93 -18.95
N LEU D 331 -33.05 12.59 -19.01
CA LEU D 331 -32.10 11.73 -18.24
C LEU D 331 -30.67 12.01 -18.71
N ILE D 332 -30.46 12.10 -20.03
CA ILE D 332 -29.13 12.34 -20.65
C ILE D 332 -28.61 13.71 -20.19
N LEU D 333 -29.47 14.73 -20.14
CA LEU D 333 -29.11 16.11 -19.73
C LEU D 333 -28.54 16.10 -18.31
N ARG D 334 -29.15 15.34 -17.40
CA ARG D 334 -28.66 15.17 -16.00
C ARG D 334 -27.33 14.42 -15.99
N MET D 335 -27.17 13.42 -16.87
CA MET D 335 -25.92 12.63 -17.03
C MET D 335 -24.82 13.53 -17.60
N LEU D 336 -25.16 14.44 -18.51
CA LEU D 336 -24.22 15.35 -19.20
C LEU D 336 -24.17 16.72 -18.50
N ASP D 337 -24.59 16.79 -17.22
CA ASP D 337 -24.46 18.01 -16.38
C ASP D 337 -22.98 18.36 -16.27
N TYR D 338 -22.62 19.61 -16.59
CA TYR D 338 -21.23 20.13 -16.58
C TYR D 338 -20.61 19.97 -15.19
N ASP D 339 -21.38 20.29 -14.14
CA ASP D 339 -20.93 20.19 -12.72
C ASP D 339 -21.00 18.73 -12.29
N PRO D 340 -19.87 18.09 -11.93
CA PRO D 340 -19.87 16.70 -11.46
C PRO D 340 -20.59 16.51 -10.12
N LYS D 341 -20.61 17.54 -9.28
CA LYS D 341 -21.23 17.51 -7.92
C LYS D 341 -22.76 17.54 -8.05
N THR D 342 -23.29 18.29 -9.02
CA THR D 342 -24.75 18.39 -9.30
C THR D 342 -25.16 17.30 -10.29
N ARG D 343 -24.21 16.64 -10.96
CA ARG D 343 -24.45 15.54 -11.92
C ARG D 343 -25.25 14.44 -11.22
N ILE D 344 -26.29 13.91 -11.89
CA ILE D 344 -27.20 12.86 -11.36
C ILE D 344 -26.35 11.65 -10.92
N GLN D 345 -26.61 11.14 -9.72
CA GLN D 345 -25.96 9.93 -9.16
C GLN D 345 -26.74 8.70 -9.63
N PRO D 346 -26.13 7.49 -9.60
CA PRO D 346 -26.78 6.28 -10.12
C PRO D 346 -28.13 5.96 -9.46
N TYR D 347 -28.24 6.09 -8.13
CA TYR D 347 -29.45 5.79 -7.35
C TYR D 347 -30.63 6.62 -7.86
N TYR D 348 -30.43 7.93 -8.03
CA TYR D 348 -31.45 8.91 -8.49
C TYR D 348 -31.88 8.59 -9.92
N ALA D 349 -30.91 8.20 -10.78
CA ALA D 349 -31.13 7.82 -12.19
C ALA D 349 -32.06 6.61 -12.27
N LEU D 350 -31.89 5.62 -11.38
CA LEU D 350 -32.71 4.37 -11.35
C LEU D 350 -34.16 4.70 -11.00
N GLN D 351 -34.42 5.86 -10.39
CA GLN D 351 -35.79 6.33 -10.03
C GLN D 351 -36.28 7.38 -11.05
N HIS D 352 -35.59 7.54 -12.19
CA HIS D 352 -35.99 8.47 -13.28
C HIS D 352 -37.18 7.88 -14.04
N SER D 353 -38.03 8.75 -14.60
CA SER D 353 -39.31 8.41 -15.29
C SER D 353 -39.07 7.49 -16.49
N PHE D 354 -37.91 7.64 -17.16
CA PHE D 354 -37.54 6.92 -18.41
C PHE D 354 -37.86 5.43 -18.27
N PHE D 355 -37.49 4.83 -17.14
CA PHE D 355 -37.73 3.40 -16.82
C PHE D 355 -39.17 3.23 -16.34
N LYS D 356 -40.10 3.24 -17.31
CA LYS D 356 -41.56 3.02 -17.10
C LYS D 356 -41.80 1.79 -16.22
C15 4WD E . -8.60 -18.75 19.37
C16 4WD E . -9.25 -19.67 20.20
C01 4WD E . -9.17 -21.14 23.40
O02 4WD E . -9.88 -20.49 22.34
C03 4WD E . -9.22 -19.54 21.60
C04 4WD E . -8.51 -18.44 22.14
C05 4WD E . -7.86 -17.53 21.29
C06 4WD E . -7.89 -17.66 19.89
C07 4WD E . -7.27 -16.79 18.85
C08 4WD E . -6.64 -15.61 18.96
S09 4WD E . -6.56 -14.79 20.48
C10 4WD E . -5.65 -13.46 19.81
S11 4WD E . -5.25 -12.30 20.79
N12 4WD E . -5.42 -13.62 18.46
C13 4WD E . -5.95 -14.84 17.90
O14 4WD E . -5.78 -15.06 16.71
C17 4WD E . -8.43 -18.25 23.56
C18 4WD E . -8.38 -18.10 24.72
C15 4WD F . 21.73 8.17 -17.22
C16 4WD F . 22.72 8.73 -18.00
C01 4WD F . 24.81 8.14 -20.78
O02 4WD F . 23.89 8.97 -20.07
C03 4WD F . 22.88 8.36 -19.35
C04 4WD F . 21.99 7.38 -19.87
C05 4WD F . 21.00 6.83 -19.04
C06 4WD F . 20.84 7.21 -17.69
C07 4WD F . 19.86 6.73 -16.70
C08 4WD F . 18.89 5.81 -16.79
S09 4WD F . 18.55 5.06 -18.31
C10 4WD F . 17.26 4.08 -17.64
S11 4WD F . 16.50 3.11 -18.60
N12 4WD F . 17.09 4.33 -16.28
C13 4WD F . 17.99 5.30 -15.73
O14 4WD F . 17.91 5.57 -14.54
C17 4WD F . 22.09 6.95 -21.23
C18 4WD F . 22.16 6.58 -22.35
C15 4WD G . 1.70 21.87 18.69
C16 4WD G . 2.01 22.91 19.55
C01 4WD G . 0.80 24.75 22.26
O02 4WD G . 1.87 24.00 21.66
C03 4WD G . 1.52 22.93 20.87
C04 4WD G . 0.71 21.85 21.29
C05 4WD G . 0.42 20.81 20.39
C06 4WD G . 0.90 20.78 19.07
C07 4WD G . 0.69 19.77 17.99
C08 4WD G . 0.00 18.62 17.99
S09 4WD G . -0.74 18.04 19.44
C10 4WD G . -1.39 16.63 18.64
S11 4WD G . -2.23 15.62 19.51
N12 4WD G . -1.06 16.60 17.29
C13 4WD G . -0.26 17.71 16.85
O14 4WD G . 0.07 17.76 15.68
C17 4WD G . 0.19 21.80 22.61
C18 4WD G . -0.25 21.76 23.71
C15 4WD H . -14.77 -11.55 -20.94
C16 4WD H . -15.47 -12.36 -21.84
C01 4WD H . -16.73 -12.51 -25.12
O02 4WD H . -15.98 -13.09 -24.04
C03 4WD H . -15.27 -12.23 -23.23
C04 4WD H . -14.35 -11.24 -23.68
C05 4WD H . -13.68 -10.44 -22.75
C06 4WD H . -13.87 -10.56 -21.36
C07 4WD H . -13.25 -9.80 -20.26
C08 4WD H . -12.34 -8.80 -20.29
S09 4WD H . -11.62 -8.33 -21.79
C10 4WD H . -10.65 -7.09 -21.04
S11 4WD H . -9.71 -6.25 -21.97
N12 4WD H . -10.86 -7.04 -19.67
C13 4WD H . -11.82 -7.99 -19.17
O14 4WD H . -12.05 -8.01 -17.97
C17 4WD H . -14.11 -11.06 -25.08
C18 4WD H . -13.89 -10.89 -26.23
#